data_7BVG
#
_entry.id   7BVG
#
_cell.length_a   1.00
_cell.length_b   1.00
_cell.length_c   1.00
_cell.angle_alpha   90.00
_cell.angle_beta   90.00
_cell.angle_gamma   90.00
#
_symmetry.space_group_name_H-M   'P 1'
#
loop_
_entity.id
_entity.type
_entity.pdbx_description
1 polymer 'Integral membrane indolylacetylinositol arabinosyltransferase EmbA'
2 polymer 'Integral membrane indolylacetylinositol arabinosyltransferase EmbB'
3 polymer 'Meromycolate extension acyl carrier protein'
4 branched alpha-D-arabinofuranose-(1-5)-alpha-D-arabinofuranose
5 non-polymer '[(2Z,6E,10E,14Z,18E,22Z,26Z)-3,7,11,15,19,23,27,31,35,39-decamethyltetraconta-2,6,10,14,18,22,26,30,34,38-decaenyl] [(2S,3S,4S,5R)-5-(hydroxymethyl)-3,4-bis(oxidanyl)oxolan-2-yl] hydrogen phosphate'
6 non-polymer CARDIOLIPIN
7 non-polymer 'CALCIUM ION'
8 non-polymer 'PHOSPHATE ION'
9 non-polymer "4'-PHOSPHOPANTETHEINE"
#
loop_
_entity_poly.entity_id
_entity_poly.type
_entity_poly.pdbx_seq_one_letter_code
_entity_poly.pdbx_strand_id
1 'polypeptide(L)'
;DYKDDDDKMTEPSRIARLIAVVAGIAGVLLCGLVPLLPVEETTATVLWPQGVGADGNVTELTAPLVAGAPRALDVTIPCR
AVAELPADGGVVFSTNPAGGIEAGRNGMFIRANADVVYVAFRDTVAAVAPREAVDSGACSEIHVWADVSAVGADFAGIPD
ASGTLPVDKRPQVSGVFTDLKVPAQPGLAARIDIDTRFITSPTLLKTAVMVLGLACVIGSIVALALLDRGWRRRPPRTRG
RAGLWTWITDTGVIGGLLIWHIVGAPTSDDGYNMTIARVASEAGYTTNYYRYFGASEAPFDWYQSVLSHLASISTAGVWM
RLPATAAAIATWLIISRCVLPRIGRRVAANRVAMLTAGATFLAAWLPFNNGLRPEPLIAFAVITVWMLVENSIGTRRLWP
AAVAIVIAMFSVTLAPQGLIALAPLLVGARAIGRVVTARRAGTGILASLAPLAASVAVVFVIIFRDQTLATVAESVRIKY
VVGPTIPWYQEFLRYYFLTVEDSVDGSLTRRFAVLVLLLCLFGLIMVLLRRGRVPGAVSGPLWRLCGSTAIGLLLLILTP
TKWAIQFGAFAGLAGALGGVTAFAFARVGLHSRRNLALYVTALLFILAWATSGLNGWFYVGNYGVPWFDKQPVIAHYPVT
TIFLVLAIVGGLLAGWLHFRMDYAGHTEVADTGRNRALASTPLLIVATIMVVLELGSMVKATVGRYPVYTVGSANIAALR
SAGDSCAMADAVLVEADPNEGMLQPVPGQRFGEYGPLGGEDPVGFTPNGVSDTLEPAEPVAANPGTPNSDGPVDKPNIGI
GYAAGTGGGYGPEGVNGSRVFLPFGLDPSRTPVMGSYGENKLAAKATSAWYQLPPRTPDRPLVTVAAAGAIWYYEEDGSF
NYGQSLKLQWGVHRPDGTYQALSEVQPIDIFQQKAWRNLRFPLAWAPPEANVARIVADDPNLSEDQWFAFTPPRVPVLQT
AQQFLGSQTPVLMDIATAANFPCQRPFAERLGVAELPEYRIIPNFKQMVVSSNQWQSAADGGPFLFIQALLRTEAIPTYL
RDDWYRDWGSIERYIRVVPQEQAPTAAIEEGSTRVFGWSRGGPIRALP
;
A
2 'polypeptide(L)'
;MSGNMDEAVSGNMDEAVSAGKDVRIARWVATIAGLLGFVLSVSIPLLPVTQTTATLNWPQQGRLDNVTAPLISQAPLELT
ATVPCSVVRDLPPEGGLVFGTAPAEGRDAALNAMLVNVTETRVDVIVRNVVVASVNRDRVAGPDCQRIEITSNLDGTYAD
FVGLTQISGEDAGKLQRTGYPDPNLRPAIVGVFTDLTGPAPQGLSVSAEIDTRFTTHPTALKLAAMLLAIVSTVIALLAL
WRLDRLDGRRMHRLIPTRWRTVTAVDGVVVGGMAIWYVIGANSSDDGYILQMARTAEHAGYMANYFRWFGSPEDPFGWYY
NVLALMTKVSDASIWIRLPDLICALICWLLLSREVLPRLGPAVAGSRAAMWAAGLVLLGAWMPFNNGLRPEGQIATGALI
TYVLIERAVTSGRLTPAALAITTAAFTLGIQPTGLIAVAALLAGGRPILRIVMRRRRLVGTWPLIAPLLAAGTVILAVVF
ADQTIATVLEATRIRTAIGPSQEWWTENLRYYYLILPTTDGAISRRVAFVFTAMCLFPSLFMMLRRKHIAGVARGPAWRL
MGIIFATMFFLMFTPTKWIHHFGLFAAVGGAMAALATVLVSPTVLRSARNRMAFLSLVLFVLAFCFASTNGWWYVSNFGA
PFNNSVPKVGGVQISAIFFALSAIAALWAFWLHLTRRTESRVVDRLTAAPIPVAAGFMVVVMMASMAIGVVRQYPTYSNG
WANIRAFAGGCGLADDVLVEPDSNAGFLTPLPGAYGPLGPLGGEDPQGFSPDGVPDRIIAEAIRLNNPQPGTDYDWNRPI
KLDEPGINGSTVPLPYGLDPKRVPVAGTYSTEAQQESRLSSAWYELPARDETERAAHPLVVITAAGTITGESVANGLTTG
QTVDLEYATRGPDGTLVPAGRVTPYDVGPTPSWRNLRYPRSEIPDDAVAVRVVAEDLSLSQGDWIAVTPPRVPELQSVQE
YVGSDQPVLMDWAVGLAFPCQQPMLHANGVTEVPKFRISPDYYAKLQSTDTWQDGINGGLLGITDLLLRASVMSTYLSQD
WGQDWGSLRKFDTVVEATPAELDFGSQTHSGLYSPGPLRIRPHLGGIKAFHHHHHHHHHH
;
B
3 'polypeptide(L)'
;MAATQEEIIAGLAEIIEEVTGIEPSEVTPEKSFVDDLDIDSLSMVEIAVQTEDKYGVKIPDEDLAGLRTVGDVVAYIQKL
EEENPEAAAALREKFAADQ
;
P
#
# COMPACT_ATOMS: atom_id res chain seq x y z
N GLU A 11 58.58 30.87 -21.37
CA GLU A 11 58.61 29.64 -20.60
C GLU A 11 57.21 29.05 -20.43
N PRO A 12 57.11 27.72 -20.45
CA PRO A 12 55.81 27.07 -20.29
C PRO A 12 55.25 27.16 -18.88
N SER A 13 55.96 27.85 -17.98
CA SER A 13 55.49 28.04 -16.62
C SER A 13 54.61 29.28 -16.47
N ARG A 14 54.61 30.18 -17.46
CA ARG A 14 53.79 31.38 -17.45
C ARG A 14 52.75 31.40 -18.56
N ILE A 15 53.14 30.97 -19.76
CA ILE A 15 52.19 30.87 -20.86
C ILE A 15 51.07 29.88 -20.52
N ALA A 16 51.42 28.78 -19.86
CA ALA A 16 50.40 27.80 -19.48
C ALA A 16 49.49 28.34 -18.38
N ARG A 17 50.05 29.10 -17.44
CA ARG A 17 49.22 29.73 -16.42
C ARG A 17 48.26 30.74 -17.05
N LEU A 18 48.71 31.44 -18.08
CA LEU A 18 47.83 32.38 -18.78
C LEU A 18 46.74 31.63 -19.54
N ILE A 19 47.11 30.54 -20.21
CA ILE A 19 46.15 29.80 -21.03
C ILE A 19 45.09 29.13 -20.16
N ALA A 20 45.51 28.55 -19.02
CA ALA A 20 44.56 27.86 -18.16
C ALA A 20 43.50 28.79 -17.57
N VAL A 21 43.64 30.09 -17.75
CA VAL A 21 42.62 31.06 -17.35
C VAL A 21 41.88 31.61 -18.55
N VAL A 22 42.61 32.02 -19.59
CA VAL A 22 41.95 32.63 -20.76
C VAL A 22 41.19 31.60 -21.58
N ALA A 23 41.41 30.31 -21.34
CA ALA A 23 40.63 29.26 -21.99
C ALA A 23 39.68 28.58 -21.03
N GLY A 24 39.74 28.91 -19.74
CA GLY A 24 38.79 28.40 -18.78
C GLY A 24 37.61 29.36 -18.64
N ILE A 25 37.90 30.64 -18.47
CA ILE A 25 36.83 31.63 -18.40
C ILE A 25 36.08 31.73 -19.73
N ALA A 26 36.83 31.75 -20.84
CA ALA A 26 36.20 31.74 -22.15
C ALA A 26 35.42 30.46 -22.39
N GLY A 27 35.91 29.33 -21.88
CA GLY A 27 35.19 28.08 -21.99
C GLY A 27 33.91 28.05 -21.18
N VAL A 28 33.89 28.74 -20.04
CA VAL A 28 32.64 28.88 -19.29
C VAL A 28 31.67 29.79 -20.03
N LEU A 29 32.16 30.89 -20.59
CA LEU A 29 31.28 31.86 -21.24
C LEU A 29 30.66 31.29 -22.51
N LEU A 30 31.51 30.80 -23.43
CA LEU A 30 31.06 30.27 -24.70
C LEU A 30 30.26 28.99 -24.56
N CYS A 31 30.24 28.38 -23.38
CA CYS A 31 29.41 27.22 -23.12
C CYS A 31 28.13 27.58 -22.37
N GLY A 32 28.15 28.62 -21.54
CA GLY A 32 26.94 29.09 -20.90
C GLY A 32 26.03 29.87 -21.81
N LEU A 33 26.57 30.43 -22.90
CA LEU A 33 25.73 31.12 -23.87
C LEU A 33 25.33 30.21 -25.04
N VAL A 34 25.40 28.89 -24.86
CA VAL A 34 24.96 27.93 -25.87
C VAL A 34 23.45 27.77 -25.87
N PRO A 35 22.78 27.55 -24.72
CA PRO A 35 21.32 27.31 -24.77
C PRO A 35 20.50 28.51 -25.20
N LEU A 36 21.12 29.64 -25.53
CA LEU A 36 20.40 30.83 -25.94
C LEU A 36 20.56 31.18 -27.41
N LEU A 37 21.61 30.69 -28.06
CA LEU A 37 21.88 31.03 -29.44
C LEU A 37 20.76 30.53 -30.35
N PRO A 38 20.62 31.12 -31.54
CA PRO A 38 19.51 30.77 -32.42
C PRO A 38 19.60 29.35 -32.94
N VAL A 39 18.43 28.83 -33.33
CA VAL A 39 18.30 27.57 -34.05
C VAL A 39 17.39 27.82 -35.24
N GLU A 40 17.08 26.76 -35.98
CA GLU A 40 16.15 26.82 -37.09
C GLU A 40 15.14 25.70 -36.93
N GLU A 41 13.91 26.04 -36.61
CA GLU A 41 12.85 25.05 -36.45
C GLU A 41 11.98 25.02 -37.70
N THR A 42 11.38 23.86 -37.95
CA THR A 42 10.57 23.65 -39.15
C THR A 42 9.10 23.83 -38.83
N THR A 43 8.39 24.48 -39.74
CA THR A 43 6.95 24.66 -39.64
C THR A 43 6.23 23.51 -40.34
N ALA A 44 4.93 23.41 -40.11
CA ALA A 44 4.12 22.36 -40.70
C ALA A 44 2.68 22.81 -40.69
N THR A 45 2.11 23.07 -41.87
CA THR A 45 0.77 23.67 -41.97
C THR A 45 -0.10 22.81 -42.87
N VAL A 46 -1.17 22.26 -42.30
CA VAL A 46 -2.13 21.49 -43.07
C VAL A 46 -3.25 22.42 -43.51
N LEU A 47 -3.43 22.52 -44.82
CA LEU A 47 -4.51 23.36 -45.34
C LEU A 47 -5.70 22.48 -45.70
N TRP A 48 -6.69 23.04 -46.38
CA TRP A 48 -7.90 22.30 -46.81
C TRP A 48 -8.65 23.18 -47.80
N PRO A 49 -9.70 22.71 -48.50
CA PRO A 49 -9.72 21.65 -49.48
C PRO A 49 -8.54 20.70 -49.77
N GLN A 50 -7.73 20.99 -50.78
CA GLN A 50 -6.64 20.06 -51.19
C GLN A 50 -7.24 18.68 -51.52
N GLY A 51 -7.96 18.56 -52.64
CA GLY A 51 -8.60 17.29 -52.93
C GLY A 51 -9.86 17.42 -53.76
N VAL A 52 -9.82 16.95 -55.01
CA VAL A 52 -11.02 16.96 -55.85
C VAL A 52 -11.92 15.79 -55.45
N GLY A 53 -11.34 14.71 -54.95
CA GLY A 53 -12.12 13.62 -54.40
C GLY A 53 -12.84 12.74 -55.40
N ALA A 54 -14.09 12.38 -55.08
CA ALA A 54 -14.80 11.40 -55.89
C ALA A 54 -15.15 11.97 -57.26
N ASP A 55 -16.01 12.99 -57.31
CA ASP A 55 -16.39 13.60 -58.57
C ASP A 55 -15.93 15.04 -58.69
N GLY A 56 -16.38 15.94 -57.80
CA GLY A 56 -15.89 17.30 -57.80
C GLY A 56 -15.87 17.95 -56.43
N ASN A 57 -16.20 17.18 -55.40
CA ASN A 57 -16.42 17.72 -54.07
C ASN A 57 -15.08 17.95 -53.36
N VAL A 58 -15.15 18.20 -52.06
CA VAL A 58 -13.97 18.27 -51.23
C VAL A 58 -13.79 16.93 -50.54
N THR A 59 -12.61 16.69 -49.98
CA THR A 59 -12.29 15.41 -49.38
C THR A 59 -11.82 15.62 -47.96
N GLU A 60 -12.30 14.77 -47.05
CA GLU A 60 -11.81 14.75 -45.70
C GLU A 60 -10.32 14.40 -45.69
N LEU A 61 -9.68 14.63 -44.55
CA LEU A 61 -8.24 14.39 -44.41
C LEU A 61 -7.97 13.71 -43.09
N THR A 62 -6.88 12.95 -43.06
CA THR A 62 -6.41 12.33 -41.82
C THR A 62 -5.04 12.88 -41.52
N ALA A 63 -4.88 13.48 -40.34
CA ALA A 63 -3.60 14.06 -39.92
C ALA A 63 -3.46 13.87 -38.41
N PRO A 64 -3.07 12.68 -37.96
CA PRO A 64 -2.99 12.39 -36.51
C PRO A 64 -1.80 13.04 -35.81
N LEU A 65 -2.00 14.28 -35.37
CA LEU A 65 -0.96 14.99 -34.64
C LEU A 65 -0.65 14.26 -33.34
N VAL A 66 0.64 14.17 -32.99
CA VAL A 66 1.02 13.46 -31.78
C VAL A 66 0.92 14.36 -30.56
N ALA A 67 1.17 15.65 -30.72
CA ALA A 67 1.09 16.58 -29.60
C ALA A 67 -0.33 16.83 -29.14
N GLY A 68 -1.32 16.28 -29.84
CA GLY A 68 -2.71 16.55 -29.50
C GLY A 68 -3.21 17.80 -30.18
N ALA A 69 -3.26 18.90 -29.44
CA ALA A 69 -3.72 20.16 -29.98
C ALA A 69 -2.67 20.80 -30.89
N PRO A 70 -3.09 21.49 -31.94
CA PRO A 70 -2.13 22.28 -32.73
C PRO A 70 -1.88 23.64 -32.10
N ARG A 71 -1.12 24.50 -32.78
CA ARG A 71 -0.89 25.84 -32.26
C ARG A 71 -1.72 26.90 -32.97
N ALA A 72 -2.52 26.51 -33.96
CA ALA A 72 -3.39 27.44 -34.67
C ALA A 72 -4.38 26.63 -35.49
N LEU A 73 -5.66 27.00 -35.41
CA LEU A 73 -6.75 26.22 -36.01
C LEU A 73 -7.75 27.09 -36.76
N ASP A 74 -7.29 27.93 -37.69
CA ASP A 74 -8.22 28.78 -38.42
C ASP A 74 -9.14 27.92 -39.27
N VAL A 75 -10.43 28.29 -39.31
CA VAL A 75 -11.41 27.45 -40.00
C VAL A 75 -12.19 28.23 -41.05
N THR A 76 -12.87 29.30 -40.62
CA THR A 76 -13.64 30.22 -41.47
C THR A 76 -14.34 29.57 -42.66
N ILE A 77 -15.21 28.59 -42.41
CA ILE A 77 -16.01 28.00 -43.48
C ILE A 77 -17.14 28.96 -43.85
N PRO A 78 -17.73 28.86 -45.04
CA PRO A 78 -18.92 29.65 -45.34
C PRO A 78 -20.20 28.86 -45.04
N CYS A 79 -21.31 29.56 -45.06
CA CYS A 79 -22.55 28.88 -44.70
C CYS A 79 -23.68 29.08 -45.70
N ARG A 80 -23.79 30.26 -46.30
CA ARG A 80 -24.99 30.58 -47.08
C ARG A 80 -25.18 29.65 -48.27
N ALA A 81 -24.09 29.22 -48.89
CA ALA A 81 -24.16 28.26 -49.99
C ALA A 81 -23.55 26.91 -49.64
N VAL A 82 -23.21 26.68 -48.37
CA VAL A 82 -22.51 25.46 -47.97
C VAL A 82 -23.32 24.60 -47.01
N ALA A 83 -24.01 25.18 -46.03
CA ALA A 83 -24.78 24.39 -45.06
C ALA A 83 -26.07 23.89 -45.71
N GLU A 84 -25.89 22.96 -46.65
CA GLU A 84 -26.99 22.33 -47.35
C GLU A 84 -27.14 20.85 -46.95
N LEU A 85 -27.00 20.54 -45.67
CA LEU A 85 -27.22 19.18 -45.20
C LEU A 85 -28.70 18.84 -45.36
N PRO A 86 -29.05 17.56 -45.54
CA PRO A 86 -30.41 17.23 -46.01
C PRO A 86 -31.49 17.46 -44.96
N ALA A 87 -31.85 18.71 -44.73
CA ALA A 87 -33.01 19.11 -43.94
C ALA A 87 -32.85 18.78 -42.46
N ASP A 88 -31.75 18.09 -42.12
CA ASP A 88 -31.40 17.80 -40.74
C ASP A 88 -29.93 17.42 -40.74
N GLY A 89 -29.08 18.29 -40.21
CA GLY A 89 -27.64 18.10 -40.31
C GLY A 89 -27.07 17.40 -39.09
N GLY A 90 -26.08 16.54 -39.33
CA GLY A 90 -25.39 15.86 -38.26
C GLY A 90 -24.13 16.57 -37.80
N VAL A 91 -23.23 16.85 -38.74
CA VAL A 91 -21.90 17.39 -38.42
C VAL A 91 -21.40 18.19 -39.61
N VAL A 92 -20.89 19.39 -39.35
CA VAL A 92 -20.14 20.17 -40.32
C VAL A 92 -18.75 20.40 -39.75
N PHE A 93 -17.72 19.97 -40.49
CA PHE A 93 -16.32 20.20 -40.13
C PHE A 93 -16.03 19.77 -38.69
N SER A 94 -16.11 18.47 -38.45
CA SER A 94 -15.52 17.92 -37.24
C SER A 94 -14.00 17.81 -37.41
N THR A 95 -13.29 17.89 -36.29
CA THR A 95 -11.85 17.66 -36.28
C THR A 95 -11.49 16.24 -35.84
N ASN A 96 -12.48 15.47 -35.42
CA ASN A 96 -12.35 14.05 -35.11
C ASN A 96 -13.45 13.30 -35.83
N PRO A 97 -13.23 12.02 -36.14
CA PRO A 97 -14.32 11.23 -36.73
C PRO A 97 -15.45 11.06 -35.73
N ALA A 98 -16.68 11.28 -36.19
CA ALA A 98 -17.84 11.19 -35.31
C ALA A 98 -18.02 9.81 -34.72
N GLY A 99 -17.37 8.79 -35.28
CA GLY A 99 -17.54 7.43 -34.80
C GLY A 99 -16.46 6.97 -33.85
N GLY A 100 -15.59 7.89 -33.42
CA GLY A 100 -14.55 7.56 -32.46
C GLY A 100 -15.13 7.26 -31.09
N ILE A 101 -14.26 6.75 -30.22
CA ILE A 101 -14.70 6.41 -28.86
C ILE A 101 -14.99 7.66 -28.06
N GLU A 102 -14.08 8.64 -28.12
CA GLU A 102 -14.30 9.97 -27.56
C GLU A 102 -14.17 10.94 -28.72
N ALA A 103 -15.25 11.12 -29.47
CA ALA A 103 -15.21 11.99 -30.64
C ALA A 103 -15.42 13.45 -30.23
N GLY A 104 -16.57 13.76 -29.67
CA GLY A 104 -16.89 15.12 -29.28
C GLY A 104 -16.31 15.56 -27.96
N ARG A 105 -15.77 14.62 -27.16
CA ARG A 105 -15.23 14.97 -25.86
C ARG A 105 -13.93 15.76 -26.00
N ASN A 106 -13.23 15.58 -27.12
CA ASN A 106 -12.04 16.37 -27.42
C ASN A 106 -11.97 16.80 -28.88
N GLY A 107 -13.08 17.26 -29.45
CA GLY A 107 -13.11 17.68 -30.84
C GLY A 107 -13.64 19.10 -30.99
N MET A 108 -14.12 19.39 -32.20
CA MET A 108 -14.69 20.69 -32.52
C MET A 108 -16.17 20.64 -32.86
N PHE A 109 -16.55 19.85 -33.87
CA PHE A 109 -17.94 19.43 -34.06
C PHE A 109 -18.91 20.61 -34.21
N ILE A 110 -18.77 21.36 -35.30
CA ILE A 110 -19.80 22.33 -35.65
C ILE A 110 -21.04 21.56 -36.10
N ARG A 111 -22.05 21.47 -35.23
CA ARG A 111 -23.22 20.67 -35.53
C ARG A 111 -24.19 21.48 -36.39
N ALA A 112 -25.32 20.88 -36.74
CA ALA A 112 -26.39 21.59 -37.42
C ALA A 112 -27.74 21.44 -36.74
N ASN A 113 -28.03 20.27 -36.18
CA ASN A 113 -29.13 20.02 -35.25
C ASN A 113 -30.51 20.39 -35.83
N ALA A 114 -30.57 20.77 -37.10
CA ALA A 114 -31.82 21.04 -37.83
C ALA A 114 -32.57 22.28 -37.34
N ASP A 115 -32.16 22.86 -36.21
CA ASP A 115 -32.66 24.19 -35.86
C ASP A 115 -31.59 25.13 -35.32
N VAL A 116 -30.50 24.64 -34.75
CA VAL A 116 -29.43 25.49 -34.24
C VAL A 116 -28.09 24.91 -34.70
N VAL A 117 -27.25 25.80 -35.22
CA VAL A 117 -25.93 25.43 -35.72
C VAL A 117 -24.92 25.89 -34.67
N TYR A 118 -24.56 24.99 -33.77
CA TYR A 118 -23.72 25.32 -32.63
C TYR A 118 -22.31 24.77 -32.84
N VAL A 119 -21.32 25.60 -32.56
CA VAL A 119 -19.91 25.24 -32.69
C VAL A 119 -19.45 24.74 -31.31
N ALA A 120 -19.39 23.43 -31.17
CA ALA A 120 -18.99 22.83 -29.90
C ALA A 120 -17.48 22.90 -29.73
N PHE A 121 -17.01 22.37 -28.61
CA PHE A 121 -15.59 22.24 -28.31
C PHE A 121 -15.43 21.01 -27.43
N ARG A 122 -14.35 20.93 -26.65
CA ARG A 122 -14.10 19.79 -25.77
C ARG A 122 -15.40 19.27 -25.16
N ASP A 123 -16.13 20.12 -24.45
CA ASP A 123 -17.51 19.79 -24.09
C ASP A 123 -18.41 21.00 -24.28
N THR A 124 -17.82 22.19 -24.28
CA THR A 124 -18.53 23.45 -24.21
C THR A 124 -19.04 23.87 -25.58
N VAL A 125 -20.16 24.59 -25.57
CA VAL A 125 -20.71 25.25 -26.76
C VAL A 125 -20.12 26.65 -26.83
N ALA A 126 -19.73 27.07 -28.03
CA ALA A 126 -19.06 28.35 -28.22
C ALA A 126 -19.86 29.36 -29.01
N ALA A 127 -20.90 28.94 -29.74
CA ALA A 127 -21.74 29.85 -30.51
C ALA A 127 -22.99 29.11 -30.92
N VAL A 128 -24.11 29.83 -31.01
CA VAL A 128 -25.39 29.26 -31.41
C VAL A 128 -26.08 30.26 -32.32
N ALA A 129 -26.70 29.74 -33.39
CA ALA A 129 -27.46 30.56 -34.32
C ALA A 129 -28.66 29.77 -34.79
N PRO A 130 -29.77 30.43 -35.09
CA PRO A 130 -30.94 29.72 -35.64
C PRO A 130 -30.66 29.28 -37.08
N ARG A 131 -30.87 27.98 -37.35
CA ARG A 131 -30.47 27.45 -38.65
C ARG A 131 -31.27 28.08 -39.78
N GLU A 132 -32.58 28.26 -39.57
CA GLU A 132 -33.42 28.88 -40.60
C GLU A 132 -32.93 30.27 -40.99
N ALA A 133 -32.16 30.92 -40.11
CA ALA A 133 -31.56 32.21 -40.42
C ALA A 133 -30.12 32.10 -40.87
N VAL A 134 -29.45 30.97 -40.62
CA VAL A 134 -28.06 30.85 -41.01
C VAL A 134 -27.91 30.28 -42.42
N ASP A 135 -28.89 29.50 -42.90
CA ASP A 135 -28.82 29.05 -44.29
C ASP A 135 -29.22 30.17 -45.25
N SER A 136 -30.15 31.04 -44.84
CA SER A 136 -30.69 32.04 -45.74
C SER A 136 -29.70 33.15 -46.08
N GLY A 137 -28.48 33.11 -45.55
CA GLY A 137 -27.47 34.07 -45.95
C GLY A 137 -27.23 35.18 -44.95
N ALA A 138 -27.16 34.84 -43.67
CA ALA A 138 -26.84 35.82 -42.63
C ALA A 138 -25.40 35.71 -42.14
N CYS A 139 -24.85 34.51 -42.09
CA CYS A 139 -23.47 34.29 -41.62
C CYS A 139 -22.63 33.85 -42.81
N SER A 140 -21.94 34.82 -43.41
CA SER A 140 -20.99 34.50 -44.49
C SER A 140 -19.73 33.84 -43.97
N GLU A 141 -19.52 33.78 -42.65
CA GLU A 141 -18.33 33.17 -42.07
C GLU A 141 -18.73 32.46 -40.79
N ILE A 142 -18.02 31.38 -40.47
CA ILE A 142 -18.27 30.60 -39.26
C ILE A 142 -16.97 30.48 -38.47
N HIS A 143 -16.19 31.57 -38.42
CA HIS A 143 -14.82 31.55 -37.93
C HIS A 143 -14.68 30.84 -36.59
N VAL A 144 -13.78 29.85 -36.53
CA VAL A 144 -13.63 28.98 -35.37
C VAL A 144 -12.20 29.07 -34.82
N TRP A 145 -11.64 30.28 -34.79
CA TRP A 145 -10.22 30.41 -34.46
C TRP A 145 -9.94 29.83 -33.08
N ALA A 146 -8.92 28.96 -33.00
CA ALA A 146 -8.65 28.21 -31.78
C ALA A 146 -7.16 28.14 -31.47
N ASP A 147 -6.45 29.27 -31.57
CA ASP A 147 -5.02 29.27 -31.31
C ASP A 147 -4.73 29.25 -29.82
N VAL A 148 -3.46 29.46 -29.45
CA VAL A 148 -3.05 29.31 -28.05
C VAL A 148 -3.49 30.48 -27.19
N SER A 149 -3.74 31.66 -27.79
CA SER A 149 -4.07 32.85 -27.03
C SER A 149 -5.57 33.13 -26.94
N ALA A 150 -6.39 32.49 -27.76
CA ALA A 150 -7.82 32.75 -27.77
C ALA A 150 -8.54 31.60 -28.44
N VAL A 151 -9.75 31.31 -27.96
CA VAL A 151 -10.57 30.23 -28.51
C VAL A 151 -11.98 30.76 -28.76
N GLY A 152 -12.27 31.16 -30.00
CA GLY A 152 -13.52 31.79 -30.32
C GLY A 152 -14.13 31.25 -31.60
N ALA A 153 -15.46 31.40 -31.69
CA ALA A 153 -16.29 30.78 -32.72
C ALA A 153 -17.26 31.77 -33.35
N ASP A 154 -16.78 32.91 -33.79
CA ASP A 154 -17.65 33.99 -34.27
C ASP A 154 -18.39 33.56 -35.54
N PHE A 155 -19.60 34.10 -35.70
CA PHE A 155 -20.45 33.80 -36.85
C PHE A 155 -20.61 34.95 -37.83
N ALA A 156 -20.19 36.17 -37.47
CA ALA A 156 -20.08 37.28 -38.42
C ALA A 156 -21.41 37.60 -39.10
N GLY A 157 -22.38 38.08 -38.33
CA GLY A 157 -23.62 38.55 -38.94
C GLY A 157 -24.88 38.35 -38.11
N ILE A 158 -24.83 37.49 -37.12
CA ILE A 158 -25.92 37.34 -36.16
C ILE A 158 -25.66 38.32 -35.02
N PRO A 159 -26.68 39.01 -34.50
CA PRO A 159 -26.45 39.97 -33.40
C PRO A 159 -25.64 39.40 -32.25
N ASP A 160 -26.04 38.24 -31.72
CA ASP A 160 -25.28 37.57 -30.66
C ASP A 160 -25.08 36.11 -31.05
N ALA A 161 -24.03 35.85 -31.82
CA ALA A 161 -23.56 34.49 -32.09
C ALA A 161 -22.04 34.58 -32.08
N SER A 162 -21.47 34.47 -30.88
CA SER A 162 -20.03 34.56 -30.68
C SER A 162 -19.72 34.00 -29.31
N GLY A 163 -18.45 33.64 -29.11
CA GLY A 163 -18.04 33.08 -27.84
C GLY A 163 -16.54 33.11 -27.67
N THR A 164 -16.13 32.75 -26.46
CA THR A 164 -14.72 32.64 -26.12
C THR A 164 -14.60 31.74 -24.90
N LEU A 165 -13.63 30.85 -24.95
CA LEU A 165 -13.44 29.81 -23.95
C LEU A 165 -12.08 29.99 -23.29
N PRO A 166 -11.83 29.31 -22.18
CA PRO A 166 -10.47 29.28 -21.63
C PRO A 166 -9.52 28.60 -22.58
N VAL A 167 -8.23 28.97 -22.45
CA VAL A 167 -7.21 28.46 -23.36
C VAL A 167 -7.11 26.94 -23.27
N ASP A 168 -7.41 26.37 -22.10
CA ASP A 168 -7.33 24.93 -21.90
C ASP A 168 -8.46 24.16 -22.56
N LYS A 169 -9.27 24.81 -23.38
CA LYS A 169 -10.31 24.15 -24.16
C LYS A 169 -9.91 24.02 -25.62
N ARG A 170 -8.63 23.82 -25.89
CA ARG A 170 -8.15 23.67 -27.25
C ARG A 170 -8.57 22.31 -27.80
N PRO A 171 -8.90 22.24 -29.09
CA PRO A 171 -9.35 20.97 -29.67
C PRO A 171 -8.20 20.00 -29.81
N GLN A 172 -8.55 18.77 -30.16
CA GLN A 172 -7.59 17.75 -30.56
C GLN A 172 -7.81 17.48 -32.05
N VAL A 173 -6.79 17.71 -32.85
CA VAL A 173 -6.89 17.55 -34.30
C VAL A 173 -6.29 16.21 -34.66
N SER A 174 -7.14 15.30 -35.12
CA SER A 174 -6.72 14.03 -35.71
C SER A 174 -7.30 13.87 -37.11
N GLY A 175 -7.46 14.96 -37.83
CA GLY A 175 -8.02 14.94 -39.17
C GLY A 175 -9.02 16.07 -39.34
N VAL A 176 -9.56 16.16 -40.55
CA VAL A 176 -10.59 17.14 -40.90
C VAL A 176 -11.69 16.37 -41.60
N PHE A 177 -12.82 16.16 -40.92
CA PHE A 177 -13.88 15.29 -41.43
C PHE A 177 -15.16 16.10 -41.52
N THR A 178 -15.64 16.36 -42.73
CA THR A 178 -16.86 17.09 -42.95
C THR A 178 -17.94 16.17 -43.50
N ASP A 179 -19.16 16.71 -43.58
CA ASP A 179 -20.27 16.01 -44.21
C ASP A 179 -20.91 16.83 -45.32
N LEU A 180 -20.17 17.77 -45.90
CA LEU A 180 -20.67 18.62 -46.96
C LEU A 180 -20.37 18.01 -48.32
N LYS A 181 -21.03 18.54 -49.34
CA LYS A 181 -20.84 18.11 -50.73
C LYS A 181 -20.48 19.26 -51.66
N VAL A 182 -20.13 20.42 -51.12
CA VAL A 182 -19.82 21.57 -51.97
C VAL A 182 -18.50 21.32 -52.70
N PRO A 183 -18.41 21.65 -54.00
CA PRO A 183 -17.16 21.36 -54.72
C PRO A 183 -15.96 22.14 -54.22
N ALA A 184 -16.03 23.46 -54.25
CA ALA A 184 -14.97 24.34 -53.77
C ALA A 184 -15.53 25.75 -53.71
N GLN A 185 -15.34 26.40 -52.57
CA GLN A 185 -15.93 27.71 -52.36
C GLN A 185 -14.85 28.77 -52.26
N PRO A 186 -15.14 29.99 -52.72
CA PRO A 186 -14.18 31.10 -52.53
C PRO A 186 -14.07 31.57 -51.09
N GLY A 187 -14.76 30.92 -50.15
CA GLY A 187 -14.70 31.30 -48.76
C GLY A 187 -14.47 30.12 -47.84
N LEU A 188 -14.40 28.92 -48.43
CA LEU A 188 -14.16 27.70 -47.67
C LEU A 188 -12.67 27.50 -47.51
N ALA A 189 -12.23 27.21 -46.28
CA ALA A 189 -10.81 27.06 -46.00
C ALA A 189 -10.65 26.32 -44.68
N ALA A 190 -9.38 26.10 -44.33
CA ALA A 190 -8.96 25.55 -43.05
C ALA A 190 -7.45 25.65 -43.00
N ARG A 191 -6.91 25.80 -41.80
CA ARG A 191 -5.48 25.98 -41.66
C ARG A 191 -5.07 25.55 -40.26
N ILE A 192 -4.25 24.52 -40.18
CA ILE A 192 -3.82 23.91 -38.93
C ILE A 192 -2.31 24.00 -38.86
N ASP A 193 -1.79 24.67 -37.83
CA ASP A 193 -0.36 24.82 -37.62
C ASP A 193 0.08 23.82 -36.57
N ILE A 194 0.84 22.82 -36.99
CA ILE A 194 1.28 21.76 -36.09
C ILE A 194 2.36 22.29 -35.16
N ASP A 195 2.39 21.76 -33.94
CA ASP A 195 3.31 22.23 -32.90
C ASP A 195 4.64 21.51 -33.02
N THR A 196 5.39 21.88 -34.06
CA THR A 196 6.71 21.32 -34.30
C THR A 196 7.77 22.24 -33.67
N ARG A 197 7.77 22.25 -32.34
CA ARG A 197 8.72 23.05 -31.58
C ARG A 197 9.96 22.28 -31.17
N PHE A 198 9.92 20.95 -31.23
CA PHE A 198 11.03 20.11 -30.82
C PHE A 198 11.91 19.67 -31.99
N ILE A 199 11.65 20.18 -33.20
CA ILE A 199 12.30 19.66 -34.40
C ILE A 199 13.32 20.67 -34.88
N THR A 200 13.87 21.45 -33.95
CA THR A 200 14.89 22.43 -34.27
C THR A 200 16.13 21.75 -34.86
N SER A 201 16.97 22.58 -35.50
CA SER A 201 18.25 22.15 -36.03
C SER A 201 19.22 23.30 -35.78
N PRO A 202 20.43 23.02 -35.29
CA PRO A 202 21.35 24.11 -34.94
C PRO A 202 21.81 24.86 -36.18
N THR A 203 21.92 26.18 -36.04
CA THR A 203 22.39 27.03 -37.12
C THR A 203 23.91 26.99 -37.17
N LEU A 204 24.52 27.86 -37.97
CA LEU A 204 25.97 27.89 -38.07
C LEU A 204 26.59 28.56 -36.85
N LEU A 205 25.97 29.61 -36.33
CA LEU A 205 26.51 30.30 -35.17
C LEU A 205 26.53 29.38 -33.95
N LYS A 206 25.45 28.63 -33.73
CA LYS A 206 25.40 27.73 -32.58
C LYS A 206 26.46 26.63 -32.69
N THR A 207 26.65 26.08 -33.89
CA THR A 207 27.65 25.03 -34.07
C THR A 207 29.06 25.57 -33.88
N ALA A 208 29.35 26.76 -34.42
CA ALA A 208 30.66 27.36 -34.25
C ALA A 208 30.93 27.64 -32.77
N VAL A 209 29.95 28.19 -32.06
CA VAL A 209 30.16 28.47 -30.64
C VAL A 209 30.32 27.17 -29.85
N MET A 210 29.58 26.13 -30.23
CA MET A 210 29.73 24.85 -29.54
C MET A 210 31.13 24.28 -29.72
N VAL A 211 31.65 24.28 -30.94
CA VAL A 211 32.99 23.73 -31.14
C VAL A 211 34.05 24.62 -30.50
N LEU A 212 33.83 25.94 -30.46
CA LEU A 212 34.80 26.83 -29.83
C LEU A 212 34.84 26.62 -28.33
N GLY A 213 33.67 26.60 -27.68
CA GLY A 213 33.59 26.37 -26.25
C GLY A 213 33.90 24.95 -25.83
N LEU A 214 33.91 24.01 -26.76
CA LEU A 214 34.35 22.65 -26.48
C LEU A 214 35.84 22.45 -26.74
N ALA A 215 36.44 23.31 -27.56
CA ALA A 215 37.90 23.29 -27.70
C ALA A 215 38.57 24.09 -26.59
N CYS A 216 37.90 25.12 -26.07
CA CYS A 216 38.46 25.87 -24.95
C CYS A 216 38.59 25.01 -23.71
N VAL A 217 37.63 24.11 -23.47
CA VAL A 217 37.71 23.21 -22.32
C VAL A 217 38.93 22.31 -22.44
N ILE A 218 39.13 21.72 -23.61
CA ILE A 218 40.26 20.83 -23.81
C ILE A 218 41.57 21.60 -23.69
N GLY A 219 41.61 22.82 -24.22
CA GLY A 219 42.81 23.64 -24.08
C GLY A 219 43.12 23.96 -22.63
N SER A 220 42.09 24.28 -21.85
CA SER A 220 42.30 24.58 -20.43
C SER A 220 42.79 23.34 -19.68
N ILE A 221 42.24 22.17 -20.01
CA ILE A 221 42.66 20.96 -19.30
C ILE A 221 44.09 20.56 -19.69
N VAL A 222 44.46 20.76 -20.96
CA VAL A 222 45.83 20.48 -21.36
C VAL A 222 46.79 21.46 -20.69
N ALA A 223 46.39 22.74 -20.58
CA ALA A 223 47.22 23.71 -19.88
C ALA A 223 47.34 23.36 -18.40
N LEU A 224 46.29 22.82 -17.79
CA LEU A 224 46.38 22.36 -16.41
C LEU A 224 47.33 21.18 -16.29
N ALA A 225 47.29 20.25 -17.26
CA ALA A 225 48.20 19.12 -17.24
C ALA A 225 49.66 19.58 -17.34
N LEU A 226 49.93 20.55 -18.22
CA LEU A 226 51.27 21.10 -18.32
C LEU A 226 51.64 21.95 -17.11
N LEU A 227 50.66 22.48 -16.39
CA LEU A 227 50.94 23.21 -15.16
C LEU A 227 51.22 22.29 -13.99
N ASP A 228 50.73 21.05 -14.04
CA ASP A 228 50.99 20.07 -12.99
C ASP A 228 52.38 19.46 -13.08
N ARG A 229 53.16 19.79 -14.12
CA ARG A 229 54.47 19.19 -14.31
C ARG A 229 55.47 19.56 -13.22
N GLY A 230 55.19 20.57 -12.41
CA GLY A 230 56.12 21.00 -11.39
C GLY A 230 55.77 20.49 -10.00
N TRP A 231 54.55 20.00 -9.84
CA TRP A 231 54.07 19.56 -8.53
C TRP A 231 53.68 18.08 -8.51
N ARG A 232 54.09 17.32 -9.53
CA ARG A 232 53.73 15.91 -9.61
C ARG A 232 54.59 15.11 -8.64
N ARG A 233 53.96 14.57 -7.61
CA ARG A 233 54.65 13.67 -6.69
C ARG A 233 54.96 12.36 -7.41
N ARG A 234 56.26 12.06 -7.57
CA ARG A 234 56.68 10.88 -8.31
C ARG A 234 56.73 9.68 -7.37
N PRO A 235 55.88 8.68 -7.55
CA PRO A 235 55.87 7.53 -6.64
C PRO A 235 57.10 6.67 -6.84
N PRO A 236 57.47 5.86 -5.84
CA PRO A 236 58.67 5.03 -5.95
C PRO A 236 58.46 3.71 -6.71
N ARG A 237 57.34 3.55 -7.42
CA ARG A 237 57.07 2.38 -8.25
C ARG A 237 57.14 1.09 -7.42
N THR A 238 56.21 1.00 -6.47
CA THR A 238 56.13 -0.14 -5.56
C THR A 238 54.77 -0.83 -5.64
N ARG A 239 54.22 -0.97 -6.85
CA ARG A 239 52.92 -1.62 -7.01
C ARG A 239 53.07 -3.15 -7.06
N GLY A 240 53.80 -3.66 -8.04
CA GLY A 240 53.98 -5.09 -8.20
C GLY A 240 53.38 -5.59 -9.51
N ARG A 241 52.89 -6.83 -9.48
CA ARG A 241 52.28 -7.47 -10.63
C ARG A 241 50.89 -7.98 -10.24
N ALA A 242 50.28 -8.74 -11.15
CA ALA A 242 48.91 -9.17 -10.95
C ALA A 242 48.82 -10.34 -9.96
N GLY A 243 49.43 -11.47 -10.31
CA GLY A 243 49.30 -12.66 -9.51
C GLY A 243 48.32 -13.65 -10.12
N LEU A 244 48.43 -14.91 -9.71
CA LEU A 244 47.61 -15.96 -10.29
C LEU A 244 46.15 -15.79 -9.91
N TRP A 245 45.85 -15.72 -8.62
CA TRP A 245 44.47 -15.79 -8.15
C TRP A 245 43.64 -14.57 -8.50
N THR A 246 44.20 -13.57 -9.18
CA THR A 246 43.38 -12.51 -9.75
C THR A 246 43.10 -12.74 -11.23
N TRP A 247 44.01 -13.39 -11.96
CA TRP A 247 43.72 -13.80 -13.32
C TRP A 247 42.58 -14.81 -13.35
N ILE A 248 42.57 -15.74 -12.38
CA ILE A 248 41.50 -16.73 -12.32
C ILE A 248 40.16 -16.06 -12.02
N THR A 249 40.15 -15.07 -11.12
CA THR A 249 38.92 -14.36 -10.82
C THR A 249 38.43 -13.55 -12.00
N ASP A 250 39.36 -12.89 -12.71
CA ASP A 250 38.99 -12.15 -13.91
C ASP A 250 38.40 -13.09 -14.97
N THR A 251 39.04 -14.24 -15.18
CA THR A 251 38.52 -15.19 -16.16
C THR A 251 37.13 -15.69 -15.76
N GLY A 252 36.95 -16.04 -14.49
CA GLY A 252 35.65 -16.52 -14.06
C GLY A 252 34.56 -15.48 -14.20
N VAL A 253 34.84 -14.24 -13.78
CA VAL A 253 33.84 -13.19 -13.84
C VAL A 253 33.52 -12.83 -15.28
N ILE A 254 34.53 -12.73 -16.14
CA ILE A 254 34.28 -12.39 -17.53
C ILE A 254 33.53 -13.53 -18.24
N GLY A 255 33.82 -14.78 -17.88
CA GLY A 255 33.07 -15.88 -18.44
C GLY A 255 31.62 -15.89 -18.03
N GLY A 256 31.36 -15.71 -16.72
CA GLY A 256 30.00 -15.63 -16.24
C GLY A 256 29.28 -14.37 -16.65
N LEU A 257 30.00 -13.37 -17.16
CA LEU A 257 29.42 -12.15 -17.67
C LEU A 257 29.19 -12.17 -19.17
N LEU A 258 29.92 -13.04 -19.88
CA LEU A 258 29.69 -13.23 -21.31
C LEU A 258 28.73 -14.37 -21.61
N ILE A 259 28.56 -15.31 -20.69
CA ILE A 259 27.56 -16.36 -20.86
C ILE A 259 26.28 -15.90 -20.16
N TRP A 260 26.22 -14.62 -19.81
CA TRP A 260 24.98 -13.98 -19.40
C TRP A 260 24.53 -12.92 -20.39
N HIS A 261 25.42 -12.39 -21.21
CA HIS A 261 25.05 -11.52 -22.32
C HIS A 261 24.21 -12.26 -23.35
N ILE A 262 24.23 -13.59 -23.35
CA ILE A 262 23.49 -14.40 -24.32
C ILE A 262 22.22 -14.97 -23.69
N VAL A 263 22.37 -15.86 -22.70
CA VAL A 263 21.23 -16.38 -21.96
C VAL A 263 20.97 -15.53 -20.72
N GLY A 264 20.22 -14.45 -20.89
CA GLY A 264 19.95 -13.54 -19.79
C GLY A 264 18.75 -12.67 -20.03
N ALA A 265 17.88 -12.53 -19.03
CA ALA A 265 16.66 -11.77 -19.20
C ALA A 265 16.97 -10.27 -19.29
N PRO A 266 16.34 -9.55 -20.20
CA PRO A 266 16.50 -8.09 -20.25
C PRO A 266 15.64 -7.41 -19.21
N THR A 267 15.95 -6.14 -18.97
CA THR A 267 15.30 -5.37 -17.92
C THR A 267 13.93 -4.91 -18.39
N SER A 268 13.30 -4.03 -17.61
CA SER A 268 11.93 -3.59 -17.88
C SER A 268 11.86 -2.54 -18.98
N ASP A 269 12.99 -1.90 -19.29
CA ASP A 269 13.01 -0.79 -20.28
C ASP A 269 13.80 -1.15 -21.55
N ASP A 270 13.99 -2.43 -21.86
CA ASP A 270 14.70 -2.79 -23.08
C ASP A 270 13.87 -2.49 -24.32
N GLY A 271 12.54 -2.44 -24.19
CA GLY A 271 11.69 -2.16 -25.33
C GLY A 271 11.36 -0.69 -25.43
N TYR A 272 11.41 0.01 -24.30
CA TYR A 272 11.19 1.46 -24.30
C TYR A 272 12.34 2.18 -25.01
N ASN A 273 13.56 1.98 -24.49
CA ASN A 273 14.78 2.62 -25.04
C ASN A 273 15.08 2.14 -26.46
N MET A 274 14.44 1.05 -26.90
CA MET A 274 14.70 0.51 -28.23
C MET A 274 13.84 1.20 -29.29
N THR A 275 12.53 1.30 -29.06
CA THR A 275 11.69 2.05 -29.99
C THR A 275 12.01 3.53 -29.93
N ILE A 276 12.32 4.05 -28.74
CA ILE A 276 12.72 5.46 -28.62
C ILE A 276 13.92 5.74 -29.51
N ALA A 277 14.83 4.77 -29.62
CA ALA A 277 16.03 4.97 -30.43
C ALA A 277 15.80 4.67 -31.91
N ARG A 278 14.83 3.80 -32.22
CA ARG A 278 14.56 3.48 -33.61
C ARG A 278 13.76 4.57 -34.30
N VAL A 279 12.83 5.21 -33.61
CA VAL A 279 11.98 6.21 -34.24
C VAL A 279 12.60 7.59 -34.08
N ALA A 280 13.84 7.65 -33.60
CA ALA A 280 14.50 8.93 -33.37
C ALA A 280 15.34 9.39 -34.56
N SER A 281 15.64 8.51 -35.52
CA SER A 281 16.35 8.94 -36.71
C SER A 281 15.49 9.89 -37.53
N GLU A 282 14.26 9.48 -37.84
CA GLU A 282 13.25 10.40 -38.32
C GLU A 282 12.64 11.11 -37.13
N ALA A 283 11.54 11.85 -37.35
CA ALA A 283 10.81 12.58 -36.32
C ALA A 283 11.61 13.77 -35.81
N GLY A 284 12.83 13.95 -36.30
CA GLY A 284 13.61 15.13 -36.01
C GLY A 284 14.29 15.20 -34.67
N TYR A 285 13.77 14.51 -33.65
CA TYR A 285 14.33 14.61 -32.31
C TYR A 285 14.13 13.30 -31.57
N THR A 286 14.58 13.27 -30.32
CA THR A 286 14.48 12.07 -29.48
C THR A 286 13.16 12.07 -28.72
N THR A 287 12.10 11.77 -29.46
CA THR A 287 10.76 11.82 -28.90
C THR A 287 10.53 10.69 -27.91
N ASN A 288 9.88 11.02 -26.80
CA ASN A 288 9.36 10.00 -25.89
C ASN A 288 8.13 9.37 -26.55
N TYR A 289 8.37 8.21 -27.17
CA TYR A 289 7.37 7.51 -28.00
C TYR A 289 6.08 6.92 -27.42
N TYR A 290 5.97 6.81 -26.10
CA TYR A 290 4.76 6.23 -25.53
C TYR A 290 4.02 7.14 -24.57
N ARG A 291 4.45 8.38 -24.38
CA ARG A 291 3.83 9.22 -23.36
C ARG A 291 4.26 10.67 -23.56
N TYR A 292 3.71 11.55 -22.71
CA TYR A 292 4.14 12.93 -22.54
C TYR A 292 3.90 13.81 -23.76
N PHE A 293 2.95 13.46 -24.61
CA PHE A 293 2.51 14.32 -25.72
C PHE A 293 3.67 14.68 -26.64
N GLY A 294 4.51 13.69 -26.93
CA GLY A 294 5.63 13.92 -27.83
C GLY A 294 6.77 14.73 -27.26
N ALA A 295 6.77 14.99 -25.95
CA ALA A 295 7.86 15.72 -25.33
C ALA A 295 9.15 14.91 -25.41
N SER A 296 10.23 15.56 -25.83
CA SER A 296 11.50 14.88 -25.95
C SER A 296 12.05 14.51 -24.58
N GLU A 297 13.14 13.74 -24.59
CA GLU A 297 13.91 13.44 -23.38
C GLU A 297 15.04 14.46 -23.36
N ALA A 298 14.70 15.70 -23.05
CA ALA A 298 15.56 16.84 -23.38
C ALA A 298 16.91 16.81 -22.69
N PRO A 299 17.00 16.66 -21.37
CA PRO A 299 18.33 16.63 -20.74
C PRO A 299 19.04 15.30 -20.84
N PHE A 300 18.32 14.20 -21.06
CA PHE A 300 18.87 12.86 -20.93
C PHE A 300 18.84 12.07 -22.24
N ASP A 301 19.23 12.67 -23.35
CA ASP A 301 19.12 12.03 -24.66
C ASP A 301 20.44 11.91 -25.40
N TRP A 302 21.56 11.80 -24.67
CA TRP A 302 22.82 11.49 -25.34
C TRP A 302 23.09 9.99 -25.42
N TYR A 303 22.42 9.19 -24.59
CA TYR A 303 22.54 7.74 -24.69
C TYR A 303 21.60 7.19 -25.76
N GLN A 304 20.38 7.71 -25.85
CA GLN A 304 19.49 7.31 -26.93
C GLN A 304 20.03 7.77 -28.28
N SER A 305 20.78 8.86 -28.32
CA SER A 305 21.40 9.32 -29.56
C SER A 305 22.58 8.45 -29.98
N VAL A 306 23.07 7.57 -29.10
CA VAL A 306 24.06 6.58 -29.48
C VAL A 306 23.40 5.26 -29.83
N LEU A 307 22.38 4.88 -29.06
CA LEU A 307 21.59 3.71 -29.40
C LEU A 307 20.95 3.84 -30.78
N SER A 308 20.57 5.06 -31.16
CA SER A 308 19.99 5.27 -32.49
C SER A 308 21.02 5.10 -33.60
N HIS A 309 22.31 5.19 -33.28
CA HIS A 309 23.33 4.86 -34.26
C HIS A 309 23.73 3.39 -34.21
N LEU A 310 23.54 2.73 -33.07
CA LEU A 310 23.68 1.29 -33.02
C LEU A 310 22.47 0.57 -33.61
N ALA A 311 21.28 1.14 -33.46
CA ALA A 311 20.06 0.54 -33.99
C ALA A 311 19.91 0.70 -35.49
N SER A 312 20.90 1.28 -36.17
CA SER A 312 20.89 1.37 -37.62
C SER A 312 21.71 0.28 -38.29
N ILE A 313 22.73 -0.22 -37.60
CA ILE A 313 23.51 -1.35 -38.13
C ILE A 313 22.68 -2.63 -38.04
N SER A 314 22.23 -2.97 -36.84
CA SER A 314 21.39 -4.14 -36.63
C SER A 314 20.61 -3.94 -35.34
N THR A 315 19.35 -4.36 -35.35
CA THR A 315 18.47 -4.23 -34.19
C THR A 315 18.50 -5.46 -33.30
N ALA A 316 19.34 -6.45 -33.59
CA ALA A 316 19.41 -7.64 -32.78
C ALA A 316 19.76 -7.29 -31.33
N GLY A 317 19.02 -7.90 -30.40
CA GLY A 317 19.24 -7.62 -28.99
C GLY A 317 20.59 -8.02 -28.47
N VAL A 318 21.28 -8.93 -29.16
CA VAL A 318 22.63 -9.32 -28.76
C VAL A 318 23.67 -8.29 -29.17
N TRP A 319 23.29 -7.33 -30.02
CA TRP A 319 24.21 -6.30 -30.49
C TRP A 319 23.93 -4.93 -29.88
N MET A 320 22.67 -4.64 -29.54
CA MET A 320 22.35 -3.35 -28.94
C MET A 320 22.77 -3.27 -27.49
N ARG A 321 22.86 -4.42 -26.80
CA ARG A 321 23.31 -4.46 -25.41
C ARG A 321 24.81 -4.71 -25.30
N LEU A 322 25.58 -4.32 -26.30
CA LEU A 322 27.04 -4.45 -26.28
C LEU A 322 27.68 -3.38 -25.40
N PRO A 323 27.24 -2.12 -25.44
CA PRO A 323 27.79 -1.13 -24.49
C PRO A 323 27.40 -1.38 -23.05
N ALA A 324 26.51 -2.34 -22.78
CA ALA A 324 26.17 -2.71 -21.41
C ALA A 324 26.94 -3.93 -20.93
N THR A 325 27.85 -4.45 -21.74
CA THR A 325 28.76 -5.52 -21.36
C THR A 325 30.21 -5.08 -21.34
N ALA A 326 30.61 -4.22 -22.27
CA ALA A 326 31.92 -3.60 -22.18
C ALA A 326 32.02 -2.71 -20.94
N ALA A 327 30.93 -2.03 -20.59
CA ALA A 327 30.90 -1.21 -19.39
C ALA A 327 30.84 -2.03 -18.11
N ALA A 328 30.73 -3.35 -18.22
CA ALA A 328 30.85 -4.26 -17.09
C ALA A 328 32.23 -4.91 -17.03
N ILE A 329 32.77 -5.28 -18.19
CA ILE A 329 34.13 -5.81 -18.24
C ILE A 329 35.12 -4.76 -17.77
N ALA A 330 34.97 -3.51 -18.25
CA ALA A 330 35.84 -2.43 -17.80
C ALA A 330 35.65 -2.14 -16.32
N THR A 331 34.41 -2.18 -15.85
CA THR A 331 34.15 -1.96 -14.43
C THR A 331 34.87 -2.99 -13.57
N TRP A 332 34.78 -4.28 -13.94
CA TRP A 332 35.44 -5.30 -13.14
C TRP A 332 36.95 -5.20 -13.23
N LEU A 333 37.49 -4.90 -14.42
CA LEU A 333 38.94 -4.76 -14.54
C LEU A 333 39.44 -3.61 -13.68
N ILE A 334 38.71 -2.48 -13.68
CA ILE A 334 39.06 -1.38 -12.80
C ILE A 334 39.02 -1.83 -11.35
N ILE A 335 37.90 -2.44 -10.93
CA ILE A 335 37.73 -2.84 -9.54
C ILE A 335 38.87 -3.76 -9.09
N SER A 336 39.33 -4.63 -9.98
CA SER A 336 40.30 -5.65 -9.59
C SER A 336 41.75 -5.25 -9.84
N ARG A 337 42.01 -4.15 -10.55
CA ARG A 337 43.40 -3.81 -10.82
C ARG A 337 43.80 -2.40 -10.41
N CYS A 338 42.86 -1.47 -10.28
CA CYS A 338 43.18 -0.09 -9.92
C CYS A 338 42.58 0.31 -8.59
N VAL A 339 41.57 -0.40 -8.11
CA VAL A 339 40.90 -0.02 -6.88
C VAL A 339 41.40 -0.85 -5.70
N LEU A 340 41.34 -2.17 -5.83
CA LEU A 340 41.73 -3.06 -4.73
C LEU A 340 43.23 -2.98 -4.45
N PRO A 341 44.10 -2.95 -5.46
CA PRO A 341 45.52 -2.71 -5.17
C PRO A 341 45.80 -1.33 -4.58
N ARG A 342 44.86 -0.39 -4.67
CA ARG A 342 45.04 0.92 -4.07
C ARG A 342 44.66 0.92 -2.59
N ILE A 343 43.52 0.30 -2.27
CA ILE A 343 43.07 0.21 -0.87
C ILE A 343 44.12 -0.48 -0.01
N GLY A 344 44.84 -1.45 -0.56
CA GLY A 344 45.90 -2.10 0.18
C GLY A 344 46.64 -3.09 -0.69
N ARG A 345 47.88 -3.35 -0.32
CA ARG A 345 48.69 -4.35 -0.99
C ARG A 345 48.38 -5.76 -0.53
N ARG A 346 47.86 -5.92 0.68
CA ARG A 346 47.51 -7.23 1.23
C ARG A 346 46.03 -7.55 1.11
N VAL A 347 45.23 -6.65 0.56
CA VAL A 347 43.83 -6.94 0.27
C VAL A 347 43.64 -7.44 -1.16
N ALA A 348 44.56 -7.11 -2.07
CA ALA A 348 44.53 -7.64 -3.42
C ALA A 348 45.27 -8.98 -3.54
N ALA A 349 46.29 -9.19 -2.72
CA ALA A 349 47.04 -10.44 -2.70
C ALA A 349 46.41 -11.48 -1.79
N ASN A 350 45.18 -11.25 -1.32
CA ASN A 350 44.46 -12.21 -0.49
C ASN A 350 43.61 -13.08 -1.41
N ARG A 351 43.96 -14.37 -1.48
CA ARG A 351 43.31 -15.27 -2.44
C ARG A 351 41.82 -15.45 -2.17
N VAL A 352 41.34 -15.08 -0.99
CA VAL A 352 39.93 -15.23 -0.65
C VAL A 352 39.21 -13.89 -0.52
N ALA A 353 39.93 -12.78 -0.57
CA ALA A 353 39.30 -11.46 -0.60
C ALA A 353 39.11 -10.93 -2.01
N MET A 354 39.60 -11.66 -3.02
CA MET A 354 39.36 -11.34 -4.42
C MET A 354 38.25 -12.19 -5.02
N LEU A 355 38.21 -13.48 -4.68
CA LEU A 355 37.11 -14.33 -5.13
C LEU A 355 35.78 -13.82 -4.60
N THR A 356 35.75 -13.37 -3.34
CA THR A 356 34.51 -12.85 -2.79
C THR A 356 34.14 -11.51 -3.42
N ALA A 357 35.14 -10.71 -3.81
CA ALA A 357 34.83 -9.47 -4.52
C ALA A 357 34.22 -9.76 -5.88
N GLY A 358 34.78 -10.72 -6.61
CA GLY A 358 34.20 -11.12 -7.88
C GLY A 358 32.80 -11.68 -7.73
N ALA A 359 32.59 -12.53 -6.72
CA ALA A 359 31.27 -13.11 -6.51
C ALA A 359 30.25 -12.05 -6.14
N THR A 360 30.63 -11.07 -5.32
CA THR A 360 29.70 -10.02 -4.95
C THR A 360 29.41 -9.10 -6.14
N PHE A 361 30.44 -8.81 -6.94
CA PHE A 361 30.22 -8.02 -8.15
C PHE A 361 29.25 -8.71 -9.09
N LEU A 362 29.41 -10.02 -9.29
CA LEU A 362 28.48 -10.76 -10.13
C LEU A 362 27.06 -10.74 -9.55
N ALA A 363 26.94 -11.06 -8.26
CA ALA A 363 25.62 -11.12 -7.63
C ALA A 363 24.94 -9.76 -7.57
N ALA A 364 25.70 -8.67 -7.69
CA ALA A 364 25.10 -7.34 -7.70
C ALA A 364 24.91 -6.78 -9.11
N TRP A 365 25.61 -7.31 -10.10
CA TRP A 365 25.48 -6.82 -11.46
C TRP A 365 24.46 -7.60 -12.28
N LEU A 366 24.37 -8.91 -12.07
CA LEU A 366 23.45 -9.73 -12.88
C LEU A 366 21.99 -9.34 -12.72
N PRO A 367 21.44 -9.19 -11.51
CA PRO A 367 19.99 -8.92 -11.41
C PRO A 367 19.57 -7.56 -11.92
N PHE A 368 20.49 -6.59 -12.02
CA PHE A 368 20.11 -5.22 -12.34
C PHE A 368 20.51 -4.75 -13.73
N ASN A 369 21.76 -4.94 -14.16
CA ASN A 369 22.32 -4.24 -15.32
C ASN A 369 22.56 -5.23 -16.46
N ASN A 370 21.54 -5.46 -17.28
CA ASN A 370 21.68 -6.25 -18.49
C ASN A 370 21.01 -5.62 -19.71
N GLY A 371 20.01 -4.77 -19.53
CA GLY A 371 19.28 -4.23 -20.66
C GLY A 371 19.87 -2.95 -21.20
N LEU A 372 19.02 -2.10 -21.79
CA LEU A 372 19.44 -0.81 -22.32
C LEU A 372 19.25 0.31 -21.30
N ARG A 373 19.23 -0.01 -20.02
CA ARG A 373 19.18 1.01 -18.99
C ARG A 373 20.49 1.78 -18.95
N PRO A 374 20.48 3.00 -18.40
CA PRO A 374 21.73 3.76 -18.25
C PRO A 374 22.55 3.37 -17.04
N GLU A 375 22.07 2.44 -16.21
CA GLU A 375 22.79 2.01 -15.02
C GLU A 375 24.07 1.23 -15.34
N PRO A 376 24.11 0.38 -16.39
CA PRO A 376 25.39 -0.24 -16.75
C PRO A 376 26.49 0.76 -17.03
N LEU A 377 26.13 2.00 -17.34
CA LEU A 377 27.10 3.06 -17.57
C LEU A 377 27.29 3.96 -16.37
N ILE A 378 26.24 4.19 -15.58
CA ILE A 378 26.39 4.97 -14.35
C ILE A 378 27.29 4.24 -13.36
N ALA A 379 27.12 2.92 -13.24
CA ALA A 379 27.95 2.13 -12.33
C ALA A 379 29.41 2.10 -12.76
N PHE A 380 29.68 2.31 -14.06
CA PHE A 380 31.05 2.39 -14.52
C PHE A 380 31.62 3.79 -14.32
N ALA A 381 30.80 4.82 -14.57
CA ALA A 381 31.24 6.18 -14.37
C ALA A 381 31.54 6.47 -12.90
N VAL A 382 30.79 5.87 -11.99
CA VAL A 382 31.03 6.09 -10.56
C VAL A 382 32.42 5.61 -10.18
N ILE A 383 32.78 4.38 -10.60
CA ILE A 383 34.06 3.84 -10.19
C ILE A 383 35.21 4.48 -10.97
N THR A 384 34.96 4.93 -12.21
CA THR A 384 36.03 5.59 -12.95
C THR A 384 36.19 7.05 -12.54
N VAL A 385 35.23 7.61 -11.81
CA VAL A 385 35.43 8.91 -11.18
C VAL A 385 36.12 8.72 -9.83
N TRP A 386 35.77 7.66 -9.11
CA TRP A 386 36.45 7.35 -7.84
C TRP A 386 37.94 7.13 -8.06
N MET A 387 38.30 6.30 -9.04
CA MET A 387 39.71 6.01 -9.27
C MET A 387 40.47 7.24 -9.73
N LEU A 388 39.82 8.12 -10.50
CA LEU A 388 40.52 9.33 -10.96
C LEU A 388 40.69 10.32 -9.82
N VAL A 389 39.69 10.44 -8.94
CA VAL A 389 39.82 11.30 -7.77
C VAL A 389 40.95 10.79 -6.88
N GLU A 390 41.03 9.47 -6.68
CA GLU A 390 42.10 8.92 -5.86
C GLU A 390 43.46 9.07 -6.53
N ASN A 391 43.50 9.06 -7.86
CA ASN A 391 44.75 9.32 -8.58
C ASN A 391 45.13 10.78 -8.52
N SER A 392 44.17 11.68 -8.30
CA SER A 392 44.48 13.10 -8.15
C SER A 392 44.90 13.45 -6.73
N ILE A 393 44.31 12.79 -5.72
CA ILE A 393 44.65 13.12 -4.34
C ILE A 393 46.10 12.76 -4.04
N GLY A 394 46.42 11.47 -4.10
CA GLY A 394 47.82 11.08 -4.14
C GLY A 394 48.42 11.38 -5.50
N THR A 395 49.75 11.37 -5.56
CA THR A 395 50.47 11.76 -6.78
C THR A 395 49.93 13.10 -7.29
N ARG A 396 50.23 14.14 -6.52
CA ARG A 396 49.40 15.34 -6.48
C ARG A 396 49.36 16.00 -7.85
N ARG A 397 48.20 15.86 -8.50
CA ARG A 397 47.92 16.40 -9.82
C ARG A 397 46.47 16.81 -9.87
N LEU A 398 46.15 17.73 -10.78
CA LEU A 398 44.80 18.25 -10.87
C LEU A 398 44.06 17.88 -12.15
N TRP A 399 44.77 17.46 -13.20
CA TRP A 399 44.08 17.10 -14.43
C TRP A 399 43.26 15.82 -14.30
N PRO A 400 43.65 14.84 -13.47
CA PRO A 400 42.70 13.74 -13.21
C PRO A 400 41.42 14.20 -12.55
N ALA A 401 41.51 15.12 -11.58
CA ALA A 401 40.34 15.70 -10.95
C ALA A 401 39.60 16.68 -11.86
N ALA A 402 40.14 16.97 -13.04
CA ALA A 402 39.43 17.75 -14.04
C ALA A 402 38.76 16.89 -15.09
N VAL A 403 39.32 15.73 -15.40
CA VAL A 403 38.63 14.77 -16.28
C VAL A 403 37.55 14.03 -15.51
N ALA A 404 37.72 13.85 -14.20
CA ALA A 404 36.67 13.23 -13.40
C ALA A 404 35.40 14.06 -13.41
N ILE A 405 35.52 15.39 -13.44
CA ILE A 405 34.33 16.23 -13.50
C ILE A 405 33.65 16.11 -14.86
N VAL A 406 34.43 15.96 -15.94
CA VAL A 406 33.83 15.76 -17.25
C VAL A 406 33.08 14.42 -17.29
N ILE A 407 33.66 13.38 -16.70
CA ILE A 407 32.99 12.09 -16.66
C ILE A 407 31.72 12.17 -15.81
N ALA A 408 31.79 12.88 -14.68
CA ALA A 408 30.61 13.04 -13.85
C ALA A 408 29.52 13.84 -14.56
N MET A 409 29.91 14.81 -15.38
CA MET A 409 28.93 15.57 -16.14
C MET A 409 28.32 14.74 -17.26
N PHE A 410 29.08 13.81 -17.82
CA PHE A 410 28.51 12.88 -18.79
C PHE A 410 27.59 11.87 -18.11
N SER A 411 27.84 11.58 -16.83
CA SER A 411 27.00 10.64 -16.09
C SER A 411 25.75 11.28 -15.50
N VAL A 412 25.77 12.58 -15.21
CA VAL A 412 24.58 13.24 -14.67
C VAL A 412 23.50 13.33 -15.74
N THR A 413 23.88 13.48 -17.00
CA THR A 413 22.92 13.61 -18.10
C THR A 413 22.56 12.27 -18.74
N LEU A 414 22.63 11.18 -17.96
CA LEU A 414 22.17 9.88 -18.39
C LEU A 414 20.78 9.56 -17.83
N ALA A 415 20.56 9.83 -16.56
CA ALA A 415 19.28 9.62 -15.91
C ALA A 415 19.27 10.42 -14.62
N PRO A 416 18.08 10.74 -14.08
CA PRO A 416 18.03 11.46 -12.80
C PRO A 416 18.81 10.78 -11.69
N GLN A 417 18.89 9.45 -11.69
CA GLN A 417 19.71 8.73 -10.73
C GLN A 417 21.20 8.79 -11.04
N GLY A 418 21.59 9.57 -12.06
CA GLY A 418 22.98 9.63 -12.45
C GLY A 418 23.87 10.52 -11.62
N LEU A 419 23.29 11.35 -10.75
CA LEU A 419 24.11 12.23 -9.94
C LEU A 419 24.84 11.49 -8.83
N ILE A 420 24.71 10.16 -8.76
CA ILE A 420 25.50 9.36 -7.85
C ILE A 420 26.99 9.52 -8.15
N ALA A 421 27.33 9.73 -9.42
CA ALA A 421 28.72 9.93 -9.83
C ALA A 421 29.34 11.18 -9.23
N LEU A 422 28.54 12.04 -8.57
CA LEU A 422 29.09 13.20 -7.89
C LEU A 422 29.54 12.89 -6.48
N ALA A 423 29.05 11.82 -5.87
CA ALA A 423 29.46 11.46 -4.51
C ALA A 423 30.96 11.24 -4.39
N PRO A 424 31.63 10.49 -5.29
CA PRO A 424 33.10 10.39 -5.19
C PRO A 424 33.81 11.71 -5.42
N LEU A 425 33.13 12.72 -5.97
CA LEU A 425 33.71 14.05 -6.12
C LEU A 425 33.44 14.94 -4.92
N LEU A 426 32.35 14.70 -4.20
CA LEU A 426 32.04 15.50 -3.02
C LEU A 426 32.77 14.99 -1.80
N VAL A 427 32.87 13.67 -1.63
CA VAL A 427 33.60 13.12 -0.49
C VAL A 427 35.10 13.35 -0.61
N GLY A 428 35.60 13.56 -1.83
CA GLY A 428 37.01 13.81 -2.03
C GLY A 428 37.29 15.23 -2.45
N ALA A 429 36.57 16.19 -1.87
CA ALA A 429 36.75 17.59 -2.19
C ALA A 429 37.70 18.31 -1.25
N ARG A 430 37.75 17.90 0.02
CA ARG A 430 38.68 18.52 0.95
C ARG A 430 40.12 18.21 0.58
N ALA A 431 40.40 16.96 0.18
CA ALA A 431 41.76 16.61 -0.22
C ALA A 431 42.16 17.32 -1.52
N ILE A 432 41.23 17.52 -2.44
CA ILE A 432 41.55 18.27 -3.65
C ILE A 432 41.77 19.74 -3.31
N GLY A 433 41.00 20.29 -2.38
CA GLY A 433 41.30 21.63 -1.90
C GLY A 433 42.67 21.71 -1.25
N ARG A 434 43.09 20.64 -0.58
CA ARG A 434 44.40 20.63 0.06
C ARG A 434 45.52 20.54 -0.98
N VAL A 435 45.31 19.83 -2.08
CA VAL A 435 46.30 19.81 -3.14
C VAL A 435 46.23 21.04 -4.04
N VAL A 436 45.17 21.83 -3.92
CA VAL A 436 45.08 23.10 -4.64
C VAL A 436 45.74 24.23 -3.87
N THR A 437 45.45 24.34 -2.58
CA THR A 437 46.00 25.42 -1.76
C THR A 437 47.51 25.31 -1.58
N ALA A 438 48.10 24.21 -2.05
CA ALA A 438 49.54 24.09 -2.09
C ALA A 438 50.15 24.76 -3.31
N ARG A 439 49.33 25.41 -4.13
CA ARG A 439 49.81 26.14 -5.31
C ARG A 439 49.47 27.62 -5.26
N ARG A 440 48.82 28.10 -4.21
CA ARG A 440 48.46 29.51 -4.12
C ARG A 440 49.70 30.41 -4.24
N ALA A 441 50.85 29.93 -3.78
CA ALA A 441 52.08 30.69 -3.94
C ALA A 441 52.66 30.54 -5.34
N GLY A 442 52.62 29.32 -5.88
CA GLY A 442 53.19 29.04 -7.19
C GLY A 442 52.44 29.67 -8.34
N THR A 443 51.22 29.21 -8.59
CA THR A 443 50.44 29.68 -9.73
C THR A 443 49.20 30.48 -9.35
N GLY A 444 48.54 30.16 -8.24
CA GLY A 444 47.35 30.88 -7.85
C GLY A 444 46.12 30.01 -7.78
N ILE A 445 45.13 30.40 -6.97
CA ILE A 445 43.91 29.62 -6.84
C ILE A 445 42.96 29.81 -8.02
N LEU A 446 43.27 30.74 -8.92
CA LEU A 446 42.44 30.96 -10.11
C LEU A 446 42.88 30.11 -11.29
N ALA A 447 44.20 30.02 -11.52
CA ALA A 447 44.71 29.23 -12.63
C ALA A 447 44.58 27.72 -12.39
N SER A 448 44.17 27.30 -11.20
CA SER A 448 43.96 25.90 -10.90
C SER A 448 42.50 25.56 -10.64
N LEU A 449 41.61 26.56 -10.60
CA LEU A 449 40.18 26.33 -10.49
C LEU A 449 39.41 26.75 -11.73
N ALA A 450 40.01 27.55 -12.61
CA ALA A 450 39.36 27.89 -13.87
C ALA A 450 39.26 26.66 -14.78
N PRO A 451 40.30 25.82 -14.90
CA PRO A 451 40.10 24.56 -15.63
C PRO A 451 39.12 23.61 -14.95
N LEU A 452 39.03 23.65 -13.63
CA LEU A 452 38.06 22.83 -12.92
C LEU A 452 36.64 23.39 -13.01
N ALA A 453 36.51 24.66 -13.38
CA ALA A 453 35.19 25.27 -13.56
C ALA A 453 34.72 25.23 -15.01
N ALA A 454 35.65 25.21 -15.97
CA ALA A 454 35.27 25.06 -17.36
C ALA A 454 34.86 23.63 -17.70
N SER A 455 35.19 22.67 -16.83
CA SER A 455 34.78 21.28 -17.07
C SER A 455 33.33 21.06 -16.65
N VAL A 456 32.90 21.72 -15.58
CA VAL A 456 31.49 21.65 -15.17
C VAL A 456 30.58 22.27 -16.21
N ALA A 457 31.12 23.11 -17.09
CA ALA A 457 30.34 23.80 -18.12
C ALA A 457 30.27 23.02 -19.42
N VAL A 458 30.40 21.69 -19.37
CA VAL A 458 30.20 20.87 -20.56
C VAL A 458 28.81 20.27 -20.61
N VAL A 459 28.05 20.33 -19.50
CA VAL A 459 26.65 19.93 -19.53
C VAL A 459 25.85 20.82 -20.45
N PHE A 460 26.25 22.10 -20.56
CA PHE A 460 25.52 23.02 -21.43
C PHE A 460 25.73 22.70 -22.90
N VAL A 461 26.77 21.94 -23.24
CA VAL A 461 26.92 21.44 -24.61
C VAL A 461 26.32 20.05 -24.76
N ILE A 462 26.36 19.23 -23.71
CA ILE A 462 25.79 17.89 -23.78
C ILE A 462 24.27 17.95 -23.90
N ILE A 463 23.64 18.87 -23.17
CA ILE A 463 22.19 18.96 -23.17
C ILE A 463 21.67 19.76 -24.35
N PHE A 464 22.12 21.00 -24.48
CA PHE A 464 21.62 21.92 -25.50
C PHE A 464 22.49 21.87 -26.75
N ARG A 465 22.60 20.67 -27.33
CA ARG A 465 23.28 20.52 -28.60
C ARG A 465 22.31 20.42 -29.77
N ASP A 466 21.07 20.02 -29.53
CA ASP A 466 20.03 20.03 -30.54
C ASP A 466 18.87 20.94 -30.19
N GLN A 467 18.51 21.05 -28.91
CA GLN A 467 17.35 21.80 -28.48
C GLN A 467 17.76 23.01 -27.65
N THR A 468 16.86 23.99 -27.59
CA THR A 468 17.12 25.24 -26.90
C THR A 468 16.77 25.11 -25.42
N LEU A 469 16.74 26.26 -24.72
CA LEU A 469 16.38 26.26 -23.30
C LEU A 469 14.87 26.22 -23.13
N ALA A 470 14.14 26.99 -23.93
CA ALA A 470 12.68 27.00 -23.87
C ALA A 470 12.07 25.67 -24.25
N THR A 471 12.84 24.78 -24.88
CA THR A 471 12.38 23.44 -25.21
C THR A 471 12.60 22.47 -24.07
N VAL A 472 13.79 22.50 -23.44
CA VAL A 472 14.05 21.65 -22.30
C VAL A 472 13.15 22.02 -21.13
N ALA A 473 12.89 23.32 -20.95
CA ALA A 473 11.98 23.75 -19.89
C ALA A 473 10.59 23.16 -20.08
N GLU A 474 10.07 23.22 -21.31
CA GLU A 474 8.75 22.68 -21.58
C GLU A 474 8.72 21.15 -21.44
N SER A 475 9.80 20.49 -21.86
CA SER A 475 9.89 19.04 -21.70
C SER A 475 9.81 18.65 -20.22
N VAL A 476 10.58 19.33 -19.38
CA VAL A 476 10.57 19.02 -17.95
C VAL A 476 9.21 19.36 -17.34
N ARG A 477 8.60 20.45 -17.79
CA ARG A 477 7.28 20.81 -17.28
C ARG A 477 6.24 19.75 -17.62
N ILE A 478 6.28 19.24 -18.85
CA ILE A 478 5.34 18.18 -19.23
C ILE A 478 5.59 16.93 -18.39
N LYS A 479 6.85 16.52 -18.28
CA LYS A 479 7.18 15.32 -17.52
C LYS A 479 6.81 15.45 -16.05
N TYR A 480 6.75 16.68 -15.53
CA TYR A 480 6.33 16.85 -14.14
C TYR A 480 4.81 16.87 -14.01
N VAL A 481 4.12 17.59 -14.89
CA VAL A 481 2.67 17.74 -14.72
C VAL A 481 1.93 16.47 -15.13
N VAL A 482 2.56 15.61 -15.94
CA VAL A 482 1.88 14.44 -16.46
C VAL A 482 2.29 13.15 -15.76
N GLY A 483 3.57 12.79 -15.78
CA GLY A 483 3.99 11.46 -15.40
C GLY A 483 4.00 11.23 -13.90
N PRO A 484 4.19 9.97 -13.50
CA PRO A 484 4.20 9.62 -12.07
C PRO A 484 5.51 10.00 -11.42
N THR A 485 5.49 11.03 -10.59
CA THR A 485 6.65 11.46 -9.82
C THR A 485 6.25 11.50 -8.35
N ILE A 486 7.07 10.90 -7.50
CA ILE A 486 6.78 10.85 -6.07
C ILE A 486 7.71 11.81 -5.34
N PRO A 487 7.26 12.46 -4.28
CA PRO A 487 8.07 13.51 -3.64
C PRO A 487 9.30 12.98 -2.93
N TRP A 488 10.06 13.89 -2.32
CA TRP A 488 11.29 13.49 -1.63
C TRP A 488 11.01 12.84 -0.28
N TYR A 489 9.93 13.25 0.40
CA TYR A 489 9.65 12.71 1.73
C TYR A 489 9.13 11.29 1.68
N GLN A 490 8.82 10.77 0.49
CA GLN A 490 8.44 9.37 0.34
C GLN A 490 9.60 8.52 -0.18
N GLU A 491 10.83 8.79 0.23
CA GLU A 491 11.98 8.07 -0.30
C GLU A 491 11.96 6.61 0.13
N PHE A 492 11.53 6.32 1.36
CA PHE A 492 11.43 4.94 1.83
C PHE A 492 10.58 4.08 0.91
N LEU A 493 9.79 4.69 0.03
CA LEU A 493 9.01 3.92 -0.94
C LEU A 493 9.91 3.10 -1.84
N ARG A 494 11.15 3.54 -2.06
CA ARG A 494 12.09 2.76 -2.87
C ARG A 494 12.45 1.45 -2.19
N TYR A 495 12.90 1.53 -0.93
CA TYR A 495 13.21 0.33 -0.18
C TYR A 495 11.98 -0.52 0.09
N TYR A 496 10.80 0.08 0.08
CA TYR A 496 9.57 -0.71 0.14
C TYR A 496 9.36 -1.50 -1.14
N PHE A 497 9.41 -0.80 -2.29
CA PHE A 497 9.31 -1.47 -3.59
C PHE A 497 10.31 -2.61 -3.71
N LEU A 498 11.50 -2.44 -3.14
CA LEU A 498 12.51 -3.48 -3.21
C LEU A 498 12.05 -4.75 -2.52
N THR A 499 11.31 -4.63 -1.42
CA THR A 499 10.83 -5.76 -0.64
C THR A 499 9.30 -5.72 -0.60
N VAL A 500 8.68 -6.30 -1.61
CA VAL A 500 7.23 -6.44 -1.67
C VAL A 500 6.90 -7.92 -1.85
N GLU A 501 5.92 -8.40 -1.08
CA GLU A 501 5.51 -9.79 -1.17
C GLU A 501 4.88 -10.06 -2.53
N ASP A 502 5.31 -11.17 -3.16
CA ASP A 502 4.74 -11.63 -4.43
C ASP A 502 4.93 -10.59 -5.54
N SER A 503 6.16 -10.13 -5.70
CA SER A 503 6.50 -9.14 -6.72
C SER A 503 7.73 -9.58 -7.48
N VAL A 504 7.82 -9.12 -8.73
CA VAL A 504 8.97 -9.39 -9.59
C VAL A 504 9.87 -8.18 -9.74
N ASP A 505 9.46 -7.01 -9.23
CA ASP A 505 10.39 -5.89 -9.18
C ASP A 505 11.51 -6.15 -8.19
N GLY A 506 11.15 -6.51 -6.95
CA GLY A 506 12.14 -7.02 -6.02
C GLY A 506 12.09 -8.52 -5.93
N SER A 507 12.99 -9.19 -6.66
CA SER A 507 13.12 -10.64 -6.57
C SER A 507 13.97 -10.97 -5.36
N LEU A 508 14.31 -12.25 -5.18
CA LEU A 508 15.27 -12.59 -4.15
C LEU A 508 16.69 -12.23 -4.58
N THR A 509 16.99 -12.39 -5.87
CA THR A 509 18.30 -12.00 -6.40
C THR A 509 18.53 -10.51 -6.33
N ARG A 510 17.47 -9.70 -6.30
CA ARG A 510 17.61 -8.25 -6.18
C ARG A 510 17.61 -7.80 -4.73
N ARG A 511 16.87 -8.47 -3.86
CA ARG A 511 16.95 -8.16 -2.44
C ARG A 511 18.33 -8.52 -1.88
N PHE A 512 18.89 -9.64 -2.32
CA PHE A 512 20.17 -10.09 -1.78
C PHE A 512 21.26 -9.08 -2.05
N ALA A 513 21.33 -8.56 -3.28
CA ALA A 513 22.39 -7.61 -3.63
C ALA A 513 22.34 -6.36 -2.75
N VAL A 514 21.18 -5.76 -2.59
CA VAL A 514 21.06 -4.54 -1.80
C VAL A 514 21.28 -4.80 -0.31
N LEU A 515 20.76 -5.92 0.20
CA LEU A 515 20.97 -6.22 1.62
C LEU A 515 22.44 -6.48 1.90
N VAL A 516 23.14 -7.15 1.00
CA VAL A 516 24.57 -7.38 1.21
C VAL A 516 25.35 -6.08 1.08
N LEU A 517 24.95 -5.20 0.16
CA LEU A 517 25.61 -3.90 0.05
C LEU A 517 25.46 -3.11 1.34
N LEU A 518 24.25 -3.07 1.89
CA LEU A 518 24.03 -2.34 3.13
C LEU A 518 24.77 -2.98 4.30
N LEU A 519 24.79 -4.31 4.34
CA LEU A 519 25.54 -5.01 5.39
C LEU A 519 27.02 -4.64 5.32
N CYS A 520 27.62 -4.75 4.14
CA CYS A 520 29.03 -4.42 4.00
C CYS A 520 29.30 -2.97 4.36
N LEU A 521 28.46 -2.04 3.90
CA LEU A 521 28.67 -0.63 4.20
C LEU A 521 28.61 -0.36 5.70
N PHE A 522 27.52 -0.78 6.35
CA PHE A 522 27.33 -0.49 7.77
C PHE A 522 28.18 -1.37 8.67
N GLY A 523 28.84 -2.40 8.14
CA GLY A 523 29.80 -3.14 8.93
C GLY A 523 31.18 -2.52 8.81
N LEU A 524 31.54 -2.08 7.61
CA LEU A 524 32.83 -1.41 7.45
C LEU A 524 32.86 -0.08 8.17
N ILE A 525 31.75 0.66 8.17
CA ILE A 525 31.70 1.91 8.91
C ILE A 525 31.83 1.65 10.41
N MET A 526 31.16 0.62 10.91
CA MET A 526 31.27 0.29 12.33
C MET A 526 32.67 -0.14 12.70
N VAL A 527 33.34 -0.89 11.82
CA VAL A 527 34.71 -1.30 12.10
C VAL A 527 35.66 -0.13 12.05
N LEU A 528 35.41 0.83 11.15
CA LEU A 528 36.27 2.00 11.06
C LEU A 528 36.04 2.98 12.21
N LEU A 529 34.85 2.97 12.81
CA LEU A 529 34.60 3.80 13.99
C LEU A 529 35.13 3.13 15.24
N ARG A 530 34.70 1.90 15.52
CA ARG A 530 35.10 1.15 16.69
C ARG A 530 36.62 0.99 16.76
N ARG A 531 37.19 0.30 15.78
CA ARG A 531 38.64 0.25 15.65
C ARG A 531 39.12 1.42 14.81
N GLY A 532 40.28 1.97 15.17
CA GLY A 532 40.79 3.15 14.48
C GLY A 532 41.03 2.93 13.00
N ARG A 533 41.28 1.69 12.59
CA ARG A 533 41.65 1.40 11.21
C ARG A 533 41.43 -0.09 10.96
N VAL A 534 41.67 -0.50 9.72
CA VAL A 534 41.67 -1.90 9.33
C VAL A 534 43.10 -2.26 8.93
N PRO A 535 43.78 -3.16 9.66
CA PRO A 535 45.18 -3.45 9.37
C PRO A 535 45.33 -4.15 8.02
N GLY A 536 46.27 -3.66 7.22
CA GLY A 536 46.50 -4.20 5.90
C GLY A 536 46.00 -3.29 4.80
N ALA A 537 44.83 -2.71 5.00
CA ALA A 537 44.23 -1.77 4.07
C ALA A 537 44.46 -0.35 4.57
N VAL A 538 45.03 0.50 3.72
CA VAL A 538 45.27 1.88 4.10
C VAL A 538 43.94 2.58 4.35
N SER A 539 43.89 3.38 5.41
CA SER A 539 42.64 3.97 5.89
C SER A 539 42.28 5.28 5.19
N GLY A 540 43.11 5.74 4.24
CA GLY A 540 42.80 6.94 3.52
C GLY A 540 41.64 6.76 2.57
N PRO A 541 41.85 5.98 1.51
CA PRO A 541 40.75 5.72 0.56
C PRO A 541 39.68 4.79 1.08
N LEU A 542 39.97 4.02 2.14
CA LEU A 542 38.94 3.16 2.72
C LEU A 542 37.81 3.96 3.34
N TRP A 543 38.08 5.20 3.75
CA TRP A 543 37.02 6.06 4.27
C TRP A 543 36.22 6.70 3.13
N ARG A 544 36.91 7.07 2.05
CA ARG A 544 36.22 7.68 0.92
C ARG A 544 35.38 6.67 0.16
N LEU A 545 35.77 5.39 0.19
CA LEU A 545 34.97 4.36 -0.48
C LEU A 545 33.63 4.17 0.21
N CYS A 546 33.57 4.37 1.52
CA CYS A 546 32.30 4.33 2.25
C CYS A 546 31.55 5.65 2.19
N GLY A 547 32.28 6.76 2.19
CA GLY A 547 31.64 8.04 2.02
C GLY A 547 30.93 8.16 0.68
N SER A 548 31.54 7.61 -0.38
CA SER A 548 30.91 7.65 -1.70
C SER A 548 29.58 6.90 -1.68
N THR A 549 29.56 5.71 -1.09
CA THR A 549 28.32 4.92 -1.04
C THR A 549 27.27 5.60 -0.19
N ALA A 550 27.67 6.16 0.96
CA ALA A 550 26.69 6.83 1.82
C ALA A 550 26.12 8.07 1.15
N ILE A 551 26.96 8.90 0.54
CA ILE A 551 26.48 10.10 -0.13
C ILE A 551 25.65 9.72 -1.36
N GLY A 552 25.94 8.60 -2.00
CA GLY A 552 25.09 8.16 -3.10
C GLY A 552 23.72 7.74 -2.62
N LEU A 553 23.67 6.93 -1.56
CA LEU A 553 22.38 6.52 -1.00
C LEU A 553 21.60 7.71 -0.46
N LEU A 554 22.28 8.78 -0.09
CA LEU A 554 21.58 9.99 0.34
C LEU A 554 21.10 10.82 -0.84
N LEU A 555 21.95 11.02 -1.84
CA LEU A 555 21.57 11.75 -3.05
C LEU A 555 20.45 11.05 -3.82
N LEU A 556 20.27 9.76 -3.60
CA LEU A 556 19.15 9.07 -4.26
C LEU A 556 17.79 9.54 -3.75
N ILE A 557 17.73 10.53 -2.87
CA ILE A 557 16.46 11.06 -2.38
C ILE A 557 15.83 11.98 -3.43
N LEU A 558 16.65 12.73 -4.15
CA LEU A 558 16.16 13.79 -5.03
C LEU A 558 15.55 13.27 -6.31
N THR A 559 15.80 12.02 -6.69
CA THR A 559 15.31 11.51 -7.96
C THR A 559 13.78 11.47 -7.97
N PRO A 560 13.15 11.81 -9.10
CA PRO A 560 11.68 11.84 -9.16
C PRO A 560 11.06 10.46 -9.09
N THR A 561 11.57 9.54 -9.89
CA THR A 561 11.07 8.16 -9.94
C THR A 561 11.96 7.29 -9.07
N LYS A 562 11.34 6.49 -8.21
CA LYS A 562 12.06 5.72 -7.20
C LYS A 562 11.82 4.22 -7.33
N TRP A 563 11.91 3.68 -8.54
CA TRP A 563 11.77 2.25 -8.75
C TRP A 563 12.89 1.50 -8.02
N ALA A 564 12.74 0.18 -7.89
CA ALA A 564 13.74 -0.64 -7.21
C ALA A 564 14.87 -1.08 -8.13
N ILE A 565 14.77 -0.82 -9.44
CA ILE A 565 15.82 -1.20 -10.37
C ILE A 565 16.91 -0.14 -10.47
N GLN A 566 16.76 0.99 -9.77
CA GLN A 566 17.77 2.04 -9.80
C GLN A 566 18.90 1.79 -8.83
N PHE A 567 18.88 0.68 -8.10
CA PHE A 567 20.00 0.29 -7.25
C PHE A 567 21.16 -0.30 -8.06
N GLY A 568 20.98 -0.50 -9.36
CA GLY A 568 22.04 -1.04 -10.19
C GLY A 568 23.23 -0.12 -10.38
N ALA A 569 23.10 1.15 -10.00
CA ALA A 569 24.21 2.07 -10.10
C ALA A 569 25.27 1.83 -9.04
N PHE A 570 24.97 1.01 -8.03
CA PHE A 570 25.92 0.68 -6.97
C PHE A 570 26.58 -0.68 -7.19
N ALA A 571 26.43 -1.28 -8.36
CA ALA A 571 27.07 -2.56 -8.63
C ALA A 571 28.57 -2.43 -8.85
N GLY A 572 29.09 -1.21 -8.95
CA GLY A 572 30.52 -1.00 -9.04
C GLY A 572 31.12 -0.76 -7.68
N LEU A 573 30.31 -0.22 -6.76
CA LEU A 573 30.78 -0.01 -5.39
C LEU A 573 30.60 -1.27 -4.54
N ALA A 574 29.56 -2.05 -4.79
CA ALA A 574 29.33 -3.26 -4.00
C ALA A 574 30.43 -4.29 -4.23
N GLY A 575 30.89 -4.43 -5.48
CA GLY A 575 31.95 -5.37 -5.76
C GLY A 575 33.25 -5.02 -5.07
N ALA A 576 33.61 -3.73 -5.08
CA ALA A 576 34.83 -3.29 -4.42
C ALA A 576 34.68 -3.17 -2.91
N LEU A 577 33.45 -3.18 -2.40
CA LEU A 577 33.24 -3.06 -0.97
C LEU A 577 33.12 -4.41 -0.28
N GLY A 578 32.51 -5.40 -0.95
CA GLY A 578 32.44 -6.74 -0.41
C GLY A 578 33.74 -7.50 -0.46
N GLY A 579 34.78 -6.94 -1.07
CA GLY A 579 36.09 -7.57 -1.08
C GLY A 579 36.98 -6.97 0.00
N VAL A 580 36.53 -5.87 0.60
CA VAL A 580 37.23 -5.26 1.72
C VAL A 580 36.51 -5.67 3.00
N THR A 581 35.19 -5.89 2.90
CA THR A 581 34.45 -6.38 4.07
C THR A 581 34.88 -7.79 4.45
N ALA A 582 35.01 -8.68 3.46
CA ALA A 582 35.42 -10.05 3.74
C ALA A 582 36.89 -10.16 4.10
N PHE A 583 37.64 -9.06 4.10
CA PHE A 583 39.00 -9.03 4.58
C PHE A 583 39.13 -8.38 5.95
N ALA A 584 38.35 -7.33 6.20
CA ALA A 584 38.32 -6.73 7.54
C ALA A 584 37.67 -7.67 8.54
N PHE A 585 36.54 -8.27 8.17
CA PHE A 585 35.83 -9.15 9.09
C PHE A 585 36.61 -10.41 9.41
N ALA A 586 37.55 -10.82 8.55
CA ALA A 586 38.43 -11.93 8.89
C ALA A 586 39.22 -11.63 10.15
N ARG A 587 39.99 -10.54 10.14
CA ARG A 587 40.75 -10.14 11.32
C ARG A 587 39.82 -9.81 12.48
N VAL A 588 38.64 -9.28 12.21
CA VAL A 588 37.72 -8.91 13.29
C VAL A 588 37.22 -10.15 14.01
N GLY A 589 36.59 -11.08 13.29
CA GLY A 589 36.07 -12.30 13.83
C GLY A 589 37.08 -13.38 14.12
N LEU A 590 38.37 -13.12 13.87
CA LEU A 590 39.41 -14.02 14.31
C LEU A 590 39.85 -13.72 15.74
N HIS A 591 39.67 -12.49 16.20
CA HIS A 591 40.02 -12.10 17.56
C HIS A 591 38.96 -12.48 18.59
N SER A 592 37.85 -13.08 18.16
CA SER A 592 36.78 -13.43 19.08
C SER A 592 35.87 -14.44 18.41
N ARG A 593 35.23 -15.27 19.23
CA ARG A 593 34.28 -16.26 18.74
C ARG A 593 32.86 -15.74 18.68
N ARG A 594 32.60 -14.54 19.22
CA ARG A 594 31.27 -13.96 19.20
C ARG A 594 31.03 -13.11 17.96
N ASN A 595 32.04 -12.35 17.52
CA ASN A 595 31.91 -11.55 16.31
C ASN A 595 31.70 -12.44 15.09
N LEU A 596 32.37 -13.60 15.05
CA LEU A 596 32.18 -14.52 13.95
C LEU A 596 30.75 -15.06 13.93
N ALA A 597 30.22 -15.41 15.10
CA ALA A 597 28.84 -15.90 15.17
C ALA A 597 27.85 -14.82 14.77
N LEU A 598 28.11 -13.57 15.17
CA LEU A 598 27.23 -12.47 14.78
C LEU A 598 27.27 -12.25 13.27
N TYR A 599 28.46 -12.28 12.69
CA TYR A 599 28.60 -12.17 11.24
C TYR A 599 27.83 -13.27 10.52
N VAL A 600 27.99 -14.51 10.97
CA VAL A 600 27.33 -15.64 10.31
C VAL A 600 25.82 -15.54 10.44
N THR A 601 25.31 -15.16 11.63
CA THR A 601 23.87 -15.08 11.79
C THR A 601 23.28 -13.89 11.06
N ALA A 602 24.05 -12.80 10.89
CA ALA A 602 23.59 -11.70 10.06
C ALA A 602 23.47 -12.13 8.60
N LEU A 603 24.47 -12.87 8.10
CA LEU A 603 24.38 -13.41 6.74
C LEU A 603 23.18 -14.34 6.60
N LEU A 604 22.94 -15.19 7.60
CA LEU A 604 21.83 -16.13 7.52
C LEU A 604 20.48 -15.43 7.59
N PHE A 605 20.39 -14.35 8.37
CA PHE A 605 19.14 -13.59 8.41
C PHE A 605 18.91 -12.84 7.11
N ILE A 606 19.98 -12.32 6.50
CA ILE A 606 19.84 -11.68 5.20
C ILE A 606 19.37 -12.70 4.15
N LEU A 607 19.90 -13.92 4.23
CA LEU A 607 19.45 -14.97 3.31
C LEU A 607 17.99 -15.33 3.56
N ALA A 608 17.59 -15.45 4.83
CA ALA A 608 16.20 -15.76 5.14
C ALA A 608 15.25 -14.67 4.69
N TRP A 609 15.70 -13.42 4.74
CA TRP A 609 14.87 -12.32 4.27
C TRP A 609 14.77 -12.31 2.75
N ALA A 610 15.90 -12.51 2.06
CA ALA A 610 15.90 -12.49 0.61
C ALA A 610 15.08 -13.65 0.04
N THR A 611 15.29 -14.87 0.56
CA THR A 611 14.65 -16.06 0.02
C THR A 611 13.14 -16.08 0.25
N SER A 612 12.58 -15.07 0.91
CA SER A 612 11.14 -14.99 1.12
C SER A 612 10.39 -14.41 -0.06
N GLY A 613 11.09 -14.04 -1.13
CA GLY A 613 10.48 -13.49 -2.32
C GLY A 613 10.54 -14.45 -3.49
N LEU A 614 9.99 -13.98 -4.61
CA LEU A 614 9.93 -14.79 -5.82
C LEU A 614 11.29 -14.84 -6.51
N ASN A 615 11.34 -15.55 -7.64
CA ASN A 615 12.52 -15.60 -8.49
C ASN A 615 12.23 -15.13 -9.90
N GLY A 616 11.11 -14.43 -10.10
CA GLY A 616 10.75 -13.98 -11.42
C GLY A 616 11.65 -12.86 -11.92
N TRP A 617 11.76 -12.76 -13.24
CA TRP A 617 12.62 -11.75 -13.85
C TRP A 617 11.84 -10.71 -14.63
N PHE A 618 11.07 -11.11 -15.63
CA PHE A 618 10.27 -10.16 -16.42
C PHE A 618 9.30 -10.96 -17.30
N TYR A 619 8.68 -10.25 -18.24
CA TYR A 619 7.71 -10.84 -19.15
C TYR A 619 8.18 -12.12 -19.84
N VAL A 620 9.34 -12.06 -20.49
CA VAL A 620 9.84 -13.23 -21.21
C VAL A 620 10.92 -13.97 -20.42
N GLY A 621 11.57 -13.32 -19.46
CA GLY A 621 12.63 -13.97 -18.71
C GLY A 621 12.15 -15.11 -17.83
N ASN A 622 10.85 -15.19 -17.57
CA ASN A 622 10.28 -16.20 -16.69
C ASN A 622 9.84 -17.47 -17.42
N TYR A 623 10.44 -17.76 -18.57
CA TYR A 623 10.05 -18.94 -19.35
C TYR A 623 10.98 -20.09 -18.98
N GLY A 624 10.58 -20.86 -17.97
CA GLY A 624 11.35 -21.98 -17.50
C GLY A 624 12.12 -21.75 -16.21
N VAL A 625 12.05 -20.55 -15.65
CA VAL A 625 12.74 -20.28 -14.38
C VAL A 625 12.11 -21.13 -13.28
N PRO A 626 12.89 -21.70 -12.37
CA PRO A 626 12.32 -22.63 -11.37
C PRO A 626 11.21 -22.04 -10.52
N TRP A 627 11.47 -20.94 -9.80
CA TRP A 627 10.55 -20.44 -8.79
C TRP A 627 10.01 -19.05 -9.12
N PHE A 628 9.62 -18.81 -10.37
CA PHE A 628 9.18 -17.47 -10.74
C PHE A 628 7.79 -17.14 -10.20
N ASP A 629 6.92 -18.13 -10.07
CA ASP A 629 5.54 -17.89 -9.69
C ASP A 629 5.28 -18.02 -8.19
N LYS A 630 6.14 -18.70 -7.46
CA LYS A 630 5.94 -18.91 -6.02
C LYS A 630 7.29 -18.83 -5.32
N GLN A 631 7.23 -18.57 -4.01
CA GLN A 631 8.46 -18.46 -3.24
C GLN A 631 9.11 -19.83 -3.08
N PRO A 632 10.44 -19.87 -2.91
CA PRO A 632 11.15 -21.15 -2.98
C PRO A 632 10.75 -22.09 -1.86
N VAL A 633 10.52 -23.36 -2.21
CA VAL A 633 10.28 -24.44 -1.27
C VAL A 633 11.20 -25.60 -1.66
N ILE A 634 11.59 -26.40 -0.69
CA ILE A 634 12.53 -27.50 -0.93
C ILE A 634 11.80 -28.80 -1.25
N ALA A 635 11.00 -29.31 -0.30
CA ALA A 635 10.10 -30.42 -0.60
C ALA A 635 8.66 -29.96 -0.40
N HIS A 636 8.33 -29.57 0.83
CA HIS A 636 7.13 -28.83 1.13
C HIS A 636 7.35 -27.68 2.11
N TYR A 637 8.55 -27.59 2.69
CA TYR A 637 8.86 -26.52 3.62
C TYR A 637 9.43 -25.33 2.86
N PRO A 638 9.02 -24.10 3.18
CA PRO A 638 9.66 -22.93 2.57
C PRO A 638 11.12 -22.84 3.00
N VAL A 639 11.93 -22.24 2.12
CA VAL A 639 13.35 -22.12 2.42
C VAL A 639 13.59 -21.00 3.43
N THR A 640 12.71 -20.00 3.46
CA THR A 640 12.88 -18.90 4.39
C THR A 640 12.75 -19.36 5.84
N THR A 641 11.89 -20.33 6.12
CA THR A 641 11.77 -20.83 7.48
C THR A 641 12.99 -21.66 7.87
N ILE A 642 13.57 -22.39 6.92
CA ILE A 642 14.80 -23.13 7.19
C ILE A 642 15.92 -22.16 7.55
N PHE A 643 16.10 -21.12 6.73
CA PHE A 643 17.15 -20.15 7.04
C PHE A 643 16.85 -19.38 8.30
N LEU A 644 15.57 -19.20 8.65
CA LEU A 644 15.25 -18.50 9.88
C LEU A 644 15.54 -19.37 11.11
N VAL A 645 15.24 -20.65 11.05
CA VAL A 645 15.57 -21.53 12.16
C VAL A 645 17.05 -21.84 12.25
N LEU A 646 17.81 -21.54 11.18
CA LEU A 646 19.27 -21.55 11.30
C LEU A 646 19.78 -20.25 11.91
N ALA A 647 19.17 -19.12 11.53
CA ALA A 647 19.60 -17.83 12.06
C ALA A 647 19.30 -17.70 13.55
N ILE A 648 18.18 -18.28 14.00
CA ILE A 648 17.88 -18.20 15.43
C ILE A 648 18.83 -19.10 16.22
N VAL A 649 19.26 -20.21 15.65
CA VAL A 649 20.27 -21.04 16.30
C VAL A 649 21.59 -20.29 16.39
N GLY A 650 21.98 -19.63 15.30
CA GLY A 650 23.19 -18.81 15.35
C GLY A 650 23.09 -17.70 16.38
N GLY A 651 21.91 -17.08 16.50
CA GLY A 651 21.74 -16.03 17.48
C GLY A 651 21.80 -16.54 18.91
N LEU A 652 21.19 -17.70 19.17
CA LEU A 652 21.29 -18.30 20.50
C LEU A 652 22.73 -18.67 20.83
N LEU A 653 23.49 -19.14 19.84
CA LEU A 653 24.89 -19.47 20.09
C LEU A 653 25.71 -18.20 20.35
N ALA A 654 25.42 -17.12 19.62
CA ALA A 654 26.08 -15.85 19.88
C ALA A 654 25.75 -15.34 21.27
N GLY A 655 24.50 -15.48 21.70
CA GLY A 655 24.13 -15.07 23.03
C GLY A 655 24.82 -15.89 24.11
N TRP A 656 24.95 -17.20 23.87
CA TRP A 656 25.63 -18.06 24.84
C TRP A 656 27.13 -17.75 24.90
N LEU A 657 27.72 -17.34 23.78
CA LEU A 657 29.12 -16.93 23.80
C LEU A 657 29.30 -15.52 24.36
N HIS A 658 28.23 -14.72 24.36
CA HIS A 658 28.29 -13.39 24.95
C HIS A 658 28.14 -13.44 26.47
N PHE A 659 27.22 -14.25 26.96
CA PHE A 659 26.95 -14.33 28.39
C PHE A 659 28.09 -14.96 29.18
N ARG A 660 29.03 -15.65 28.52
CA ARG A 660 30.11 -16.33 29.21
C ARG A 660 31.47 -15.66 28.96
N MET A 661 31.47 -14.44 28.42
CA MET A 661 32.72 -13.72 28.23
C MET A 661 33.33 -13.24 29.54
N ASP A 662 32.62 -13.36 30.66
CA ASP A 662 33.12 -12.95 31.96
C ASP A 662 33.67 -14.11 32.79
N TYR A 663 33.39 -15.36 32.40
CA TYR A 663 33.88 -16.52 33.13
C TYR A 663 35.07 -17.18 32.46
N ALA A 664 34.99 -17.40 31.15
CA ALA A 664 36.13 -17.94 30.41
C ALA A 664 37.17 -16.89 30.08
N GLY A 665 37.08 -15.70 30.68
CA GLY A 665 37.99 -14.62 30.32
C GLY A 665 37.76 -14.20 28.88
N HIS A 666 38.84 -13.88 28.19
CA HIS A 666 38.80 -13.57 26.76
C HIS A 666 39.91 -14.36 26.08
N THR A 667 39.55 -15.48 25.47
CA THR A 667 40.49 -16.33 24.75
C THR A 667 40.22 -16.24 23.27
N GLU A 668 41.28 -16.13 22.48
CA GLU A 668 41.18 -15.99 21.04
C GLU A 668 41.29 -17.37 20.38
N VAL A 669 41.03 -17.42 19.08
CA VAL A 669 41.17 -18.65 18.33
C VAL A 669 42.61 -18.75 17.85
N ALA A 670 43.10 -19.99 17.72
CA ALA A 670 44.45 -20.20 17.25
C ALA A 670 44.54 -19.90 15.75
N ASP A 671 45.60 -19.21 15.36
CA ASP A 671 45.80 -18.81 13.97
C ASP A 671 46.39 -19.99 13.21
N THR A 672 45.57 -21.00 12.97
CA THR A 672 45.94 -22.17 12.19
C THR A 672 45.29 -22.08 10.81
N GLY A 673 45.52 -23.11 9.98
CA GLY A 673 44.93 -23.13 8.66
C GLY A 673 43.42 -23.27 8.68
N ARG A 674 42.89 -24.04 9.62
CA ARG A 674 41.46 -24.28 9.67
C ARG A 674 40.70 -23.03 10.09
N ASN A 675 41.36 -22.08 10.75
CA ASN A 675 40.72 -20.86 11.19
C ASN A 675 41.15 -19.63 10.40
N ARG A 676 42.30 -19.67 9.74
CA ARG A 676 42.71 -18.56 8.90
C ARG A 676 41.78 -18.36 7.72
N ALA A 677 41.15 -19.43 7.25
CA ALA A 677 40.28 -19.37 6.08
C ALA A 677 38.83 -19.73 6.41
N LEU A 678 38.46 -19.75 7.69
CA LEU A 678 37.08 -20.01 8.09
C LEU A 678 36.34 -18.72 8.44
N ALA A 679 37.03 -17.74 8.99
CA ALA A 679 36.41 -16.46 9.34
C ALA A 679 36.18 -15.56 8.14
N SER A 680 36.67 -15.94 6.96
CA SER A 680 36.54 -15.11 5.76
C SER A 680 35.77 -15.77 4.64
N THR A 681 35.48 -17.07 4.73
CA THR A 681 34.74 -17.82 3.72
C THR A 681 33.26 -17.42 3.66
N PRO A 682 32.62 -17.06 4.78
CA PRO A 682 31.30 -16.42 4.68
C PRO A 682 31.33 -15.18 3.81
N LEU A 683 30.19 -14.91 3.18
CA LEU A 683 29.98 -13.83 2.20
C LEU A 683 30.67 -14.17 0.89
N LEU A 684 31.45 -15.25 0.89
CA LEU A 684 31.83 -15.91 -0.35
C LEU A 684 30.94 -17.11 -0.60
N ILE A 685 30.65 -17.88 0.45
CA ILE A 685 29.75 -19.03 0.32
C ILE A 685 28.39 -18.58 -0.19
N VAL A 686 27.75 -17.65 0.54
CA VAL A 686 26.40 -17.25 0.16
C VAL A 686 26.40 -16.48 -1.15
N ALA A 687 27.45 -15.72 -1.43
CA ALA A 687 27.51 -14.96 -2.67
C ALA A 687 27.62 -15.88 -3.88
N THR A 688 28.47 -16.91 -3.79
CA THR A 688 28.59 -17.84 -4.90
C THR A 688 27.35 -18.73 -4.99
N ILE A 689 26.67 -18.97 -3.87
CA ILE A 689 25.39 -19.69 -3.94
C ILE A 689 24.37 -18.87 -4.72
N MET A 690 24.27 -17.57 -4.44
CA MET A 690 23.33 -16.73 -5.18
C MET A 690 23.72 -16.62 -6.65
N VAL A 691 25.02 -16.51 -6.94
CA VAL A 691 25.48 -16.43 -8.33
C VAL A 691 25.12 -17.72 -9.07
N VAL A 692 25.41 -18.86 -8.46
CA VAL A 692 25.11 -20.15 -9.09
C VAL A 692 23.60 -20.30 -9.27
N LEU A 693 22.81 -19.82 -8.31
CA LEU A 693 21.36 -19.92 -8.42
C LEU A 693 20.86 -19.09 -9.60
N GLU A 694 21.25 -17.81 -9.66
CA GLU A 694 20.73 -16.92 -10.69
C GLU A 694 21.40 -17.11 -12.04
N LEU A 695 22.43 -17.95 -12.13
CA LEU A 695 22.96 -18.36 -13.44
C LEU A 695 22.39 -19.70 -13.90
N GLY A 696 22.19 -20.65 -12.98
CA GLY A 696 21.57 -21.90 -13.34
C GLY A 696 20.10 -21.74 -13.67
N SER A 697 19.40 -20.84 -12.98
CA SER A 697 17.99 -20.61 -13.28
C SER A 697 17.77 -20.05 -14.67
N MET A 698 18.83 -19.69 -15.39
CA MET A 698 18.75 -19.28 -16.78
C MET A 698 19.37 -20.30 -17.73
N VAL A 699 20.54 -20.85 -17.38
CA VAL A 699 21.13 -21.86 -18.24
C VAL A 699 20.26 -23.10 -18.32
N LYS A 700 19.64 -23.50 -17.21
CA LYS A 700 18.72 -24.62 -17.23
C LYS A 700 17.45 -24.28 -18.00
N ALA A 701 16.91 -23.08 -17.80
CA ALA A 701 15.72 -22.68 -18.54
C ALA A 701 15.98 -22.62 -20.04
N THR A 702 17.23 -22.41 -20.44
CA THR A 702 17.56 -22.39 -21.86
C THR A 702 17.85 -23.77 -22.42
N VAL A 703 18.63 -24.59 -21.72
CA VAL A 703 18.93 -25.94 -22.20
C VAL A 703 17.66 -26.79 -22.21
N GLY A 704 16.97 -26.87 -21.08
CA GLY A 704 15.61 -27.37 -21.10
C GLY A 704 14.72 -26.47 -21.93
N ARG A 705 13.58 -27.00 -22.35
CA ARG A 705 12.73 -26.01 -23.02
C ARG A 705 13.54 -25.51 -24.20
N TYR A 706 13.90 -26.40 -25.12
CA TYR A 706 14.61 -25.95 -26.32
C TYR A 706 14.14 -26.80 -27.49
N PRO A 707 13.65 -26.28 -28.63
CA PRO A 707 13.34 -24.85 -28.80
C PRO A 707 12.21 -24.18 -28.01
N VAL A 708 10.97 -24.60 -28.18
CA VAL A 708 9.79 -23.98 -27.51
C VAL A 708 9.91 -22.45 -27.53
N TYR A 709 10.95 -21.92 -26.86
CA TYR A 709 11.28 -20.47 -26.98
C TYR A 709 11.78 -19.98 -25.65
N THR A 710 12.98 -19.33 -25.64
CA THR A 710 13.60 -18.72 -24.47
C THR A 710 14.30 -17.45 -24.93
N VAL A 711 14.52 -16.54 -23.99
CA VAL A 711 15.26 -15.32 -24.29
C VAL A 711 16.72 -15.59 -24.61
N GLY A 712 17.19 -16.81 -24.37
CA GLY A 712 18.54 -17.20 -24.73
C GLY A 712 18.59 -17.88 -26.08
N SER A 713 17.54 -18.63 -26.41
CA SER A 713 17.49 -19.27 -27.72
C SER A 713 17.36 -18.25 -28.84
N ALA A 714 16.64 -17.15 -28.59
CA ALA A 714 16.56 -16.07 -29.58
C ALA A 714 17.94 -15.49 -29.86
N ASN A 715 18.72 -15.24 -28.80
CA ASN A 715 20.06 -14.68 -28.99
C ASN A 715 20.98 -15.68 -29.65
N ILE A 716 20.84 -16.97 -29.33
CA ILE A 716 21.67 -17.99 -29.98
C ILE A 716 21.34 -18.06 -31.47
N ALA A 717 20.05 -17.97 -31.82
CA ALA A 717 19.66 -17.98 -33.23
C ALA A 717 20.15 -16.73 -33.94
N ALA A 718 20.13 -15.58 -33.26
CA ALA A 718 20.64 -14.35 -33.87
C ALA A 718 22.15 -14.41 -34.07
N LEU A 719 22.86 -15.10 -33.17
CA LEU A 719 24.30 -15.28 -33.36
C LEU A 719 24.59 -16.23 -34.51
N ARG A 720 23.84 -17.33 -34.60
CA ARG A 720 24.09 -18.31 -35.66
C ARG A 720 23.73 -17.74 -37.03
N SER A 721 22.62 -17.02 -37.12
CA SER A 721 22.15 -16.47 -38.38
C SER A 721 22.74 -15.10 -38.70
N ALA A 722 23.77 -14.68 -37.97
CA ALA A 722 24.49 -13.43 -38.22
C ALA A 722 23.61 -12.20 -38.04
N GLY A 723 22.38 -12.37 -37.58
CA GLY A 723 21.53 -11.23 -37.28
C GLY A 723 20.46 -10.93 -38.31
N ASP A 724 19.86 -11.97 -38.88
CA ASP A 724 18.73 -11.80 -39.81
C ASP A 724 17.60 -12.78 -39.48
N SER A 725 17.48 -13.18 -38.22
CA SER A 725 16.41 -14.05 -37.77
C SER A 725 15.71 -13.36 -36.60
N CYS A 726 14.42 -13.08 -36.79
CA CYS A 726 13.67 -12.37 -35.76
C CYS A 726 13.47 -13.25 -34.53
N ALA A 727 13.37 -12.60 -33.38
CA ALA A 727 13.42 -13.34 -32.11
C ALA A 727 12.11 -14.06 -31.81
N MET A 728 11.02 -13.32 -31.65
CA MET A 728 9.76 -13.91 -31.23
C MET A 728 8.73 -14.01 -32.35
N ALA A 729 8.95 -13.34 -33.49
CA ALA A 729 8.03 -13.51 -34.60
C ALA A 729 8.20 -14.84 -35.30
N ASP A 730 9.19 -15.64 -34.91
CA ASP A 730 9.37 -16.98 -35.43
C ASP A 730 8.72 -18.04 -34.55
N ALA A 731 8.56 -17.78 -33.26
CA ALA A 731 7.90 -18.71 -32.37
C ALA A 731 6.38 -18.55 -32.43
N VAL A 732 5.90 -17.31 -32.35
CA VAL A 732 4.46 -17.05 -32.33
C VAL A 732 3.83 -17.50 -33.64
N LEU A 733 2.72 -18.21 -33.55
CA LEU A 733 1.92 -18.62 -34.71
C LEU A 733 0.58 -17.89 -34.64
N VAL A 734 0.28 -17.12 -35.69
CA VAL A 734 -0.96 -16.37 -35.75
C VAL A 734 -1.90 -17.05 -36.75
N GLU A 735 -3.15 -16.58 -36.77
CA GLU A 735 -4.18 -17.16 -37.63
C GLU A 735 -5.02 -16.02 -38.21
N ALA A 736 -4.67 -15.61 -39.43
CA ALA A 736 -5.53 -14.70 -40.17
C ALA A 736 -6.69 -15.48 -40.77
N ASP A 737 -7.83 -14.79 -40.92
CA ASP A 737 -9.06 -15.39 -41.43
C ASP A 737 -9.41 -16.63 -40.61
N PRO A 738 -9.86 -16.46 -39.36
CA PRO A 738 -10.07 -17.64 -38.50
C PRO A 738 -11.35 -18.40 -38.83
N ASN A 739 -11.96 -18.12 -39.98
CA ASN A 739 -13.12 -18.88 -40.42
C ASN A 739 -12.82 -19.76 -41.64
N GLU A 740 -11.58 -19.78 -42.12
CA GLU A 740 -11.18 -20.75 -43.13
C GLU A 740 -10.63 -22.02 -42.51
N GLY A 741 -10.60 -22.11 -41.19
CA GLY A 741 -10.11 -23.30 -40.50
C GLY A 741 -11.22 -24.05 -39.81
N MET A 742 -12.45 -23.55 -39.91
CA MET A 742 -13.60 -24.22 -39.33
C MET A 742 -13.78 -25.60 -39.94
N LEU A 743 -14.50 -26.45 -39.24
CA LEU A 743 -14.71 -27.83 -39.64
C LEU A 743 -16.17 -28.04 -40.04
N GLN A 744 -16.37 -28.83 -41.08
CA GLN A 744 -17.71 -29.11 -41.54
C GLN A 744 -18.19 -30.46 -41.03
N PRO A 745 -19.45 -30.57 -40.61
CA PRO A 745 -19.95 -31.85 -40.12
C PRO A 745 -19.95 -32.90 -41.23
N VAL A 746 -19.89 -34.16 -40.83
CA VAL A 746 -20.03 -35.24 -41.80
C VAL A 746 -21.44 -35.19 -42.39
N PRO A 747 -21.62 -35.31 -43.70
CA PRO A 747 -22.93 -35.05 -44.31
C PRO A 747 -24.11 -35.79 -43.69
N GLY A 748 -24.05 -37.12 -43.60
CA GLY A 748 -25.21 -37.87 -43.15
C GLY A 748 -25.34 -37.99 -41.65
N GLN A 749 -26.18 -37.15 -41.05
CA GLN A 749 -26.42 -37.16 -39.61
C GLN A 749 -27.86 -36.74 -39.36
N ARG A 750 -28.21 -36.60 -38.09
CA ARG A 750 -29.52 -36.14 -37.65
C ARG A 750 -29.31 -34.90 -36.77
N PHE A 751 -29.45 -33.72 -37.37
CA PHE A 751 -29.11 -32.48 -36.69
C PHE A 751 -30.16 -32.08 -35.66
N GLY A 752 -31.38 -31.81 -36.11
CA GLY A 752 -32.45 -31.40 -35.21
C GLY A 752 -33.07 -30.08 -35.66
N GLU A 753 -33.45 -29.26 -34.69
CA GLU A 753 -34.23 -28.05 -34.96
C GLU A 753 -33.36 -26.82 -35.20
N TYR A 754 -32.17 -26.73 -34.60
CA TYR A 754 -31.25 -25.63 -34.92
C TYR A 754 -29.81 -26.15 -34.90
N GLY A 755 -29.17 -26.12 -36.07
CA GLY A 755 -27.74 -26.27 -36.18
C GLY A 755 -27.21 -27.66 -35.86
N PRO A 756 -26.05 -28.00 -36.46
CA PRO A 756 -25.32 -29.22 -36.08
C PRO A 756 -24.38 -29.01 -34.90
N LEU A 757 -24.86 -28.33 -33.87
CA LEU A 757 -24.16 -28.21 -32.59
C LEU A 757 -24.92 -28.90 -31.47
N GLY A 758 -26.05 -29.55 -31.79
CA GLY A 758 -26.71 -30.46 -30.91
C GLY A 758 -27.44 -31.47 -31.75
N GLY A 759 -27.11 -32.76 -31.61
CA GLY A 759 -27.66 -33.76 -32.49
C GLY A 759 -29.01 -34.25 -32.03
N GLU A 760 -29.08 -34.65 -30.76
CA GLU A 760 -30.32 -35.09 -30.13
C GLU A 760 -30.58 -34.23 -28.91
N ASP A 761 -31.82 -33.73 -28.82
CA ASP A 761 -32.44 -33.01 -27.70
C ASP A 761 -31.43 -32.19 -26.88
N PRO A 762 -30.86 -31.12 -27.44
CA PRO A 762 -29.94 -30.29 -26.63
C PRO A 762 -30.69 -29.60 -25.50
N VAL A 763 -30.42 -30.03 -24.27
CA VAL A 763 -31.16 -29.58 -23.11
C VAL A 763 -30.65 -28.21 -22.70
N GLY A 764 -31.49 -27.19 -22.84
CA GLY A 764 -31.19 -25.87 -22.29
C GLY A 764 -29.97 -25.20 -22.87
N PHE A 765 -29.66 -25.44 -24.14
CA PHE A 765 -28.54 -24.79 -24.83
C PHE A 765 -29.11 -24.06 -26.05
N THR A 766 -29.45 -22.79 -25.85
CA THR A 766 -30.06 -21.90 -26.83
C THR A 766 -29.00 -21.10 -27.57
N PRO A 767 -29.17 -20.92 -28.89
CA PRO A 767 -28.18 -20.14 -29.65
C PRO A 767 -28.01 -18.72 -29.14
N ASN A 768 -29.07 -18.12 -28.59
CA ASN A 768 -28.99 -16.79 -28.00
C ASN A 768 -28.67 -16.83 -26.51
N GLY A 769 -28.02 -17.90 -26.05
CA GLY A 769 -27.77 -18.07 -24.62
C GLY A 769 -26.60 -17.29 -24.08
N VAL A 770 -25.74 -16.74 -24.94
CA VAL A 770 -24.55 -16.06 -24.47
C VAL A 770 -24.95 -14.76 -23.78
N SER A 771 -24.31 -14.48 -22.64
CA SER A 771 -24.53 -13.23 -21.93
C SER A 771 -23.93 -12.06 -22.71
N ASP A 772 -24.07 -10.87 -22.16
CA ASP A 772 -23.62 -9.66 -22.83
C ASP A 772 -22.79 -8.74 -21.93
N THR A 773 -22.48 -9.17 -20.71
CA THR A 773 -21.61 -8.42 -19.81
C THR A 773 -20.50 -9.33 -19.28
N LEU A 774 -19.83 -10.05 -20.17
CA LEU A 774 -18.76 -10.95 -19.78
C LEU A 774 -17.64 -10.16 -19.13
N GLU A 775 -17.49 -10.34 -17.82
CA GLU A 775 -16.60 -9.51 -17.02
C GLU A 775 -15.90 -10.36 -15.97
N PRO A 776 -14.57 -10.30 -15.89
CA PRO A 776 -13.85 -11.12 -14.90
C PRO A 776 -14.26 -10.75 -13.49
N ALA A 777 -14.63 -11.78 -12.71
CA ALA A 777 -15.21 -11.56 -11.39
C ALA A 777 -14.27 -10.80 -10.47
N GLU A 778 -12.96 -10.93 -10.67
CA GLU A 778 -12.00 -10.23 -9.85
C GLU A 778 -11.06 -9.42 -10.71
N PRO A 779 -10.66 -8.23 -10.26
CA PRO A 779 -9.69 -7.43 -11.01
C PRO A 779 -8.28 -7.99 -10.91
N VAL A 780 -7.30 -7.29 -11.46
CA VAL A 780 -5.93 -7.79 -11.47
C VAL A 780 -5.17 -7.38 -10.22
N ALA A 781 -5.41 -6.16 -9.73
CA ALA A 781 -4.79 -5.67 -8.49
C ALA A 781 -3.27 -5.70 -8.58
N ALA A 782 -2.71 -4.92 -9.50
CA ALA A 782 -1.27 -4.85 -9.73
C ALA A 782 -0.50 -4.58 -8.45
N ASN A 783 0.66 -5.21 -8.31
CA ASN A 783 1.51 -4.99 -7.16
C ASN A 783 2.30 -3.68 -7.30
N PRO A 784 2.56 -3.00 -6.18
CA PRO A 784 3.26 -1.71 -6.27
C PRO A 784 4.72 -1.90 -6.65
N GLY A 785 5.21 -1.00 -7.51
CA GLY A 785 6.58 -1.03 -7.96
C GLY A 785 6.77 -1.37 -9.42
N THR A 786 5.71 -1.65 -10.16
CA THR A 786 5.84 -1.95 -11.58
C THR A 786 6.48 -0.75 -12.29
N PRO A 787 7.56 -0.94 -13.04
CA PRO A 787 8.34 0.20 -13.52
C PRO A 787 7.60 1.11 -14.50
N ASN A 788 6.53 0.59 -15.11
CA ASN A 788 5.74 1.39 -16.09
C ASN A 788 4.26 1.38 -15.70
N SER A 789 3.87 2.25 -14.77
CA SER A 789 2.48 2.34 -14.33
C SER A 789 2.28 3.66 -13.62
N ASP A 790 1.24 4.39 -14.05
CA ASP A 790 0.95 5.71 -13.50
C ASP A 790 0.02 5.65 -12.29
N GLY A 791 -0.28 4.46 -11.79
CA GLY A 791 -1.15 4.32 -10.65
C GLY A 791 -0.57 4.93 -9.39
N PRO A 792 -1.44 5.44 -8.52
CA PRO A 792 -0.96 6.04 -7.27
C PRO A 792 -0.30 4.99 -6.38
N VAL A 793 0.60 5.46 -5.51
CA VAL A 793 1.37 4.56 -4.66
C VAL A 793 0.74 4.32 -3.30
N ASP A 794 -0.29 5.08 -2.94
CA ASP A 794 -0.95 4.97 -1.65
C ASP A 794 -2.24 4.15 -1.71
N LYS A 795 -2.45 3.42 -2.79
CA LYS A 795 -3.65 2.60 -2.96
C LYS A 795 -3.38 1.56 -4.03
N PRO A 796 -4.09 0.43 -4.01
CA PRO A 796 -3.86 -0.60 -5.01
C PRO A 796 -4.16 -0.11 -6.43
N ASN A 797 -3.57 -0.81 -7.40
CA ASN A 797 -3.73 -0.48 -8.82
C ASN A 797 -4.76 -1.45 -9.41
N ILE A 798 -6.03 -1.09 -9.28
CA ILE A 798 -7.12 -1.93 -9.75
C ILE A 798 -7.45 -1.57 -11.19
N GLY A 799 -7.47 -2.58 -12.06
CA GLY A 799 -7.82 -2.38 -13.45
C GLY A 799 -8.44 -3.63 -14.03
N ILE A 800 -8.96 -3.50 -15.25
CA ILE A 800 -9.56 -4.62 -15.97
C ILE A 800 -9.64 -4.24 -17.43
N GLY A 801 -9.59 -5.25 -18.30
CA GLY A 801 -9.65 -5.01 -19.73
C GLY A 801 -10.06 -6.25 -20.49
N TYR A 802 -10.37 -6.03 -21.78
CA TYR A 802 -10.72 -7.10 -22.69
C TYR A 802 -9.85 -6.97 -23.93
N ALA A 803 -9.70 -8.08 -24.68
CA ALA A 803 -8.74 -8.06 -25.78
C ALA A 803 -9.16 -7.08 -26.86
N ALA A 804 -10.16 -7.42 -27.67
CA ALA A 804 -10.67 -6.48 -28.65
C ALA A 804 -12.18 -6.30 -28.56
N GLY A 805 -12.90 -7.41 -28.59
CA GLY A 805 -14.35 -7.41 -28.54
C GLY A 805 -14.84 -8.62 -27.79
N THR A 806 -13.90 -9.40 -27.27
CA THR A 806 -14.21 -10.56 -26.44
C THR A 806 -14.81 -10.05 -25.13
N GLY A 807 -16.13 -10.16 -25.00
CA GLY A 807 -16.83 -9.60 -23.87
C GLY A 807 -17.77 -8.50 -24.30
N GLY A 808 -18.23 -8.57 -25.54
CA GLY A 808 -19.06 -7.55 -26.14
C GLY A 808 -20.54 -7.83 -26.00
N GLY A 809 -21.32 -7.31 -26.94
CA GLY A 809 -22.76 -7.41 -26.87
C GLY A 809 -23.40 -8.18 -28.00
N TYR A 810 -24.27 -7.51 -28.76
CA TYR A 810 -25.09 -8.14 -29.78
C TYR A 810 -24.54 -7.82 -31.18
N GLY A 811 -25.06 -8.57 -32.16
CA GLY A 811 -24.67 -8.38 -33.54
C GLY A 811 -25.77 -8.83 -34.48
N PRO A 812 -25.42 -9.01 -35.75
CA PRO A 812 -26.43 -9.44 -36.74
C PRO A 812 -26.79 -10.90 -36.56
N GLU A 813 -27.81 -11.32 -37.33
CA GLU A 813 -28.31 -12.69 -37.25
C GLU A 813 -27.27 -13.67 -37.76
N GLY A 814 -27.04 -14.73 -37.01
CA GLY A 814 -26.08 -15.75 -37.40
C GLY A 814 -26.68 -16.81 -38.30
N VAL A 815 -26.27 -18.07 -38.09
CA VAL A 815 -26.80 -19.18 -38.89
C VAL A 815 -28.02 -19.81 -38.24
N ASN A 816 -27.97 -20.00 -36.93
CA ASN A 816 -29.07 -20.56 -36.14
C ASN A 816 -29.73 -19.50 -35.28
N GLY A 817 -29.85 -18.29 -35.80
CA GLY A 817 -30.27 -17.14 -34.99
C GLY A 817 -29.06 -16.50 -34.29
N SER A 818 -29.06 -16.57 -32.96
CA SER A 818 -27.89 -16.22 -32.14
C SER A 818 -27.36 -14.82 -32.49
N ARG A 819 -28.17 -13.81 -32.20
CA ARG A 819 -27.76 -12.42 -32.40
C ARG A 819 -26.76 -12.08 -31.31
N VAL A 820 -25.55 -12.64 -31.40
CA VAL A 820 -24.50 -12.41 -30.43
C VAL A 820 -23.23 -12.04 -31.19
N PHE A 821 -22.41 -11.19 -30.57
CA PHE A 821 -21.21 -10.67 -31.22
C PHE A 821 -20.12 -11.73 -31.19
N LEU A 822 -19.75 -12.23 -32.37
CA LEU A 822 -18.68 -13.23 -32.48
C LEU A 822 -17.34 -12.53 -32.59
N PRO A 823 -16.40 -12.78 -31.69
CA PRO A 823 -15.10 -12.09 -31.75
C PRO A 823 -14.14 -12.71 -32.74
N PHE A 824 -12.91 -12.20 -32.77
CA PHE A 824 -11.81 -12.73 -33.57
C PHE A 824 -12.08 -12.59 -35.07
N GLY A 825 -13.20 -12.01 -35.45
CA GLY A 825 -13.56 -11.91 -36.85
C GLY A 825 -14.24 -13.13 -37.42
N LEU A 826 -14.90 -13.92 -36.57
CA LEU A 826 -15.63 -15.09 -37.06
C LEU A 826 -16.88 -14.65 -37.79
N ASP A 827 -17.02 -15.09 -39.03
CA ASP A 827 -18.15 -14.70 -39.85
C ASP A 827 -19.43 -15.31 -39.27
N PRO A 828 -20.42 -14.50 -38.88
CA PRO A 828 -21.65 -15.06 -38.32
C PRO A 828 -22.52 -15.78 -39.34
N SER A 829 -22.29 -15.58 -40.63
CA SER A 829 -23.05 -16.30 -41.64
C SER A 829 -22.56 -17.72 -41.83
N ARG A 830 -21.53 -18.13 -41.09
CA ARG A 830 -20.96 -19.48 -41.18
C ARG A 830 -20.61 -20.06 -39.82
N THR A 831 -21.23 -19.58 -38.74
CA THR A 831 -20.81 -19.95 -37.39
C THR A 831 -22.02 -20.01 -36.46
N PRO A 832 -22.51 -21.21 -36.14
CA PRO A 832 -23.55 -21.32 -35.12
C PRO A 832 -22.98 -21.13 -33.72
N VAL A 833 -23.88 -20.93 -32.77
CA VAL A 833 -23.52 -20.69 -31.37
C VAL A 833 -24.49 -21.48 -30.48
N MET A 834 -24.01 -21.85 -29.30
CA MET A 834 -24.84 -22.45 -28.26
C MET A 834 -24.42 -21.87 -26.92
N GLY A 835 -25.37 -21.80 -25.99
CA GLY A 835 -25.10 -21.17 -24.70
C GLY A 835 -26.03 -21.60 -23.59
N SER A 836 -25.51 -21.60 -22.35
CA SER A 836 -26.26 -22.06 -21.20
C SER A 836 -26.59 -20.96 -20.20
N TYR A 837 -26.46 -19.69 -20.57
CA TYR A 837 -26.79 -18.58 -19.69
C TYR A 837 -28.23 -18.15 -19.96
N GLY A 838 -29.05 -18.18 -18.92
CA GLY A 838 -30.46 -17.88 -19.06
C GLY A 838 -31.32 -19.04 -18.63
N GLU A 839 -30.88 -20.26 -18.97
CA GLU A 839 -31.52 -21.48 -18.51
C GLU A 839 -30.82 -21.99 -17.25
N ASN A 840 -30.80 -21.12 -16.24
CA ASN A 840 -30.05 -21.39 -15.03
C ASN A 840 -30.69 -22.43 -14.12
N LYS A 841 -31.89 -22.90 -14.44
CA LYS A 841 -32.60 -23.88 -13.62
C LYS A 841 -32.91 -25.17 -14.36
N LEU A 842 -32.03 -25.62 -15.26
CA LEU A 842 -32.33 -26.76 -16.11
C LEU A 842 -31.23 -27.81 -16.18
N ALA A 843 -30.02 -27.51 -15.69
CA ALA A 843 -28.88 -28.43 -15.77
C ALA A 843 -28.60 -28.82 -17.23
N ALA A 844 -28.20 -27.81 -18.00
CA ALA A 844 -28.11 -27.96 -19.45
C ALA A 844 -27.04 -28.96 -19.86
N LYS A 845 -27.33 -29.71 -20.92
CA LYS A 845 -26.41 -30.69 -21.49
C LYS A 845 -26.57 -30.68 -23.01
N ALA A 846 -25.50 -31.00 -23.71
CA ALA A 846 -25.49 -30.92 -25.18
C ALA A 846 -24.31 -31.71 -25.72
N THR A 847 -24.49 -32.21 -26.94
CA THR A 847 -23.49 -33.02 -27.64
C THR A 847 -23.52 -32.63 -29.12
N SER A 848 -22.33 -32.44 -29.68
CA SER A 848 -22.16 -31.92 -31.04
C SER A 848 -22.41 -33.02 -32.06
N ALA A 849 -22.06 -32.74 -33.32
CA ALA A 849 -22.46 -33.56 -34.45
C ALA A 849 -21.29 -34.06 -35.28
N TRP A 850 -20.25 -34.59 -34.62
CA TRP A 850 -19.17 -35.35 -35.30
C TRP A 850 -18.53 -34.54 -36.42
N TYR A 851 -17.87 -33.44 -36.06
CA TYR A 851 -17.15 -32.65 -37.05
C TYR A 851 -15.94 -33.43 -37.57
N GLN A 852 -15.72 -33.34 -38.88
CA GLN A 852 -14.74 -34.18 -39.56
C GLN A 852 -13.40 -33.48 -39.63
N LEU A 853 -12.36 -34.13 -39.07
CA LEU A 853 -11.01 -33.58 -39.01
C LEU A 853 -10.27 -33.84 -40.31
N PRO A 854 -9.39 -32.93 -40.71
CA PRO A 854 -8.61 -33.13 -41.93
C PRO A 854 -7.50 -34.14 -41.71
N PRO A 855 -6.85 -34.61 -42.79
CA PRO A 855 -5.71 -35.52 -42.61
C PRO A 855 -4.59 -34.86 -41.83
N ARG A 856 -3.87 -35.66 -41.07
CA ARG A 856 -2.86 -35.15 -40.16
C ARG A 856 -1.69 -34.54 -40.93
N THR A 857 -1.15 -33.44 -40.38
CA THR A 857 0.01 -32.76 -40.92
C THR A 857 0.65 -31.97 -39.80
N PRO A 858 1.98 -31.93 -39.70
CA PRO A 858 2.63 -31.28 -38.55
C PRO A 858 2.51 -29.76 -38.56
N ASP A 859 1.78 -29.20 -39.52
CA ASP A 859 1.66 -27.76 -39.64
C ASP A 859 0.43 -27.19 -38.94
N ARG A 860 -0.55 -28.02 -38.59
CA ARG A 860 -1.76 -27.58 -37.90
C ARG A 860 -1.99 -28.47 -36.68
N PRO A 861 -1.15 -28.33 -35.64
CA PRO A 861 -1.22 -29.22 -34.47
C PRO A 861 -2.18 -28.72 -33.38
N LEU A 862 -3.40 -28.38 -33.76
CA LEU A 862 -4.36 -27.86 -32.80
C LEU A 862 -5.78 -28.09 -33.29
N VAL A 863 -6.71 -28.21 -32.33
CA VAL A 863 -8.14 -28.12 -32.58
C VAL A 863 -8.68 -27.12 -31.57
N THR A 864 -9.21 -26.00 -32.04
CA THR A 864 -9.51 -24.87 -31.18
C THR A 864 -11.01 -24.57 -31.21
N VAL A 865 -11.51 -24.06 -30.08
CA VAL A 865 -12.88 -23.61 -29.96
C VAL A 865 -12.90 -22.28 -29.19
N ALA A 866 -14.09 -21.69 -29.10
CA ALA A 866 -14.30 -20.45 -28.37
C ALA A 866 -15.19 -20.73 -27.18
N ALA A 867 -14.87 -20.13 -26.02
CA ALA A 867 -15.48 -20.54 -24.77
C ALA A 867 -16.52 -19.56 -24.23
N ALA A 868 -16.14 -18.31 -23.97
CA ALA A 868 -17.07 -17.31 -23.47
C ALA A 868 -17.83 -17.74 -22.23
N GLY A 869 -17.12 -18.00 -21.13
CA GLY A 869 -17.83 -18.37 -19.91
C GLY A 869 -16.85 -18.77 -18.81
N ALA A 870 -17.30 -19.74 -18.02
CA ALA A 870 -16.50 -20.32 -16.94
C ALA A 870 -16.44 -21.83 -17.17
N ILE A 871 -15.24 -22.33 -17.46
CA ILE A 871 -15.05 -23.73 -17.84
C ILE A 871 -13.97 -24.36 -16.97
N TRP A 872 -14.19 -25.62 -16.61
CA TRP A 872 -13.27 -26.39 -15.79
C TRP A 872 -12.14 -26.93 -16.66
N TYR A 873 -10.91 -26.53 -16.35
CA TYR A 873 -9.75 -27.00 -17.09
C TYR A 873 -8.59 -27.19 -16.13
N TYR A 874 -7.71 -28.14 -16.46
CA TYR A 874 -6.51 -28.37 -15.68
C TYR A 874 -5.42 -27.39 -16.09
N GLU A 875 -4.67 -26.91 -15.10
CA GLU A 875 -3.56 -26.02 -15.38
C GLU A 875 -2.36 -26.86 -15.81
N GLU A 876 -1.19 -26.24 -15.90
CA GLU A 876 -0.01 -26.96 -16.38
C GLU A 876 0.43 -28.04 -15.39
N ASP A 877 0.29 -27.76 -14.10
CA ASP A 877 0.71 -28.70 -13.04
C ASP A 877 -0.45 -28.95 -12.07
N GLY A 878 -1.35 -29.85 -12.45
CA GLY A 878 -2.34 -30.34 -11.51
C GLY A 878 -3.45 -29.38 -11.17
N SER A 879 -3.09 -28.14 -10.85
CA SER A 879 -4.04 -27.15 -10.34
C SER A 879 -5.25 -27.01 -11.24
N PHE A 880 -6.39 -26.69 -10.64
CA PHE A 880 -7.67 -26.65 -11.31
C PHE A 880 -8.24 -25.24 -11.33
N ASN A 881 -9.36 -25.10 -12.04
CA ASN A 881 -10.17 -23.89 -12.03
C ASN A 881 -11.62 -24.34 -12.12
N TYR A 882 -12.47 -23.83 -11.22
CA TYR A 882 -13.77 -24.42 -10.97
C TYR A 882 -14.60 -24.61 -12.24
N GLY A 883 -15.00 -23.52 -12.87
CA GLY A 883 -15.67 -23.56 -14.16
C GLY A 883 -16.80 -24.56 -14.32
N GLN A 884 -17.00 -25.03 -15.54
CA GLN A 884 -17.98 -26.07 -15.85
C GLN A 884 -17.34 -27.07 -16.81
N SER A 885 -18.08 -28.13 -17.11
CA SER A 885 -17.55 -29.23 -17.89
C SER A 885 -17.62 -28.92 -19.38
N LEU A 886 -16.48 -28.98 -20.05
CA LEU A 886 -16.40 -28.95 -21.50
C LEU A 886 -15.23 -29.83 -21.92
N LYS A 887 -15.48 -30.75 -22.84
CA LYS A 887 -14.45 -31.68 -23.29
C LYS A 887 -14.57 -31.85 -24.80
N LEU A 888 -13.62 -32.57 -25.38
CA LEU A 888 -13.65 -32.89 -26.79
C LEU A 888 -13.40 -34.38 -26.95
N GLN A 889 -14.31 -35.06 -27.65
CA GLN A 889 -14.27 -36.52 -27.77
C GLN A 889 -13.93 -36.90 -29.20
N TRP A 890 -12.77 -37.53 -29.39
CA TRP A 890 -12.34 -37.97 -30.70
C TRP A 890 -13.16 -39.17 -31.16
N GLY A 891 -12.85 -39.66 -32.35
CA GLY A 891 -13.53 -40.82 -32.88
C GLY A 891 -13.14 -41.13 -34.30
N VAL A 892 -13.18 -42.39 -34.68
CA VAL A 892 -12.86 -42.82 -36.03
C VAL A 892 -14.15 -42.97 -36.81
N HIS A 893 -14.07 -42.79 -38.12
CA HIS A 893 -15.21 -42.88 -39.03
C HIS A 893 -15.00 -44.09 -39.92
N ARG A 894 -15.65 -45.20 -39.58
CA ARG A 894 -15.55 -46.40 -40.39
C ARG A 894 -16.11 -46.14 -41.78
N PRO A 895 -15.69 -46.90 -42.79
CA PRO A 895 -16.15 -46.64 -44.16
C PRO A 895 -17.60 -47.02 -44.40
N ASP A 896 -18.32 -47.36 -43.33
CA ASP A 896 -19.74 -47.72 -43.43
C ASP A 896 -20.61 -46.92 -42.46
N GLY A 897 -20.13 -45.75 -42.01
CA GLY A 897 -20.93 -44.87 -41.18
C GLY A 897 -21.33 -45.45 -39.83
N THR A 898 -20.33 -45.85 -39.03
CA THR A 898 -20.54 -46.48 -37.74
C THR A 898 -19.61 -45.87 -36.68
N TYR A 899 -19.65 -44.55 -36.56
CA TYR A 899 -18.83 -43.80 -35.60
C TYR A 899 -18.71 -44.55 -34.28
N GLN A 900 -17.46 -44.71 -33.83
CA GLN A 900 -17.18 -45.23 -32.49
C GLN A 900 -16.36 -44.18 -31.73
N ALA A 901 -16.81 -43.85 -30.53
CA ALA A 901 -16.20 -42.77 -29.76
C ALA A 901 -15.00 -43.28 -28.99
N LEU A 902 -13.86 -42.62 -29.17
CA LEU A 902 -12.68 -42.87 -28.36
C LEU A 902 -12.71 -41.98 -27.13
N SER A 903 -11.60 -41.98 -26.39
CA SER A 903 -11.53 -41.22 -25.15
C SER A 903 -11.72 -39.73 -25.40
N GLU A 904 -12.19 -39.00 -24.39
CA GLU A 904 -12.39 -37.57 -24.47
C GLU A 904 -11.35 -36.86 -23.62
N VAL A 905 -11.03 -35.62 -24.01
CA VAL A 905 -9.93 -34.88 -23.41
C VAL A 905 -10.42 -33.52 -22.93
N GLN A 906 -9.77 -33.04 -21.87
CA GLN A 906 -10.03 -31.73 -21.29
C GLN A 906 -9.48 -30.63 -22.20
N PRO A 907 -9.92 -29.40 -22.01
CA PRO A 907 -9.33 -28.28 -22.77
C PRO A 907 -8.16 -27.64 -22.06
N ILE A 908 -7.27 -27.08 -22.86
CA ILE A 908 -6.16 -26.27 -22.35
C ILE A 908 -6.60 -24.81 -22.33
N ASP A 909 -6.16 -24.08 -21.31
CA ASP A 909 -6.46 -22.66 -21.22
C ASP A 909 -5.29 -21.96 -20.54
N ILE A 910 -5.19 -20.66 -20.80
CA ILE A 910 -4.06 -19.87 -20.32
C ILE A 910 -4.46 -18.85 -19.26
N PHE A 911 -5.74 -18.49 -19.14
CA PHE A 911 -6.15 -17.49 -18.17
C PHE A 911 -7.57 -17.81 -17.71
N GLN A 912 -7.85 -17.50 -16.45
CA GLN A 912 -9.18 -17.69 -15.87
C GLN A 912 -9.94 -16.37 -16.01
N GLN A 913 -10.84 -16.32 -16.99
CA GLN A 913 -11.60 -15.12 -17.28
C GLN A 913 -13.00 -15.52 -17.71
N LYS A 914 -13.83 -14.51 -17.98
CA LYS A 914 -15.20 -14.73 -18.42
C LYS A 914 -15.41 -14.48 -19.90
N ALA A 915 -14.66 -13.55 -20.49
CA ALA A 915 -14.87 -13.17 -21.88
C ALA A 915 -14.53 -14.33 -22.82
N TRP A 916 -14.77 -14.10 -24.11
CA TRP A 916 -14.43 -15.08 -25.11
C TRP A 916 -12.93 -15.38 -25.08
N ARG A 917 -12.58 -16.55 -25.58
CA ARG A 917 -11.21 -17.05 -25.52
C ARG A 917 -11.12 -18.24 -26.47
N ASN A 918 -9.95 -18.87 -26.49
CA ASN A 918 -9.72 -20.04 -27.33
C ASN A 918 -9.30 -21.21 -26.45
N LEU A 919 -10.09 -22.28 -26.47
CA LEU A 919 -9.72 -23.53 -25.83
C LEU A 919 -9.01 -24.40 -26.86
N ARG A 920 -7.89 -24.99 -26.46
CA ARG A 920 -7.02 -25.73 -27.37
C ARG A 920 -7.04 -27.21 -27.03
N PHE A 921 -7.01 -28.04 -28.07
CA PHE A 921 -6.91 -29.49 -27.94
C PHE A 921 -5.81 -29.91 -28.91
N PRO A 922 -4.59 -30.14 -28.42
CA PRO A 922 -3.51 -30.54 -29.33
C PRO A 922 -3.83 -31.85 -30.02
N LEU A 923 -3.50 -31.92 -31.31
CA LEU A 923 -3.72 -33.13 -32.09
C LEU A 923 -2.69 -34.21 -31.79
N ALA A 924 -1.83 -34.00 -30.79
CA ALA A 924 -0.97 -35.05 -30.28
C ALA A 924 -1.61 -35.86 -29.16
N TRP A 925 -2.74 -35.37 -28.61
CA TRP A 925 -3.48 -36.15 -27.63
C TRP A 925 -4.33 -37.23 -28.29
N ALA A 926 -4.85 -36.96 -29.48
CA ALA A 926 -5.77 -37.88 -30.12
C ALA A 926 -5.02 -39.14 -30.57
N PRO A 927 -5.68 -40.29 -30.54
CA PRO A 927 -5.09 -41.48 -31.14
C PRO A 927 -4.84 -41.26 -32.61
N PRO A 928 -3.91 -42.03 -33.21
CA PRO A 928 -3.53 -41.77 -34.61
C PRO A 928 -4.62 -42.13 -35.61
N GLU A 929 -5.80 -42.50 -35.12
CA GLU A 929 -6.93 -42.87 -35.97
C GLU A 929 -8.16 -42.00 -35.70
N ALA A 930 -7.94 -40.74 -35.32
CA ALA A 930 -9.04 -39.83 -35.02
C ALA A 930 -9.41 -39.06 -36.27
N ASN A 931 -10.51 -39.46 -36.91
CA ASN A 931 -10.99 -38.80 -38.12
C ASN A 931 -12.05 -37.74 -37.84
N VAL A 932 -12.82 -37.88 -36.77
CA VAL A 932 -13.91 -36.97 -36.45
C VAL A 932 -13.84 -36.60 -34.97
N ALA A 933 -14.52 -35.51 -34.63
CA ALA A 933 -14.54 -35.02 -33.26
C ALA A 933 -15.85 -34.28 -33.00
N ARG A 934 -16.18 -34.13 -31.72
CA ARG A 934 -17.40 -33.45 -31.33
C ARG A 934 -17.26 -32.97 -29.88
N ILE A 935 -17.94 -31.87 -29.58
CA ILE A 935 -17.90 -31.29 -28.25
C ILE A 935 -19.04 -31.87 -27.43
N VAL A 936 -18.71 -32.46 -26.28
CA VAL A 936 -19.70 -32.95 -25.33
C VAL A 936 -19.67 -32.01 -24.14
N ALA A 937 -20.59 -31.06 -24.10
CA ALA A 937 -20.55 -29.97 -23.12
C ALA A 937 -21.80 -30.03 -22.27
N ASP A 938 -21.64 -29.78 -20.97
CA ASP A 938 -22.75 -29.84 -20.02
C ASP A 938 -22.35 -29.17 -18.71
N ASP A 939 -23.24 -28.31 -18.22
CA ASP A 939 -23.05 -27.67 -16.92
C ASP A 939 -24.10 -28.19 -15.95
N PRO A 940 -23.71 -28.94 -14.91
CA PRO A 940 -24.70 -29.42 -13.95
C PRO A 940 -25.12 -28.34 -12.96
N ASN A 941 -24.19 -27.44 -12.64
CA ASN A 941 -24.47 -26.39 -11.66
C ASN A 941 -25.58 -25.48 -12.14
N LEU A 942 -26.30 -24.87 -11.19
CA LEU A 942 -27.43 -24.00 -11.48
C LEU A 942 -27.21 -22.59 -10.96
N SER A 943 -25.99 -22.23 -10.56
CA SER A 943 -25.74 -20.90 -10.04
C SER A 943 -25.97 -19.84 -11.11
N GLU A 944 -25.97 -18.58 -10.67
CA GLU A 944 -26.30 -17.48 -11.59
C GLU A 944 -25.18 -17.18 -12.56
N ASP A 945 -23.92 -17.42 -12.16
CA ASP A 945 -22.77 -17.10 -12.99
C ASP A 945 -22.06 -18.32 -13.56
N GLN A 946 -22.51 -19.52 -13.23
CA GLN A 946 -21.86 -20.74 -13.72
C GLN A 946 -22.53 -21.13 -15.02
N TRP A 947 -21.97 -20.64 -16.12
CA TRP A 947 -22.47 -20.91 -17.47
C TRP A 947 -21.28 -20.90 -18.42
N PHE A 948 -21.55 -21.19 -19.69
CA PHE A 948 -20.53 -21.09 -20.73
C PHE A 948 -21.23 -21.17 -22.08
N ALA A 949 -20.43 -21.06 -23.14
CA ALA A 949 -20.89 -21.18 -24.50
C ALA A 949 -19.81 -21.92 -25.27
N PHE A 950 -20.05 -22.11 -26.58
CA PHE A 950 -19.02 -22.66 -27.44
C PHE A 950 -19.39 -22.39 -28.88
N THR A 951 -18.61 -22.99 -29.79
CA THR A 951 -18.54 -22.66 -31.20
C THR A 951 -17.99 -23.89 -31.90
N PRO A 952 -18.39 -24.15 -33.14
CA PRO A 952 -17.87 -25.32 -33.86
C PRO A 952 -16.36 -25.38 -33.81
N PRO A 953 -15.79 -26.58 -33.72
CA PRO A 953 -14.34 -26.69 -33.58
C PRO A 953 -13.66 -26.38 -34.90
N ARG A 954 -12.47 -25.80 -34.79
CA ARG A 954 -11.70 -25.42 -35.97
C ARG A 954 -10.25 -25.81 -35.77
N VAL A 955 -9.66 -26.42 -36.80
CA VAL A 955 -8.24 -26.70 -36.85
C VAL A 955 -7.57 -25.58 -37.64
N PRO A 956 -6.82 -24.68 -36.99
CA PRO A 956 -6.33 -23.48 -37.67
C PRO A 956 -5.35 -23.77 -38.79
N VAL A 957 -4.93 -22.72 -39.49
CA VAL A 957 -3.91 -22.84 -40.52
C VAL A 957 -2.53 -22.42 -40.03
N LEU A 958 -2.45 -21.59 -39.00
CA LEU A 958 -1.21 -21.35 -38.25
C LEU A 958 -0.08 -20.85 -39.13
N GLN A 959 -0.27 -19.67 -39.70
CA GLN A 959 0.84 -18.95 -40.32
C GLN A 959 1.63 -18.21 -39.27
N THR A 960 2.95 -18.28 -39.35
CA THR A 960 3.78 -17.69 -38.31
C THR A 960 3.65 -16.17 -38.31
N ALA A 961 4.07 -15.56 -37.19
CA ALA A 961 3.89 -14.14 -36.97
C ALA A 961 4.98 -13.29 -37.60
N GLN A 962 5.74 -13.84 -38.54
CA GLN A 962 6.71 -13.08 -39.30
C GLN A 962 6.36 -12.98 -40.78
N GLN A 963 5.80 -14.05 -41.35
CA GLN A 963 5.25 -13.96 -42.70
C GLN A 963 3.95 -13.18 -42.71
N PHE A 964 3.24 -13.17 -41.58
CA PHE A 964 1.96 -12.47 -41.51
C PHE A 964 2.17 -10.95 -41.55
N LEU A 965 2.88 -10.43 -40.56
CA LEU A 965 3.20 -9.01 -40.48
C LEU A 965 4.71 -8.85 -40.67
N GLY A 966 5.11 -8.50 -41.89
CA GLY A 966 6.51 -8.43 -42.25
C GLY A 966 7.27 -7.26 -41.65
N SER A 967 8.39 -6.89 -42.28
CA SER A 967 9.23 -5.81 -41.79
C SER A 967 8.88 -4.46 -42.39
N GLN A 968 7.71 -4.32 -43.01
CA GLN A 968 7.27 -3.06 -43.59
C GLN A 968 5.96 -2.56 -43.02
N THR A 969 5.15 -3.44 -42.45
CA THR A 969 3.87 -3.03 -41.89
C THR A 969 4.11 -2.23 -40.60
N PRO A 970 3.53 -1.04 -40.47
CA PRO A 970 3.72 -0.27 -39.22
C PRO A 970 2.88 -0.85 -38.09
N VAL A 971 3.55 -1.40 -37.09
CA VAL A 971 2.87 -2.01 -35.95
C VAL A 971 3.10 -1.14 -34.71
N LEU A 972 2.19 -1.25 -33.76
CA LEU A 972 2.31 -0.58 -32.47
C LEU A 972 2.71 -1.65 -31.45
N MET A 973 3.97 -1.64 -31.06
CA MET A 973 4.50 -2.58 -30.08
C MET A 973 4.50 -1.88 -28.72
N ASP A 974 3.88 -2.52 -27.73
CA ASP A 974 3.80 -1.94 -26.40
C ASP A 974 5.19 -1.91 -25.75
N ILE A 975 5.23 -1.40 -24.52
CA ILE A 975 6.51 -1.19 -23.85
C ILE A 975 7.24 -2.50 -23.61
N ALA A 976 6.50 -3.59 -23.34
CA ALA A 976 7.14 -4.85 -22.99
C ALA A 976 7.50 -5.69 -24.20
N THR A 977 6.69 -5.65 -25.26
CA THR A 977 6.87 -6.50 -26.43
C THR A 977 7.62 -5.81 -27.56
N ALA A 978 8.55 -4.92 -27.23
CA ALA A 978 9.32 -4.21 -28.25
C ALA A 978 10.74 -4.75 -28.40
N ALA A 979 11.23 -5.53 -27.44
CA ALA A 979 12.55 -6.14 -27.54
C ALA A 979 12.49 -7.55 -28.12
N ASN A 980 11.34 -8.20 -28.07
CA ASN A 980 11.21 -9.56 -28.59
C ASN A 980 10.92 -9.55 -30.09
N PHE A 981 10.41 -8.46 -30.62
CA PHE A 981 10.15 -8.31 -32.05
C PHE A 981 11.07 -7.25 -32.63
N PRO A 982 12.34 -7.58 -32.90
CA PRO A 982 13.30 -6.56 -33.38
C PRO A 982 13.38 -6.41 -34.89
N CYS A 983 12.57 -7.12 -35.66
CA CYS A 983 12.56 -6.98 -37.10
C CYS A 983 11.33 -6.26 -37.63
N GLN A 984 10.33 -6.01 -36.79
CA GLN A 984 9.16 -5.26 -37.19
C GLN A 984 9.44 -3.77 -37.12
N ARG A 985 8.63 -3.00 -37.85
CA ARG A 985 8.84 -1.56 -37.94
C ARG A 985 7.74 -0.83 -37.18
N PRO A 986 8.05 -0.13 -36.09
CA PRO A 986 7.01 0.64 -35.40
C PRO A 986 6.61 1.85 -36.23
N PHE A 987 5.34 2.24 -36.12
CA PHE A 987 4.84 3.35 -36.92
C PHE A 987 5.62 4.62 -36.61
N ALA A 988 5.94 5.36 -37.66
CA ALA A 988 6.88 6.47 -37.58
C ALA A 988 6.14 7.80 -37.48
N GLU A 989 6.53 8.60 -36.49
CA GLU A 989 6.08 9.98 -36.40
C GLU A 989 7.05 10.86 -37.18
N ARG A 990 6.52 11.89 -37.83
CA ARG A 990 7.36 12.77 -38.62
C ARG A 990 6.67 14.12 -38.79
N LEU A 991 7.38 15.19 -38.45
CA LEU A 991 6.88 16.56 -38.62
C LEU A 991 5.61 16.82 -37.82
N GLY A 992 5.47 16.14 -36.68
CA GLY A 992 4.30 16.34 -35.84
C GLY A 992 3.20 15.31 -36.08
N VAL A 993 2.98 14.94 -37.34
CA VAL A 993 1.98 13.94 -37.66
C VAL A 993 2.57 12.55 -37.52
N ALA A 994 1.71 11.57 -37.28
CA ALA A 994 2.09 10.17 -37.21
C ALA A 994 1.38 9.39 -38.29
N GLU A 995 1.97 8.25 -38.66
CA GLU A 995 1.35 7.33 -39.59
C GLU A 995 0.61 6.25 -38.81
N LEU A 996 -0.57 5.91 -39.28
CA LEU A 996 -1.45 5.06 -38.49
C LEU A 996 -0.99 3.60 -38.54
N PRO A 997 -0.87 2.93 -37.41
CA PRO A 997 -0.44 1.53 -37.42
C PRO A 997 -1.50 0.64 -38.03
N GLU A 998 -1.09 -0.58 -38.39
CA GLU A 998 -1.99 -1.58 -38.91
C GLU A 998 -2.28 -2.71 -37.93
N TYR A 999 -1.32 -3.05 -37.08
CA TYR A 999 -1.50 -4.05 -36.05
C TYR A 999 -0.97 -3.54 -34.73
N ARG A 1000 -1.36 -4.22 -33.64
CA ARG A 1000 -0.82 -3.96 -32.32
C ARG A 1000 -0.30 -5.25 -31.72
N ILE A 1001 0.77 -5.14 -30.95
CA ILE A 1001 1.38 -6.27 -30.28
C ILE A 1001 1.33 -6.02 -28.78
N ILE A 1002 0.78 -6.97 -28.03
CA ILE A 1002 0.40 -6.75 -26.64
C ILE A 1002 1.11 -7.75 -25.73
N PRO A 1003 1.51 -7.35 -24.53
CA PRO A 1003 2.01 -8.34 -23.56
C PRO A 1003 0.90 -9.19 -23.00
N ASN A 1004 1.19 -10.02 -22.00
CA ASN A 1004 0.16 -10.84 -21.39
C ASN A 1004 -0.88 -9.96 -20.71
N PHE A 1005 -1.95 -10.61 -20.23
CA PHE A 1005 -3.11 -9.88 -19.74
C PHE A 1005 -2.76 -9.00 -18.55
N LYS A 1006 -2.18 -9.61 -17.50
CA LYS A 1006 -1.89 -8.85 -16.30
C LYS A 1006 -0.89 -7.73 -16.56
N GLN A 1007 0.11 -8.00 -17.39
CA GLN A 1007 1.05 -6.94 -17.76
C GLN A 1007 0.35 -5.86 -18.59
N MET A 1008 -0.52 -6.27 -19.51
CA MET A 1008 -1.24 -5.30 -20.33
C MET A 1008 -2.02 -4.33 -19.47
N VAL A 1009 -3.01 -4.85 -18.73
CA VAL A 1009 -3.97 -4.01 -18.03
C VAL A 1009 -3.35 -3.10 -16.98
N VAL A 1010 -2.08 -3.27 -16.65
CA VAL A 1010 -1.45 -2.49 -15.60
C VAL A 1010 -0.27 -1.69 -16.11
N SER A 1011 0.24 -1.98 -17.31
CA SER A 1011 1.41 -1.28 -17.81
C SER A 1011 1.24 -0.69 -19.20
N SER A 1012 0.38 -1.24 -20.04
CA SER A 1012 0.21 -0.74 -21.40
C SER A 1012 -1.04 0.14 -21.54
N ASN A 1013 -2.11 -0.18 -20.82
CA ASN A 1013 -3.31 0.65 -20.85
C ASN A 1013 -3.21 1.85 -19.92
N GLN A 1014 -2.27 1.85 -18.98
CA GLN A 1014 -2.11 2.94 -18.03
C GLN A 1014 -0.97 3.88 -18.41
N TRP A 1015 0.12 3.36 -18.98
CA TRP A 1015 1.23 4.23 -19.38
C TRP A 1015 0.90 4.97 -20.67
N GLN A 1016 0.39 4.27 -21.68
CA GLN A 1016 0.11 4.85 -22.97
C GLN A 1016 -1.31 5.36 -23.12
N SER A 1017 -1.95 5.75 -22.02
CA SER A 1017 -3.33 6.21 -22.10
C SER A 1017 -3.42 7.50 -22.90
N ALA A 1018 -4.63 7.82 -23.34
CA ALA A 1018 -4.86 9.07 -24.05
C ALA A 1018 -4.90 10.27 -23.11
N ALA A 1019 -5.16 10.05 -21.84
CA ALA A 1019 -5.12 11.09 -20.82
C ALA A 1019 -3.71 11.33 -20.28
N ASP A 1020 -2.68 10.82 -20.96
CA ASP A 1020 -1.30 11.04 -20.57
C ASP A 1020 -0.39 11.34 -21.74
N GLY A 1021 -0.90 11.35 -22.96
CA GLY A 1021 -0.12 11.68 -24.13
C GLY A 1021 0.34 10.50 -24.96
N GLY A 1022 -0.02 9.28 -24.57
CA GLY A 1022 0.43 8.09 -25.26
C GLY A 1022 -0.05 8.01 -26.68
N PRO A 1023 0.37 6.95 -27.40
CA PRO A 1023 -0.06 6.79 -28.79
C PRO A 1023 -1.55 6.52 -28.95
N PHE A 1024 -2.31 6.48 -27.86
CA PHE A 1024 -3.74 6.23 -27.96
C PHE A 1024 -4.53 7.47 -28.32
N LEU A 1025 -3.93 8.66 -28.13
CA LEU A 1025 -4.61 9.93 -28.43
C LEU A 1025 -5.30 9.90 -29.79
N PHE A 1026 -4.54 9.55 -30.83
CA PHE A 1026 -5.05 9.51 -32.19
C PHE A 1026 -5.41 8.11 -32.66
N ILE A 1027 -5.16 7.10 -31.84
CA ILE A 1027 -5.50 5.73 -32.21
C ILE A 1027 -6.91 5.35 -31.76
N GLN A 1028 -7.34 5.84 -30.59
CA GLN A 1028 -8.69 5.56 -30.12
C GLN A 1028 -9.74 6.35 -30.89
N ALA A 1029 -9.37 7.46 -31.49
CA ALA A 1029 -10.32 8.30 -32.22
C ALA A 1029 -10.32 8.02 -33.72
N LEU A 1030 -9.44 7.14 -34.21
CA LEU A 1030 -9.32 6.89 -35.63
C LEU A 1030 -9.32 5.42 -36.02
N LEU A 1031 -9.18 4.50 -35.07
CA LEU A 1031 -9.03 3.09 -35.37
C LEU A 1031 -9.89 2.25 -34.44
N ARG A 1032 -10.50 1.19 -34.99
CA ARG A 1032 -11.21 0.19 -34.22
C ARG A 1032 -10.38 -1.08 -34.15
N THR A 1033 -10.55 -1.83 -33.06
CA THR A 1033 -9.73 -2.99 -32.79
C THR A 1033 -10.43 -4.28 -33.24
N GLU A 1034 -9.61 -5.31 -33.46
CA GLU A 1034 -10.10 -6.66 -33.70
C GLU A 1034 -9.01 -7.63 -33.25
N ALA A 1035 -9.42 -8.72 -32.63
CA ALA A 1035 -8.43 -9.63 -32.06
C ALA A 1035 -7.95 -10.64 -33.10
N ILE A 1036 -6.78 -11.20 -32.86
CA ILE A 1036 -6.26 -12.27 -33.70
C ILE A 1036 -5.82 -13.42 -32.80
N PRO A 1037 -6.25 -14.66 -33.05
CA PRO A 1037 -5.81 -15.79 -32.22
C PRO A 1037 -4.37 -16.15 -32.52
N THR A 1038 -3.51 -16.02 -31.51
CA THR A 1038 -2.08 -16.31 -31.64
C THR A 1038 -1.69 -17.35 -30.60
N TYR A 1039 -0.68 -18.16 -30.95
CA TYR A 1039 -0.18 -19.21 -30.08
C TYR A 1039 1.33 -19.29 -30.20
N LEU A 1040 2.00 -19.62 -29.10
CA LEU A 1040 3.40 -20.00 -29.18
C LEU A 1040 3.52 -21.33 -29.93
N ARG A 1041 4.73 -21.62 -30.39
CA ARG A 1041 4.89 -22.75 -31.32
C ARG A 1041 4.68 -24.08 -30.62
N ASP A 1042 5.15 -24.22 -29.39
CA ASP A 1042 5.02 -25.48 -28.68
C ASP A 1042 4.66 -25.33 -27.21
N ASP A 1043 4.44 -24.12 -26.72
CA ASP A 1043 4.00 -23.91 -25.34
C ASP A 1043 2.51 -23.54 -25.37
N TRP A 1044 1.67 -24.58 -25.44
CA TRP A 1044 0.23 -24.37 -25.53
C TRP A 1044 -0.39 -23.90 -24.22
N TYR A 1045 0.40 -23.75 -23.15
CA TYR A 1045 -0.09 -23.28 -21.87
C TYR A 1045 0.33 -21.83 -21.58
N ARG A 1046 0.94 -21.16 -22.55
CA ARG A 1046 1.59 -19.88 -22.32
C ARG A 1046 0.74 -18.74 -22.84
N ASP A 1047 0.52 -17.74 -21.98
CA ASP A 1047 -0.14 -16.49 -22.37
C ASP A 1047 0.94 -15.51 -22.79
N TRP A 1048 1.45 -15.69 -24.01
CA TRP A 1048 2.54 -14.85 -24.48
C TRP A 1048 2.08 -13.42 -24.72
N GLY A 1049 0.82 -13.23 -25.05
CA GLY A 1049 0.30 -11.91 -25.32
C GLY A 1049 -0.90 -12.02 -26.27
N SER A 1050 -0.93 -11.13 -27.26
CA SER A 1050 -2.01 -11.08 -28.22
C SER A 1050 -1.61 -10.16 -29.36
N ILE A 1051 -2.40 -10.19 -30.43
CA ILE A 1051 -2.21 -9.31 -31.58
C ILE A 1051 -3.57 -8.78 -32.00
N GLU A 1052 -3.61 -7.50 -32.38
CA GLU A 1052 -4.84 -6.84 -32.76
C GLU A 1052 -4.69 -6.18 -34.11
N ARG A 1053 -5.64 -6.47 -35.00
CA ARG A 1053 -5.77 -5.80 -36.28
C ARG A 1053 -6.54 -4.50 -36.09
N TYR A 1054 -6.12 -3.46 -36.78
CA TYR A 1054 -6.74 -2.14 -36.71
C TYR A 1054 -7.53 -1.88 -37.99
N ILE A 1055 -8.79 -1.52 -37.85
CA ILE A 1055 -9.67 -1.18 -38.96
C ILE A 1055 -10.01 0.30 -38.86
N ARG A 1056 -9.78 1.03 -39.94
CA ARG A 1056 -9.99 2.47 -39.91
C ARG A 1056 -11.48 2.80 -39.75
N VAL A 1057 -11.75 3.84 -38.95
CA VAL A 1057 -13.13 4.29 -38.78
C VAL A 1057 -13.63 4.93 -40.07
N VAL A 1058 -12.83 5.82 -40.65
CA VAL A 1058 -13.11 6.43 -41.95
C VAL A 1058 -12.21 5.74 -42.97
N PRO A 1059 -12.76 5.00 -43.93
CA PRO A 1059 -11.91 4.26 -44.88
C PRO A 1059 -11.04 5.20 -45.69
N GLN A 1060 -9.91 4.67 -46.15
CA GLN A 1060 -8.92 5.46 -46.86
C GLN A 1060 -9.33 5.81 -48.29
N GLU A 1061 -10.50 5.36 -48.74
CA GLU A 1061 -11.02 5.81 -50.03
C GLU A 1061 -11.18 7.33 -50.04
N GLN A 1062 -12.04 7.84 -49.15
CA GLN A 1062 -11.99 9.24 -48.77
C GLN A 1062 -10.98 9.40 -47.64
N ALA A 1063 -10.85 10.62 -47.14
CA ALA A 1063 -9.98 10.93 -46.01
C ALA A 1063 -8.56 10.35 -46.13
N PRO A 1064 -7.82 10.69 -47.18
CA PRO A 1064 -6.43 10.26 -47.26
C PRO A 1064 -5.54 11.11 -46.36
N THR A 1065 -4.25 10.77 -46.36
CA THR A 1065 -3.30 11.53 -45.58
C THR A 1065 -3.18 12.95 -46.13
N ALA A 1066 -2.57 13.83 -45.34
CA ALA A 1066 -2.52 15.25 -45.64
C ALA A 1066 -1.11 15.68 -46.00
N ALA A 1067 -1.01 16.65 -46.91
CA ALA A 1067 0.26 17.25 -47.26
C ALA A 1067 0.67 18.25 -46.19
N ILE A 1068 1.92 18.17 -45.75
CA ILE A 1068 2.37 18.92 -44.57
C ILE A 1068 2.87 20.33 -44.91
N GLU A 1069 3.52 20.51 -46.06
CA GLU A 1069 3.94 21.83 -46.52
C GLU A 1069 4.84 22.52 -45.48
N GLU A 1070 6.01 21.91 -45.25
CA GLU A 1070 6.88 22.38 -44.20
C GLU A 1070 7.70 23.60 -44.66
N GLY A 1071 8.32 24.26 -43.70
CA GLY A 1071 9.16 25.42 -43.97
C GLY A 1071 10.28 25.51 -42.98
N SER A 1072 10.65 26.74 -42.59
CA SER A 1072 11.72 26.93 -41.63
C SER A 1072 11.66 28.35 -41.08
N THR A 1073 12.05 28.49 -39.82
CA THR A 1073 12.18 29.80 -39.18
C THR A 1073 13.55 29.88 -38.52
N ARG A 1074 13.75 30.95 -37.76
CA ARG A 1074 15.03 31.17 -37.08
C ARG A 1074 14.81 31.61 -35.63
N VAL A 1075 13.95 30.90 -34.90
CA VAL A 1075 13.63 31.29 -33.53
C VAL A 1075 14.89 31.27 -32.67
N PHE A 1076 14.88 32.06 -31.60
CA PHE A 1076 16.00 32.12 -30.67
C PHE A 1076 15.89 30.99 -29.65
N GLY A 1077 16.71 31.09 -28.59
CA GLY A 1077 16.74 30.06 -27.58
C GLY A 1077 15.92 30.32 -26.33
N TRP A 1078 14.99 31.28 -26.37
CA TRP A 1078 14.17 31.59 -25.22
C TRP A 1078 12.72 31.92 -25.57
N SER A 1079 12.29 31.68 -26.81
CA SER A 1079 10.99 32.17 -27.24
C SER A 1079 9.85 31.56 -26.43
N ARG A 1080 9.67 30.24 -26.56
CA ARG A 1080 8.57 29.52 -25.91
C ARG A 1080 7.23 30.22 -26.14
N GLY A 1081 6.79 30.32 -27.39
CA GLY A 1081 5.50 30.93 -27.65
C GLY A 1081 4.37 30.02 -27.23
N GLY A 1082 3.71 30.35 -26.11
CA GLY A 1082 2.60 29.57 -25.61
C GLY A 1082 3.04 28.23 -25.04
N PRO A 1083 2.27 27.71 -24.09
CA PRO A 1083 2.56 26.37 -23.57
C PRO A 1083 1.99 25.27 -24.45
N ILE A 1084 2.11 24.03 -24.02
CA ILE A 1084 1.57 22.90 -24.75
C ILE A 1084 0.31 22.43 -24.03
N ARG A 1085 -0.65 21.92 -24.81
CA ARG A 1085 -1.91 21.43 -24.26
C ARG A 1085 -1.68 20.02 -23.69
N ALA A 1086 -1.09 19.99 -22.50
CA ALA A 1086 -0.90 18.73 -21.76
C ALA A 1086 -1.60 18.86 -20.41
N LEU A 1087 -2.91 18.65 -20.41
CA LEU A 1087 -3.67 18.52 -19.17
C LEU A 1087 -4.99 17.81 -19.46
N PRO A 1088 -5.16 16.58 -19.00
CA PRO A 1088 -6.45 15.89 -19.06
C PRO A 1088 -6.94 15.41 -17.69
N GLY B 20 19.21 -25.34 63.31
CA GLY B 20 18.41 -24.15 63.49
C GLY B 20 19.11 -22.88 63.05
N LYS B 21 18.46 -22.13 62.16
CA LYS B 21 19.02 -20.90 61.62
C LYS B 21 17.93 -20.16 60.87
N ASP B 22 18.14 -18.86 60.68
CA ASP B 22 17.23 -18.04 59.89
C ASP B 22 17.63 -18.01 58.42
N VAL B 23 18.72 -18.69 58.05
CA VAL B 23 19.16 -18.78 56.66
C VAL B 23 19.05 -20.21 56.14
N ARG B 24 19.37 -21.21 56.99
CA ARG B 24 19.20 -22.60 56.59
C ARG B 24 17.74 -22.93 56.30
N ILE B 25 16.80 -22.20 56.90
CA ILE B 25 15.40 -22.40 56.60
C ILE B 25 14.96 -21.55 55.41
N ALA B 26 15.53 -20.37 55.24
CA ALA B 26 15.20 -19.53 54.09
C ALA B 26 15.67 -20.17 52.80
N ARG B 27 16.78 -20.91 52.82
CA ARG B 27 17.22 -21.61 51.62
C ARG B 27 16.22 -22.69 51.22
N TRP B 28 15.70 -23.43 52.20
CA TRP B 28 14.70 -24.45 51.89
C TRP B 28 13.40 -23.82 51.43
N VAL B 29 13.00 -22.70 52.04
CA VAL B 29 11.76 -22.03 51.65
C VAL B 29 11.91 -21.35 50.29
N ALA B 30 13.13 -21.12 49.84
CA ALA B 30 13.35 -20.61 48.49
C ALA B 30 13.46 -21.72 47.45
N THR B 31 13.93 -22.91 47.84
CA THR B 31 13.98 -24.03 46.91
C THR B 31 12.61 -24.71 46.79
N ILE B 32 12.14 -25.30 47.89
CA ILE B 32 10.74 -25.70 47.96
C ILE B 32 9.91 -24.44 48.07
N ALA B 33 8.63 -24.53 47.71
CA ALA B 33 7.72 -23.40 47.60
C ALA B 33 8.23 -22.37 46.59
N GLY B 34 9.26 -22.69 45.83
CA GLY B 34 9.65 -21.92 44.67
C GLY B 34 9.68 -22.85 43.47
N LEU B 35 9.90 -24.14 43.74
CA LEU B 35 9.79 -25.16 42.72
C LEU B 35 8.35 -25.64 42.53
N LEU B 36 7.61 -25.83 43.62
CA LEU B 36 6.21 -26.22 43.47
C LEU B 36 5.38 -25.07 42.93
N GLY B 37 5.75 -23.83 43.26
CA GLY B 37 5.09 -22.68 42.67
C GLY B 37 5.36 -22.51 41.20
N PHE B 38 6.21 -23.36 40.62
CA PHE B 38 6.44 -23.40 39.18
C PHE B 38 5.86 -24.66 38.55
N VAL B 39 5.86 -25.79 39.27
CA VAL B 39 5.24 -26.99 38.71
C VAL B 39 3.72 -26.89 38.81
N LEU B 40 3.19 -26.06 39.70
CA LEU B 40 1.76 -25.81 39.79
C LEU B 40 1.31 -24.66 38.91
N SER B 41 2.21 -24.07 38.13
CA SER B 41 1.87 -22.96 37.25
C SER B 41 1.86 -23.36 35.78
N VAL B 42 2.64 -24.38 35.40
CA VAL B 42 2.56 -24.92 34.04
C VAL B 42 1.49 -25.99 33.91
N SER B 43 0.77 -26.30 34.99
CA SER B 43 -0.32 -27.26 34.97
C SER B 43 -1.68 -26.58 35.09
N ILE B 44 -1.73 -25.26 34.96
CA ILE B 44 -2.98 -24.51 34.99
C ILE B 44 -3.70 -24.66 33.63
N PRO B 45 -3.01 -24.53 32.49
CA PRO B 45 -3.71 -24.77 31.22
C PRO B 45 -4.26 -26.18 31.08
N LEU B 46 -3.86 -27.11 31.93
CA LEU B 46 -4.25 -28.52 31.83
C LEU B 46 -4.90 -28.91 33.14
N LEU B 47 -6.20 -28.64 33.27
CA LEU B 47 -6.95 -28.94 34.48
C LEU B 47 -8.43 -28.93 34.15
N PRO B 48 -9.25 -29.69 34.87
CA PRO B 48 -10.68 -29.73 34.54
C PRO B 48 -11.34 -28.38 34.74
N VAL B 49 -12.18 -28.00 33.78
CA VAL B 49 -12.94 -26.76 33.83
C VAL B 49 -14.38 -27.06 33.45
N THR B 50 -15.32 -26.45 34.17
CA THR B 50 -16.74 -26.71 33.97
C THR B 50 -17.31 -25.75 32.92
N GLN B 51 -18.12 -26.27 32.02
CA GLN B 51 -18.69 -25.53 30.92
C GLN B 51 -20.20 -25.68 30.91
N THR B 52 -20.90 -24.56 30.68
CA THR B 52 -22.35 -24.55 30.62
C THR B 52 -22.79 -24.74 29.17
N THR B 53 -23.64 -25.73 28.92
CA THR B 53 -24.12 -26.07 27.60
C THR B 53 -25.54 -25.57 27.41
N ALA B 54 -25.84 -25.14 26.19
CA ALA B 54 -27.15 -24.66 25.82
C ALA B 54 -27.68 -25.46 24.63
N THR B 55 -28.96 -25.76 24.67
CA THR B 55 -29.63 -26.52 23.63
C THR B 55 -30.94 -25.83 23.26
N LEU B 56 -31.18 -25.68 21.97
CA LEU B 56 -32.36 -24.99 21.45
C LEU B 56 -33.31 -26.02 20.87
N ASN B 57 -34.47 -26.24 21.50
CA ASN B 57 -35.49 -27.19 20.96
C ASN B 57 -36.72 -26.40 20.50
N TRP B 58 -37.59 -26.93 19.64
CA TRP B 58 -38.70 -26.08 19.14
C TRP B 58 -39.83 -26.88 18.53
N PRO B 59 -40.99 -27.08 19.15
CA PRO B 59 -42.03 -26.10 19.11
C PRO B 59 -42.26 -25.41 20.47
N GLN B 60 -41.25 -25.42 21.34
CA GLN B 60 -41.28 -24.79 22.68
C GLN B 60 -42.42 -25.35 23.51
N GLN B 61 -43.55 -24.64 23.56
CA GLN B 61 -44.67 -24.91 24.44
C GLN B 61 -45.93 -25.31 23.67
N GLY B 62 -45.80 -26.17 22.68
CA GLY B 62 -46.95 -26.64 21.93
C GLY B 62 -47.47 -25.68 20.88
N ARG B 63 -46.80 -24.54 20.67
CA ARG B 63 -47.21 -23.57 19.67
C ARG B 63 -46.09 -23.40 18.66
N LEU B 64 -46.45 -23.40 17.38
CA LEU B 64 -45.47 -23.30 16.30
C LEU B 64 -45.16 -21.84 15.94
N ASP B 65 -44.83 -21.04 16.93
CA ASP B 65 -44.43 -19.67 16.67
C ASP B 65 -43.01 -19.61 16.14
N ASN B 66 -42.70 -18.56 15.39
CA ASN B 66 -41.33 -18.30 15.00
C ASN B 66 -40.50 -17.97 16.23
N VAL B 67 -39.25 -18.40 16.23
CA VAL B 67 -38.40 -18.25 17.41
C VAL B 67 -37.05 -17.72 16.98
N THR B 68 -36.69 -16.53 17.44
CA THR B 68 -35.41 -15.92 17.10
C THR B 68 -34.40 -16.29 18.20
N ALA B 69 -33.23 -16.76 17.78
CA ALA B 69 -32.15 -17.11 18.71
C ALA B 69 -30.83 -16.96 17.95
N PRO B 70 -30.45 -15.72 17.61
CA PRO B 70 -29.29 -15.53 16.74
C PRO B 70 -27.96 -15.86 17.41
N LEU B 71 -27.32 -16.93 16.97
CA LEU B 71 -26.05 -17.35 17.57
C LEU B 71 -24.94 -16.36 17.22
N ILE B 72 -23.95 -16.30 18.11
CA ILE B 72 -22.81 -15.43 17.88
C ILE B 72 -21.76 -16.11 17.00
N SER B 73 -21.64 -17.44 17.11
CA SER B 73 -20.66 -18.19 16.33
C SER B 73 -21.15 -18.56 14.94
N GLN B 74 -22.42 -18.32 14.64
CA GLN B 74 -23.02 -18.49 13.32
C GLN B 74 -23.04 -19.93 12.83
N ALA B 75 -22.92 -20.90 13.73
CA ALA B 75 -23.02 -22.31 13.37
C ALA B 75 -23.17 -23.12 14.64
N PRO B 76 -24.12 -24.06 14.69
CA PRO B 76 -24.25 -24.91 15.88
C PRO B 76 -23.22 -26.03 15.88
N LEU B 77 -23.29 -26.91 16.88
CA LEU B 77 -22.46 -28.11 16.88
C LEU B 77 -23.17 -29.25 16.16
N GLU B 78 -24.35 -29.63 16.65
CA GLU B 78 -25.20 -30.61 15.99
C GLU B 78 -26.50 -29.94 15.58
N LEU B 79 -27.25 -30.62 14.72
CA LEU B 79 -28.62 -30.23 14.41
C LEU B 79 -29.39 -31.47 14.02
N THR B 80 -30.43 -31.79 14.80
CA THR B 80 -31.27 -32.95 14.56
C THR B 80 -32.70 -32.48 14.48
N ALA B 81 -33.31 -32.60 13.30
CA ALA B 81 -34.65 -32.06 13.05
C ALA B 81 -35.52 -33.16 12.45
N THR B 82 -36.15 -33.94 13.32
CA THR B 82 -37.13 -34.92 12.88
C THR B 82 -38.43 -34.22 12.51
N VAL B 83 -38.87 -34.41 11.27
CA VAL B 83 -40.10 -33.82 10.77
C VAL B 83 -41.05 -34.96 10.40
N PRO B 84 -42.26 -35.02 10.98
CA PRO B 84 -43.21 -36.04 10.56
C PRO B 84 -43.79 -35.72 9.19
N CYS B 85 -44.69 -36.57 8.69
CA CYS B 85 -45.26 -36.39 7.36
C CYS B 85 -46.75 -36.11 7.38
N SER B 86 -47.37 -36.06 8.55
CA SER B 86 -48.73 -35.55 8.66
C SER B 86 -48.78 -34.03 8.57
N VAL B 87 -47.63 -33.37 8.39
CA VAL B 87 -47.56 -31.93 8.24
C VAL B 87 -47.24 -31.51 6.82
N VAL B 88 -47.07 -32.46 5.91
CA VAL B 88 -46.82 -32.16 4.50
C VAL B 88 -48.12 -32.31 3.73
N ARG B 89 -48.94 -33.28 4.14
CA ARG B 89 -50.20 -33.51 3.45
C ARG B 89 -51.22 -32.41 3.72
N ASP B 90 -51.09 -31.71 4.85
CA ASP B 90 -52.03 -30.65 5.19
C ASP B 90 -51.60 -29.27 4.70
N LEU B 91 -50.33 -29.12 4.30
CA LEU B 91 -49.88 -27.85 3.76
C LEU B 91 -50.68 -27.50 2.50
N PRO B 92 -50.87 -26.22 2.23
CA PRO B 92 -51.62 -25.81 1.03
C PRO B 92 -50.96 -26.31 -0.24
N PRO B 93 -51.69 -26.36 -1.36
CA PRO B 93 -51.12 -26.98 -2.57
C PRO B 93 -49.85 -26.32 -3.07
N GLU B 94 -49.70 -25.00 -2.94
CA GLU B 94 -48.46 -24.37 -3.37
C GLU B 94 -47.37 -24.52 -2.32
N GLY B 95 -47.74 -24.58 -1.04
CA GLY B 95 -46.80 -24.86 0.02
C GLY B 95 -45.76 -23.78 0.28
N GLY B 96 -45.14 -23.82 1.44
CA GLY B 96 -44.08 -22.90 1.78
C GLY B 96 -42.97 -23.60 2.53
N LEU B 97 -42.55 -23.03 3.66
CA LEU B 97 -41.60 -23.72 4.52
C LEU B 97 -42.31 -24.77 5.36
N VAL B 98 -41.51 -25.70 5.89
CA VAL B 98 -41.89 -26.53 7.01
C VAL B 98 -41.18 -26.08 8.28
N PHE B 99 -39.87 -25.86 8.18
CA PHE B 99 -39.11 -25.13 9.17
C PHE B 99 -37.87 -24.59 8.48
N GLY B 100 -37.22 -23.63 9.11
CA GLY B 100 -36.03 -23.03 8.56
C GLY B 100 -35.32 -22.22 9.61
N THR B 101 -33.99 -22.16 9.50
CA THR B 101 -33.15 -21.49 10.48
C THR B 101 -32.80 -20.07 10.04
N ALA B 102 -33.70 -19.43 9.31
CA ALA B 102 -33.60 -18.05 8.85
C ALA B 102 -34.92 -17.67 8.19
N PRO B 103 -35.28 -16.39 8.18
CA PRO B 103 -36.50 -15.98 7.47
C PRO B 103 -36.39 -16.32 5.99
N ALA B 104 -37.49 -16.81 5.42
CA ALA B 104 -37.47 -17.31 4.05
C ALA B 104 -37.03 -16.25 3.05
N GLU B 105 -37.24 -14.97 3.37
CA GLU B 105 -36.92 -13.87 2.46
C GLU B 105 -35.83 -12.96 3.00
N GLY B 106 -35.03 -13.45 3.95
CA GLY B 106 -33.88 -12.70 4.40
C GLY B 106 -32.82 -12.58 3.32
N ARG B 107 -31.89 -11.65 3.53
CA ARG B 107 -30.80 -11.44 2.58
C ARG B 107 -29.89 -12.67 2.60
N ASP B 108 -29.84 -13.37 1.46
CA ASP B 108 -29.12 -14.64 1.34
C ASP B 108 -29.62 -15.65 2.37
N ALA B 109 -30.92 -15.95 2.26
CA ALA B 109 -31.55 -16.83 3.24
C ALA B 109 -31.15 -18.28 3.04
N ALA B 110 -31.02 -18.72 1.79
CA ALA B 110 -30.65 -20.10 1.49
C ALA B 110 -29.15 -20.31 1.37
N LEU B 111 -28.40 -19.25 1.08
CA LEU B 111 -26.95 -19.38 0.95
C LEU B 111 -26.28 -19.59 2.30
N ASN B 112 -26.96 -19.29 3.41
CA ASN B 112 -26.35 -19.37 4.72
C ASN B 112 -27.09 -20.24 5.72
N ALA B 113 -28.30 -20.71 5.41
CA ALA B 113 -29.11 -21.42 6.39
C ALA B 113 -29.72 -22.66 5.75
N MET B 114 -30.46 -23.41 6.57
CA MET B 114 -31.16 -24.61 6.13
C MET B 114 -32.64 -24.28 5.92
N LEU B 115 -33.19 -24.79 4.83
CA LEU B 115 -34.59 -24.56 4.47
C LEU B 115 -35.18 -25.87 3.98
N VAL B 116 -36.12 -26.42 4.74
CA VAL B 116 -36.84 -27.63 4.33
C VAL B 116 -38.11 -27.14 3.64
N ASN B 117 -37.99 -26.87 2.35
CA ASN B 117 -39.10 -26.29 1.61
C ASN B 117 -40.12 -27.37 1.25
N VAL B 118 -41.29 -26.91 0.80
CA VAL B 118 -42.32 -27.77 0.23
C VAL B 118 -42.91 -27.00 -0.96
N THR B 119 -42.53 -27.40 -2.17
CA THR B 119 -43.05 -26.78 -3.38
C THR B 119 -44.37 -27.47 -3.72
N GLU B 120 -44.96 -27.17 -4.87
CA GLU B 120 -46.20 -27.83 -5.24
C GLU B 120 -45.96 -29.24 -5.81
N THR B 121 -44.72 -29.58 -6.13
CA THR B 121 -44.38 -30.91 -6.62
C THR B 121 -43.29 -31.61 -5.83
N ARG B 122 -42.38 -30.86 -5.20
CA ARG B 122 -41.21 -31.45 -4.57
C ARG B 122 -41.12 -31.05 -3.10
N VAL B 123 -40.21 -31.73 -2.40
CA VAL B 123 -39.83 -31.43 -1.03
C VAL B 123 -38.31 -31.52 -0.98
N ASP B 124 -37.65 -30.37 -0.89
CA ASP B 124 -36.20 -30.30 -0.88
C ASP B 124 -35.70 -29.75 0.44
N VAL B 125 -34.47 -30.12 0.78
CA VAL B 125 -33.82 -29.68 2.02
C VAL B 125 -32.55 -28.96 1.57
N ILE B 126 -32.63 -27.65 1.42
CA ILE B 126 -31.51 -26.86 0.92
C ILE B 126 -30.65 -26.42 2.09
N VAL B 127 -29.34 -26.62 1.97
CA VAL B 127 -28.38 -26.25 3.01
C VAL B 127 -27.22 -25.55 2.34
N ARG B 128 -27.15 -24.23 2.48
CA ARG B 128 -26.07 -23.42 1.92
C ARG B 128 -25.93 -23.64 0.41
N ASN B 129 -27.07 -23.56 -0.28
CA ASN B 129 -27.12 -23.72 -1.73
C ASN B 129 -26.60 -25.09 -2.17
N VAL B 130 -26.90 -26.11 -1.37
CA VAL B 130 -26.50 -27.48 -1.66
C VAL B 130 -27.73 -28.34 -1.44
N VAL B 131 -28.43 -28.69 -2.52
CA VAL B 131 -29.67 -29.46 -2.41
C VAL B 131 -29.34 -30.83 -1.82
N VAL B 132 -29.94 -31.11 -0.66
CA VAL B 132 -29.74 -32.38 0.02
C VAL B 132 -31.07 -33.14 0.04
N ALA B 133 -31.10 -34.28 -0.64
CA ALA B 133 -32.23 -35.21 -0.57
C ALA B 133 -33.55 -34.57 -0.97
N SER B 134 -33.60 -34.07 -2.21
CA SER B 134 -34.88 -33.67 -2.79
C SER B 134 -35.71 -34.92 -3.11
N VAL B 135 -37.00 -34.85 -2.83
CA VAL B 135 -37.90 -35.98 -3.01
C VAL B 135 -39.22 -35.48 -3.55
N ASN B 136 -39.78 -36.18 -4.54
CA ASN B 136 -41.06 -35.79 -5.11
C ASN B 136 -42.14 -35.82 -4.03
N ARG B 137 -42.96 -34.78 -3.98
CA ARG B 137 -43.86 -34.58 -2.85
C ARG B 137 -45.00 -35.60 -2.84
N ASP B 138 -45.42 -36.08 -4.01
CA ASP B 138 -46.50 -37.06 -4.06
C ASP B 138 -46.12 -38.37 -3.36
N ARG B 139 -44.82 -38.66 -3.27
CA ARG B 139 -44.37 -39.85 -2.57
C ARG B 139 -44.33 -39.63 -1.07
N VAL B 140 -43.73 -38.53 -0.63
CA VAL B 140 -43.57 -38.27 0.80
C VAL B 140 -44.92 -38.01 1.46
N ALA B 141 -45.87 -37.44 0.71
CA ALA B 141 -47.21 -37.19 1.25
C ALA B 141 -48.08 -38.45 1.29
N GLY B 142 -47.60 -39.57 0.74
CA GLY B 142 -48.37 -40.77 0.72
C GLY B 142 -48.38 -41.47 2.06
N PRO B 143 -49.04 -42.63 2.11
CA PRO B 143 -49.11 -43.40 3.36
C PRO B 143 -47.90 -44.28 3.57
N ASP B 144 -46.83 -44.07 2.79
CA ASP B 144 -45.66 -44.92 2.81
C ASP B 144 -44.48 -44.33 3.56
N CYS B 145 -44.56 -43.09 4.03
CA CYS B 145 -43.46 -42.42 4.70
C CYS B 145 -43.82 -42.17 6.16
N GLN B 146 -42.81 -42.15 7.02
CA GLN B 146 -43.02 -41.96 8.45
C GLN B 146 -42.37 -40.69 8.98
N ARG B 147 -41.12 -40.40 8.63
CA ARG B 147 -40.39 -39.29 9.22
C ARG B 147 -39.37 -38.77 8.21
N ILE B 148 -38.72 -37.67 8.57
CA ILE B 148 -37.64 -37.07 7.81
C ILE B 148 -36.61 -36.60 8.83
N GLU B 149 -35.44 -37.25 8.84
CA GLU B 149 -34.40 -36.96 9.82
C GLU B 149 -33.27 -36.22 9.11
N ILE B 150 -32.98 -35.01 9.57
CA ILE B 150 -32.15 -34.08 8.81
C ILE B 150 -30.86 -33.80 9.56
N THR B 151 -30.33 -34.83 10.23
CA THR B 151 -29.10 -34.71 11.00
C THR B 151 -28.01 -33.97 10.23
N SER B 152 -27.30 -33.11 10.95
CA SER B 152 -26.25 -32.26 10.38
C SER B 152 -25.25 -31.98 11.49
N ASN B 153 -24.05 -32.55 11.37
CA ASN B 153 -23.04 -32.43 12.41
C ASN B 153 -21.66 -32.48 11.73
N LEU B 154 -20.62 -32.71 12.54
CA LEU B 154 -19.26 -32.69 12.02
C LEU B 154 -19.03 -33.78 10.97
N ASP B 155 -19.76 -34.89 11.06
CA ASP B 155 -19.62 -35.96 10.08
C ASP B 155 -20.12 -35.52 8.71
N GLY B 156 -21.39 -35.12 8.63
CA GLY B 156 -21.96 -34.69 7.37
C GLY B 156 -23.43 -34.41 7.54
N THR B 157 -23.99 -33.75 6.52
CA THR B 157 -25.40 -33.34 6.51
C THR B 157 -26.18 -34.37 5.71
N TYR B 158 -26.96 -35.21 6.40
CA TYR B 158 -27.66 -36.31 5.77
C TYR B 158 -29.14 -36.21 6.07
N ALA B 159 -29.96 -36.07 5.01
CA ALA B 159 -31.41 -35.93 5.16
C ALA B 159 -32.08 -37.26 4.78
N ASP B 160 -32.15 -38.15 5.76
CA ASP B 160 -32.80 -39.44 5.57
C ASP B 160 -34.32 -39.27 5.53
N PHE B 161 -34.96 -40.10 4.70
CA PHE B 161 -36.43 -40.16 4.58
C PHE B 161 -36.84 -41.56 5.01
N VAL B 162 -37.12 -41.72 6.30
CA VAL B 162 -37.47 -43.04 6.84
C VAL B 162 -38.74 -43.54 6.17
N GLY B 163 -38.62 -44.67 5.47
CA GLY B 163 -39.74 -45.31 4.82
C GLY B 163 -39.73 -45.24 3.31
N LEU B 164 -38.87 -44.41 2.72
CA LEU B 164 -38.80 -44.22 1.28
C LEU B 164 -37.54 -44.86 0.71
N THR B 165 -37.71 -45.58 -0.38
CA THR B 165 -36.61 -46.18 -1.12
C THR B 165 -36.39 -45.39 -2.41
N GLN B 166 -35.12 -45.27 -2.81
CA GLN B 166 -34.79 -44.55 -4.02
C GLN B 166 -35.46 -45.18 -5.23
N ILE B 167 -35.86 -44.34 -6.18
CA ILE B 167 -36.48 -44.82 -7.41
C ILE B 167 -35.64 -44.49 -8.65
N SER B 168 -34.87 -43.40 -8.63
CA SER B 168 -34.02 -43.05 -9.75
C SER B 168 -32.58 -42.85 -9.27
N GLY B 169 -31.71 -42.37 -10.15
CA GLY B 169 -30.31 -42.21 -9.79
C GLY B 169 -29.51 -43.48 -9.88
N GLU B 170 -29.71 -44.25 -10.96
CA GLU B 170 -28.89 -45.39 -11.39
C GLU B 170 -28.78 -46.49 -10.34
N ASP B 171 -29.45 -46.34 -9.20
CA ASP B 171 -29.46 -47.37 -8.17
C ASP B 171 -30.87 -47.90 -7.93
N ALA B 172 -31.80 -47.03 -7.56
CA ALA B 172 -33.18 -47.38 -7.21
C ALA B 172 -33.27 -48.44 -6.11
N GLY B 173 -32.18 -48.72 -5.40
CA GLY B 173 -32.20 -49.77 -4.40
C GLY B 173 -31.86 -49.34 -2.98
N LYS B 174 -31.02 -48.31 -2.83
CA LYS B 174 -30.63 -47.89 -1.49
C LYS B 174 -31.77 -47.15 -0.81
N LEU B 175 -31.57 -46.87 0.48
CA LEU B 175 -32.52 -46.05 1.22
C LEU B 175 -32.40 -44.58 0.79
N GLN B 176 -33.39 -43.80 1.16
CA GLN B 176 -33.47 -42.41 0.72
C GLN B 176 -32.45 -41.50 1.40
N ARG B 177 -31.62 -42.01 2.30
CA ARG B 177 -30.63 -41.18 2.97
C ARG B 177 -29.66 -40.58 1.97
N THR B 178 -29.74 -39.26 1.78
CA THR B 178 -28.89 -38.55 0.83
C THR B 178 -28.26 -37.35 1.53
N GLY B 179 -27.03 -37.04 1.13
CA GLY B 179 -26.36 -35.89 1.71
C GLY B 179 -24.91 -35.81 1.28
N TYR B 180 -24.10 -35.19 2.15
CA TYR B 180 -22.69 -34.98 1.88
C TYR B 180 -21.93 -35.04 3.19
N PRO B 181 -20.78 -35.73 3.23
CA PRO B 181 -19.95 -35.80 4.44
C PRO B 181 -19.01 -34.61 4.60
N ASP B 182 -19.56 -33.41 4.45
CA ASP B 182 -18.76 -32.19 4.54
C ASP B 182 -19.03 -31.50 5.87
N PRO B 183 -18.02 -31.30 6.71
CA PRO B 183 -18.27 -30.62 7.99
C PRO B 183 -18.59 -29.13 7.85
N ASN B 184 -18.35 -28.54 6.68
CA ASN B 184 -18.59 -27.11 6.46
C ASN B 184 -19.98 -26.85 5.90
N LEU B 185 -20.95 -27.71 6.18
CA LEU B 185 -22.32 -27.53 5.71
C LEU B 185 -23.29 -27.38 6.89
N ARG B 186 -22.81 -26.91 8.01
CA ARG B 186 -23.69 -26.66 9.15
C ARG B 186 -24.38 -25.31 8.97
N PRO B 187 -25.70 -25.24 9.04
CA PRO B 187 -26.41 -24.01 8.69
C PRO B 187 -26.29 -22.96 9.77
N ALA B 188 -26.08 -21.71 9.34
CA ALA B 188 -25.99 -20.59 10.27
C ALA B 188 -27.33 -20.36 10.93
N ILE B 189 -27.43 -20.66 12.22
CA ILE B 189 -28.68 -20.53 12.95
C ILE B 189 -28.92 -19.07 13.28
N VAL B 190 -30.09 -18.55 12.88
CA VAL B 190 -30.63 -17.31 13.40
C VAL B 190 -31.89 -17.55 14.21
N GLY B 191 -32.66 -18.57 13.88
CA GLY B 191 -33.78 -18.99 14.69
C GLY B 191 -34.39 -20.26 14.13
N VAL B 192 -35.69 -20.39 14.30
CA VAL B 192 -36.51 -21.38 13.61
C VAL B 192 -37.77 -20.66 13.16
N PHE B 193 -37.94 -20.52 11.84
CA PHE B 193 -39.03 -19.73 11.26
C PHE B 193 -39.86 -20.65 10.38
N THR B 194 -40.85 -21.31 10.99
CA THR B 194 -41.71 -22.22 10.26
C THR B 194 -42.71 -21.43 9.40
N ASP B 195 -43.56 -22.16 8.69
CA ASP B 195 -44.67 -21.58 7.96
C ASP B 195 -46.00 -22.19 8.36
N LEU B 196 -46.01 -23.12 9.32
CA LEU B 196 -47.22 -23.75 9.80
C LEU B 196 -47.91 -22.82 10.81
N THR B 197 -48.93 -23.34 11.48
CA THR B 197 -49.65 -22.59 12.50
C THR B 197 -50.49 -23.56 13.31
N GLY B 198 -51.08 -23.04 14.39
CA GLY B 198 -51.94 -23.83 15.25
C GLY B 198 -51.17 -24.52 16.35
N PRO B 199 -51.73 -25.58 16.89
CA PRO B 199 -51.03 -26.35 17.93
C PRO B 199 -49.94 -27.23 17.34
N ALA B 200 -49.02 -27.63 18.20
CA ALA B 200 -47.87 -28.41 17.75
C ALA B 200 -48.29 -29.83 17.42
N PRO B 201 -48.06 -30.31 16.19
CA PRO B 201 -48.31 -31.71 15.89
C PRO B 201 -47.24 -32.59 16.52
N GLN B 202 -47.67 -33.73 17.06
CA GLN B 202 -46.76 -34.62 17.76
C GLN B 202 -45.75 -35.22 16.79
N GLY B 203 -44.48 -35.17 17.17
CA GLY B 203 -43.42 -35.70 16.34
C GLY B 203 -42.45 -34.66 15.85
N LEU B 204 -42.97 -33.48 15.51
CA LEU B 204 -42.13 -32.41 14.99
C LEU B 204 -41.13 -31.94 16.04
N SER B 205 -39.89 -31.69 15.62
CA SER B 205 -38.86 -31.24 16.53
C SER B 205 -37.72 -30.65 15.73
N VAL B 206 -37.03 -29.67 16.34
CA VAL B 206 -35.81 -29.09 15.81
C VAL B 206 -34.90 -28.85 17.01
N SER B 207 -33.82 -29.63 17.11
CA SER B 207 -32.98 -29.64 18.31
C SER B 207 -31.55 -29.24 17.93
N ALA B 208 -31.29 -27.94 17.95
CA ALA B 208 -29.94 -27.47 17.74
C ALA B 208 -29.15 -27.49 19.05
N GLU B 209 -27.83 -27.58 18.93
CA GLU B 209 -26.95 -27.59 20.09
C GLU B 209 -25.95 -26.47 19.95
N ILE B 210 -26.07 -25.48 20.82
CA ILE B 210 -25.28 -24.25 20.73
C ILE B 210 -23.82 -24.58 21.01
N ASP B 211 -22.92 -23.78 20.44
CA ASP B 211 -21.49 -23.96 20.64
C ASP B 211 -21.02 -22.98 21.70
N THR B 212 -21.26 -23.34 22.96
CA THR B 212 -20.79 -22.56 24.11
C THR B 212 -19.54 -23.24 24.66
N ARG B 213 -18.43 -23.10 23.93
CA ARG B 213 -17.17 -23.69 24.34
C ARG B 213 -16.24 -22.70 25.02
N PHE B 214 -16.53 -21.41 24.97
CA PHE B 214 -15.72 -20.41 25.63
C PHE B 214 -16.29 -19.95 26.96
N THR B 215 -17.54 -20.32 27.28
CA THR B 215 -18.19 -19.92 28.52
C THR B 215 -17.94 -20.99 29.58
N THR B 216 -16.70 -21.01 30.07
CA THR B 216 -16.28 -21.96 31.09
C THR B 216 -15.94 -21.22 32.37
N HIS B 217 -15.91 -21.96 33.48
CA HIS B 217 -15.52 -21.41 34.77
C HIS B 217 -14.75 -22.48 35.53
N PRO B 218 -13.67 -22.10 36.22
CA PRO B 218 -12.79 -23.11 36.83
C PRO B 218 -13.51 -23.99 37.84
N THR B 219 -13.01 -25.21 37.98
CA THR B 219 -13.56 -26.20 38.90
C THR B 219 -13.02 -25.89 40.30
N ALA B 220 -13.24 -26.81 41.25
CA ALA B 220 -12.71 -26.67 42.60
C ALA B 220 -11.27 -27.10 42.71
N LEU B 221 -10.64 -27.53 41.62
CA LEU B 221 -9.23 -27.89 41.58
C LEU B 221 -8.37 -26.88 40.85
N LYS B 222 -8.85 -26.36 39.73
CA LYS B 222 -8.15 -25.26 39.06
C LYS B 222 -8.04 -24.05 39.98
N LEU B 223 -9.09 -23.77 40.76
CA LEU B 223 -9.03 -22.68 41.73
C LEU B 223 -8.01 -22.97 42.82
N ALA B 224 -7.96 -24.21 43.32
CA ALA B 224 -6.99 -24.56 44.34
C ALA B 224 -5.56 -24.45 43.82
N ALA B 225 -5.36 -24.70 42.53
CA ALA B 225 -4.03 -24.56 41.96
C ALA B 225 -3.67 -23.10 41.70
N MET B 226 -4.66 -22.29 41.29
CA MET B 226 -4.40 -20.89 40.99
C MET B 226 -4.19 -20.07 42.25
N LEU B 227 -4.88 -20.41 43.34
CA LEU B 227 -4.69 -19.74 44.61
C LEU B 227 -3.53 -20.31 45.40
N LEU B 228 -2.77 -21.22 44.83
CA LEU B 228 -1.58 -21.78 45.43
C LEU B 228 -0.31 -21.41 44.69
N ALA B 229 -0.37 -21.34 43.36
CA ALA B 229 0.77 -20.92 42.55
C ALA B 229 1.07 -19.43 42.67
N ILE B 230 0.35 -18.74 43.55
CA ILE B 230 0.60 -17.34 43.86
C ILE B 230 1.07 -17.16 45.30
N VAL B 231 0.45 -17.89 46.24
CA VAL B 231 0.95 -17.93 47.61
C VAL B 231 2.38 -18.47 47.63
N SER B 232 2.60 -19.58 46.93
CA SER B 232 3.93 -20.15 46.84
C SER B 232 4.78 -19.53 45.74
N THR B 233 4.43 -18.31 45.34
CA THR B 233 5.34 -17.42 44.62
C THR B 233 5.73 -16.22 45.45
N VAL B 234 4.77 -15.61 46.16
CA VAL B 234 5.11 -14.53 47.08
C VAL B 234 5.94 -15.06 48.23
N ILE B 235 5.74 -16.32 48.64
CA ILE B 235 6.58 -16.89 49.69
C ILE B 235 8.00 -17.12 49.20
N ALA B 236 8.14 -17.59 47.96
CA ALA B 236 9.47 -17.75 47.37
C ALA B 236 10.18 -16.41 47.27
N LEU B 237 9.46 -15.36 46.87
CA LEU B 237 10.07 -14.04 46.78
C LEU B 237 10.44 -13.50 48.15
N LEU B 238 9.64 -13.76 49.18
CA LEU B 238 10.00 -13.34 50.53
C LEU B 238 11.24 -14.08 51.03
N ALA B 239 11.37 -15.36 50.69
CA ALA B 239 12.57 -16.09 51.06
C ALA B 239 13.79 -15.55 50.33
N LEU B 240 13.65 -15.25 49.04
CA LEU B 240 14.75 -14.65 48.29
C LEU B 240 15.13 -13.30 48.87
N TRP B 241 14.16 -12.54 49.35
CA TRP B 241 14.46 -11.25 49.97
C TRP B 241 15.20 -11.44 51.30
N ARG B 242 14.77 -12.41 52.10
CA ARG B 242 15.49 -12.69 53.35
C ARG B 242 16.91 -13.17 53.08
N LEU B 243 17.13 -13.84 51.94
CA LEU B 243 18.49 -14.22 51.57
C LEU B 243 19.29 -13.01 51.12
N ASP B 244 18.66 -12.12 50.34
CA ASP B 244 19.35 -10.94 49.83
C ASP B 244 19.72 -9.97 50.94
N ARG B 245 18.97 -9.97 52.04
CA ARG B 245 19.27 -9.09 53.16
C ARG B 245 20.46 -9.55 53.99
N LEU B 246 21.26 -10.47 53.47
CA LEU B 246 22.41 -10.98 54.23
C LEU B 246 23.55 -9.98 54.27
N ASP B 247 23.73 -9.18 53.23
CA ASP B 247 24.88 -8.30 53.11
C ASP B 247 24.92 -7.21 54.18
N GLY B 248 23.84 -6.99 54.90
CA GLY B 248 23.83 -6.03 55.98
C GLY B 248 23.36 -4.64 55.59
N ARG B 249 22.57 -4.51 54.54
CA ARG B 249 22.06 -3.21 54.08
C ARG B 249 20.56 -3.13 54.34
N ARG B 250 20.11 -1.92 54.68
CA ARG B 250 18.70 -1.65 54.94
C ARG B 250 18.25 -0.43 54.16
N MET B 251 17.01 -0.03 54.40
CA MET B 251 16.42 1.15 53.77
C MET B 251 16.27 2.24 54.82
N HIS B 252 16.98 3.35 54.62
CA HIS B 252 16.97 4.44 55.59
C HIS B 252 15.91 5.50 55.29
N ARG B 253 15.56 5.66 54.03
CA ARG B 253 14.63 6.66 53.62
C ARG B 253 13.59 6.10 52.67
N LEU B 254 12.32 6.47 52.86
CA LEU B 254 11.30 6.00 51.93
C LEU B 254 11.40 6.70 50.59
N ILE B 255 11.98 7.90 50.56
CA ILE B 255 12.12 8.68 49.33
C ILE B 255 13.59 9.08 49.20
N PRO B 256 14.29 8.64 48.16
CA PRO B 256 15.69 9.05 48.00
C PRO B 256 15.81 10.56 47.85
N THR B 257 16.95 11.09 48.30
CA THR B 257 17.16 12.54 48.28
C THR B 257 17.26 13.10 46.87
N ARG B 258 17.43 12.26 45.85
CA ARG B 258 17.39 12.74 44.48
C ARG B 258 15.96 12.82 43.94
N TRP B 259 14.98 12.39 44.72
CA TRP B 259 13.57 12.53 44.34
C TRP B 259 12.95 13.83 44.84
N ARG B 260 13.29 14.27 46.05
CA ARG B 260 12.68 15.45 46.64
C ARG B 260 13.29 16.69 45.98
N THR B 261 12.89 16.92 44.73
CA THR B 261 13.27 18.12 44.00
C THR B 261 12.19 18.39 42.95
N VAL B 262 11.98 19.68 42.67
CA VAL B 262 10.98 20.11 41.71
C VAL B 262 11.64 21.05 40.72
N THR B 263 11.37 20.83 39.43
CA THR B 263 11.93 21.64 38.36
C THR B 263 10.80 22.29 37.58
N ALA B 264 11.16 23.20 36.68
CA ALA B 264 10.17 23.82 35.80
C ALA B 264 9.71 22.90 34.69
N VAL B 265 10.30 21.71 34.57
CA VAL B 265 9.84 20.73 33.60
C VAL B 265 8.74 19.84 34.16
N ASP B 266 8.79 19.56 35.47
CA ASP B 266 7.74 18.76 36.09
C ASP B 266 6.38 19.45 35.95
N GLY B 267 6.33 20.75 36.25
CA GLY B 267 5.11 21.51 36.07
C GLY B 267 4.59 21.47 34.65
N VAL B 268 5.46 21.69 33.66
CA VAL B 268 5.04 21.68 32.27
C VAL B 268 4.50 20.32 31.85
N VAL B 269 5.22 19.24 32.19
CA VAL B 269 4.77 17.92 31.77
C VAL B 269 3.48 17.53 32.45
N VAL B 270 3.36 17.81 33.76
CA VAL B 270 2.15 17.43 34.48
C VAL B 270 0.96 18.23 33.97
N GLY B 271 1.13 19.54 33.77
CA GLY B 271 0.04 20.35 33.29
C GLY B 271 -0.24 20.19 31.81
N GLY B 272 0.65 19.52 31.08
CA GLY B 272 0.40 19.26 29.68
C GLY B 272 -0.13 17.86 29.44
N MET B 273 -0.02 17.01 30.45
CA MET B 273 -0.67 15.70 30.41
C MET B 273 -1.98 15.68 31.20
N ALA B 274 -2.25 16.71 32.02
CA ALA B 274 -3.51 16.80 32.73
C ALA B 274 -4.54 17.66 32.02
N ILE B 275 -4.15 18.43 31.01
CA ILE B 275 -5.09 19.18 30.19
C ILE B 275 -5.17 18.63 28.78
N TRP B 276 -4.31 17.68 28.42
CA TRP B 276 -4.48 16.89 27.22
C TRP B 276 -5.29 15.63 27.48
N TYR B 277 -5.48 15.31 28.75
CA TYR B 277 -6.28 14.16 29.14
C TYR B 277 -7.76 14.57 29.10
N VAL B 278 -8.02 15.87 29.07
CA VAL B 278 -9.39 16.39 29.02
C VAL B 278 -9.80 16.78 27.61
N ILE B 279 -8.96 17.56 26.91
CA ILE B 279 -9.33 18.07 25.60
C ILE B 279 -8.62 17.34 24.46
N GLY B 280 -7.83 16.32 24.76
CA GLY B 280 -6.99 15.71 23.76
C GLY B 280 -7.69 14.64 22.94
N ALA B 281 -7.02 14.23 21.87
CA ALA B 281 -7.57 13.24 20.96
C ALA B 281 -7.51 11.85 21.58
N ASN B 282 -8.23 10.93 20.95
CA ASN B 282 -8.29 9.54 21.37
C ASN B 282 -7.92 8.64 20.19
N SER B 283 -7.38 7.46 20.50
CA SER B 283 -6.96 6.54 19.46
C SER B 283 -8.18 5.97 18.73
N SER B 284 -7.90 5.14 17.72
CA SER B 284 -8.94 4.56 16.89
C SER B 284 -9.57 3.31 17.49
N ASP B 285 -8.96 2.74 18.53
CA ASP B 285 -9.44 1.50 19.13
C ASP B 285 -10.02 1.70 20.51
N ASP B 286 -10.74 2.79 20.75
CA ASP B 286 -11.37 2.97 22.05
C ASP B 286 -12.81 2.49 22.05
N GLY B 287 -13.53 2.71 20.95
CA GLY B 287 -14.85 2.13 20.82
C GLY B 287 -14.80 0.61 20.81
N TYR B 288 -13.77 0.15 20.16
CA TYR B 288 -13.51 -1.27 19.95
C TYR B 288 -13.38 -1.97 21.28
N ILE B 289 -12.54 -1.48 22.15
CA ILE B 289 -12.22 -2.04 23.47
C ILE B 289 -13.34 -1.74 24.46
N LEU B 290 -13.95 -0.57 24.37
CA LEU B 290 -15.04 -0.24 25.29
C LEU B 290 -16.25 -1.12 25.05
N GLN B 291 -16.55 -1.38 23.80
CA GLN B 291 -17.67 -2.22 23.40
C GLN B 291 -17.35 -3.63 23.84
N MET B 292 -16.08 -4.05 23.78
CA MET B 292 -15.69 -5.44 24.12
C MET B 292 -15.54 -5.61 25.64
N ALA B 293 -15.52 -4.51 26.38
CA ALA B 293 -15.37 -4.53 27.82
C ALA B 293 -16.67 -4.29 28.57
N ARG B 294 -17.64 -3.63 27.94
CA ARG B 294 -18.94 -3.45 28.58
C ARG B 294 -19.75 -4.74 28.60
N THR B 295 -19.51 -5.63 27.64
CA THR B 295 -20.27 -6.87 27.50
C THR B 295 -19.58 -8.08 28.10
N ALA B 296 -18.36 -7.92 28.63
CA ALA B 296 -17.60 -9.05 29.13
C ALA B 296 -18.14 -9.60 30.44
N GLU B 297 -18.91 -8.83 31.19
CA GLU B 297 -19.50 -9.33 32.43
C GLU B 297 -20.72 -10.19 32.14
N HIS B 298 -21.49 -9.86 31.10
CA HIS B 298 -22.66 -10.64 30.73
C HIS B 298 -22.28 -11.86 29.91
N ALA B 299 -21.33 -11.71 28.98
CA ALA B 299 -20.96 -12.82 28.11
C ALA B 299 -20.35 -13.97 28.91
N GLY B 300 -19.59 -13.65 29.95
CA GLY B 300 -18.89 -14.66 30.71
C GLY B 300 -17.43 -14.84 30.34
N TYR B 301 -16.94 -14.10 29.36
CA TYR B 301 -15.55 -14.16 28.93
C TYR B 301 -15.25 -12.94 28.10
N MET B 302 -13.96 -12.72 27.83
CA MET B 302 -13.51 -11.53 27.12
C MET B 302 -13.62 -11.77 25.62
N ALA B 303 -14.85 -11.71 25.12
CA ALA B 303 -15.13 -12.01 23.73
C ALA B 303 -14.66 -10.87 22.83
N ASN B 304 -13.95 -11.22 21.76
CA ASN B 304 -13.71 -10.27 20.68
C ASN B 304 -15.04 -10.01 19.99
N TYR B 305 -15.67 -8.91 20.36
CA TYR B 305 -17.04 -8.56 19.95
C TYR B 305 -17.45 -8.28 18.51
N PHE B 306 -16.53 -7.84 17.67
CA PHE B 306 -16.90 -7.50 16.30
C PHE B 306 -16.35 -8.46 15.24
N ARG B 307 -15.67 -9.54 15.63
CA ARG B 307 -15.03 -10.35 14.61
C ARG B 307 -14.67 -11.71 15.20
N TRP B 308 -14.39 -12.66 14.30
CA TRP B 308 -13.83 -13.97 14.63
C TRP B 308 -14.79 -14.84 15.46
N PHE B 309 -16.09 -14.71 15.22
CA PHE B 309 -17.09 -15.63 15.76
C PHE B 309 -17.08 -15.64 17.29
N GLY B 310 -16.87 -14.48 17.89
CA GLY B 310 -16.87 -14.40 19.34
C GLY B 310 -15.72 -15.11 20.01
N SER B 311 -14.61 -15.33 19.30
CA SER B 311 -13.46 -15.96 19.92
C SER B 311 -12.77 -14.97 20.86
N PRO B 312 -12.37 -15.41 22.05
CA PRO B 312 -11.88 -14.46 23.06
C PRO B 312 -10.49 -13.93 22.77
N GLU B 313 -10.05 -12.98 23.60
CA GLU B 313 -8.64 -12.56 23.62
C GLU B 313 -7.91 -13.61 24.45
N ASP B 314 -7.56 -14.67 23.72
CA ASP B 314 -6.89 -15.86 24.22
C ASP B 314 -6.00 -15.65 25.42
N PRO B 315 -4.69 -15.53 25.18
CA PRO B 315 -3.75 -15.38 26.29
C PRO B 315 -3.46 -13.93 26.66
N PHE B 316 -3.90 -12.99 25.82
CA PHE B 316 -3.46 -11.61 25.93
C PHE B 316 -4.54 -10.67 26.46
N GLY B 317 -5.34 -11.09 27.44
CA GLY B 317 -6.45 -10.26 27.87
C GLY B 317 -6.60 -10.09 29.36
N TRP B 318 -5.51 -10.11 30.11
CA TRP B 318 -5.61 -9.85 31.54
C TRP B 318 -5.82 -8.37 31.84
N TYR B 319 -5.49 -7.49 30.89
CA TYR B 319 -5.67 -6.06 31.12
C TYR B 319 -7.11 -5.62 30.86
N TYR B 320 -7.74 -6.17 29.82
CA TYR B 320 -9.12 -5.81 29.53
C TYR B 320 -10.08 -6.26 30.62
N ASN B 321 -9.69 -7.24 31.42
CA ASN B 321 -10.49 -7.62 32.58
C ASN B 321 -10.38 -6.62 33.72
N VAL B 322 -9.54 -5.59 33.58
CA VAL B 322 -9.52 -4.48 34.52
C VAL B 322 -10.46 -3.37 34.06
N LEU B 323 -10.49 -3.10 32.76
CA LEU B 323 -11.51 -2.20 32.22
C LEU B 323 -12.91 -2.78 32.40
N ALA B 324 -13.04 -4.11 32.33
CA ALA B 324 -14.33 -4.74 32.58
C ALA B 324 -14.80 -4.52 34.01
N LEU B 325 -13.88 -4.30 34.94
CA LEU B 325 -14.26 -3.95 36.30
C LEU B 325 -14.47 -2.46 36.47
N MET B 326 -13.70 -1.64 35.76
CA MET B 326 -13.86 -0.20 35.84
C MET B 326 -15.21 0.24 35.26
N THR B 327 -15.69 -0.45 34.23
CA THR B 327 -16.97 -0.09 33.62
C THR B 327 -18.17 -0.35 34.52
N LYS B 328 -17.97 -0.94 35.71
CA LYS B 328 -19.09 -1.12 36.63
C LYS B 328 -19.44 0.20 37.33
N VAL B 329 -18.43 1.02 37.62
CA VAL B 329 -18.69 2.33 38.22
C VAL B 329 -19.32 3.26 37.20
N SER B 330 -18.62 3.51 36.10
CA SER B 330 -19.11 4.34 35.01
C SER B 330 -18.23 4.08 33.80
N ASP B 331 -18.80 4.32 32.61
CA ASP B 331 -18.08 4.11 31.36
C ASP B 331 -17.83 5.43 30.62
N ALA B 332 -17.89 6.54 31.34
CA ALA B 332 -17.62 7.84 30.72
C ALA B 332 -16.21 7.88 30.16
N SER B 333 -15.99 8.82 29.23
CA SER B 333 -14.68 8.94 28.60
C SER B 333 -13.65 9.59 29.51
N ILE B 334 -14.10 10.34 30.52
CA ILE B 334 -13.19 11.01 31.44
C ILE B 334 -12.76 10.14 32.63
N TRP B 335 -13.40 8.99 32.78
CA TRP B 335 -13.09 8.08 33.87
C TRP B 335 -12.49 6.77 33.41
N ILE B 336 -12.97 6.20 32.31
CA ILE B 336 -12.47 4.92 31.83
C ILE B 336 -11.05 5.00 31.30
N ARG B 337 -10.50 6.20 31.15
CA ARG B 337 -9.15 6.38 30.64
C ARG B 337 -8.19 6.85 31.73
N LEU B 338 -8.44 6.43 32.97
CA LEU B 338 -7.59 6.81 34.09
C LEU B 338 -6.27 6.04 34.11
N PRO B 339 -6.25 4.72 33.85
CA PRO B 339 -4.95 4.02 33.81
C PRO B 339 -4.03 4.49 32.70
N ASP B 340 -4.51 5.40 31.85
CA ASP B 340 -3.68 6.02 30.83
C ASP B 340 -3.10 7.35 31.26
N LEU B 341 -3.62 7.94 32.34
CA LEU B 341 -3.04 9.10 32.98
C LEU B 341 -2.15 8.74 34.16
N ILE B 342 -2.56 7.73 34.94
CA ILE B 342 -1.72 7.25 36.04
C ILE B 342 -0.43 6.65 35.49
N CYS B 343 -0.54 5.87 34.41
CA CYS B 343 0.64 5.28 33.78
C CYS B 343 1.45 6.27 32.96
N ALA B 344 1.03 7.54 32.92
CA ALA B 344 1.85 8.62 32.37
C ALA B 344 2.52 9.43 33.45
N LEU B 345 1.81 9.72 34.54
CA LEU B 345 2.44 10.33 35.70
C LEU B 345 3.52 9.43 36.28
N ILE B 346 3.26 8.12 36.36
CA ILE B 346 4.28 7.19 36.84
C ILE B 346 5.44 7.12 35.86
N CYS B 347 5.14 7.11 34.57
CA CYS B 347 6.19 7.07 33.56
C CYS B 347 7.11 8.28 33.67
N TRP B 348 6.54 9.47 33.88
CA TRP B 348 7.37 10.66 34.03
C TRP B 348 8.15 10.63 35.34
N LEU B 349 7.49 10.23 36.44
CA LEU B 349 8.16 10.16 37.72
C LEU B 349 9.37 9.22 37.68
N LEU B 350 9.25 8.14 36.91
CA LEU B 350 10.39 7.25 36.74
C LEU B 350 11.43 7.86 35.82
N LEU B 351 11.03 8.29 34.63
CA LEU B 351 11.98 8.73 33.62
C LEU B 351 12.77 9.95 34.08
N SER B 352 12.22 10.77 34.98
CA SER B 352 12.89 11.99 35.38
C SER B 352 13.70 11.86 36.66
N ARG B 353 13.52 10.78 37.41
CA ARG B 353 14.15 10.66 38.73
C ARG B 353 14.96 9.39 38.92
N GLU B 354 14.73 8.34 38.12
CA GLU B 354 15.46 7.08 38.25
C GLU B 354 16.29 6.77 37.01
N VAL B 355 15.83 7.18 35.83
CA VAL B 355 16.53 6.84 34.59
C VAL B 355 17.57 7.90 34.24
N LEU B 356 17.20 9.18 34.30
CA LEU B 356 18.16 10.22 33.92
C LEU B 356 19.28 10.38 34.94
N PRO B 357 19.02 10.44 36.25
CA PRO B 357 20.15 10.46 37.20
C PRO B 357 21.05 9.26 37.11
N ARG B 358 20.56 8.12 36.62
CA ARG B 358 21.40 6.93 36.48
C ARG B 358 22.39 7.09 35.33
N LEU B 359 22.01 7.80 34.28
CA LEU B 359 22.85 7.93 33.08
C LEU B 359 24.09 8.80 33.30
N GLY B 360 24.39 9.26 34.51
CA GLY B 360 25.59 10.02 34.74
C GLY B 360 25.32 11.44 35.19
N PRO B 361 26.30 12.05 35.87
CA PRO B 361 26.12 13.43 36.35
C PRO B 361 26.08 14.48 35.26
N ALA B 362 26.24 14.10 33.99
CA ALA B 362 26.12 15.06 32.89
C ALA B 362 24.75 15.06 32.25
N VAL B 363 24.01 13.95 32.35
CA VAL B 363 22.63 13.93 31.89
C VAL B 363 21.67 14.38 32.98
N ALA B 364 22.03 14.17 34.24
CA ALA B 364 21.21 14.63 35.36
C ALA B 364 21.42 16.10 35.69
N GLY B 365 22.55 16.67 35.29
CA GLY B 365 22.88 18.03 35.68
C GLY B 365 22.55 19.08 34.63
N SER B 366 22.36 18.65 33.38
CA SER B 366 22.06 19.57 32.29
C SER B 366 20.55 19.72 32.14
N ARG B 367 20.09 20.97 32.11
CA ARG B 367 18.66 21.25 32.04
C ARG B 367 18.07 20.95 30.66
N ALA B 368 18.87 21.15 29.61
CA ALA B 368 18.40 20.85 28.26
C ALA B 368 18.03 19.38 28.11
N ALA B 369 18.72 18.50 28.83
CA ALA B 369 18.40 17.07 28.78
C ALA B 369 17.04 16.80 29.40
N MET B 370 16.75 17.42 30.55
CA MET B 370 15.45 17.24 31.18
C MET B 370 14.34 17.81 30.28
N TRP B 371 14.57 18.98 29.69
CA TRP B 371 13.57 19.55 28.79
C TRP B 371 13.32 18.65 27.59
N ALA B 372 14.39 18.11 27.01
CA ALA B 372 14.23 17.23 25.85
C ALA B 372 13.49 15.96 26.23
N ALA B 373 13.83 15.37 27.38
CA ALA B 373 13.14 14.16 27.82
C ALA B 373 11.66 14.42 28.02
N GLY B 374 11.32 15.51 28.72
CA GLY B 374 9.92 15.82 28.95
C GLY B 374 9.16 16.08 27.67
N LEU B 375 9.74 16.88 26.78
CA LEU B 375 9.03 17.23 25.55
C LEU B 375 8.89 16.05 24.60
N VAL B 376 9.87 15.15 24.57
CA VAL B 376 9.74 13.98 23.71
C VAL B 376 8.76 12.97 24.29
N LEU B 377 8.76 12.83 25.63
CA LEU B 377 7.72 12.03 26.28
C LEU B 377 6.34 12.55 25.91
N LEU B 378 6.15 13.87 25.98
CA LEU B 378 4.86 14.46 25.64
C LEU B 378 4.52 14.21 24.17
N GLY B 379 5.46 14.49 23.27
CA GLY B 379 5.19 14.36 21.85
C GLY B 379 4.91 12.93 21.43
N ALA B 380 5.48 11.96 22.12
CA ALA B 380 5.24 10.56 21.77
C ALA B 380 4.06 9.96 22.54
N TRP B 381 3.63 10.59 23.62
CA TRP B 381 2.49 10.11 24.39
C TRP B 381 1.17 10.74 23.96
N MET B 382 1.21 11.92 23.34
CA MET B 382 -0.04 12.62 23.02
C MET B 382 -0.87 11.88 21.99
N PRO B 383 -0.37 11.57 20.78
CA PRO B 383 -1.26 11.00 19.77
C PRO B 383 -1.52 9.51 19.92
N PHE B 384 -0.63 8.77 20.59
CA PHE B 384 -0.71 7.32 20.63
C PHE B 384 -1.30 6.77 21.92
N ASN B 385 -0.81 7.22 23.06
CA ASN B 385 -1.11 6.60 24.35
C ASN B 385 -2.20 7.34 25.13
N ASN B 386 -3.16 7.95 24.45
CA ASN B 386 -4.24 8.66 25.13
C ASN B 386 -5.58 7.94 25.08
N GLY B 387 -5.76 6.98 24.17
CA GLY B 387 -7.03 6.29 24.06
C GLY B 387 -7.17 5.17 25.06
N LEU B 388 -7.68 4.02 24.61
CA LEU B 388 -7.81 2.85 25.45
C LEU B 388 -6.88 1.71 25.02
N ARG B 389 -6.14 1.88 23.94
CA ARG B 389 -5.16 0.88 23.54
C ARG B 389 -4.12 0.72 24.65
N PRO B 390 -3.71 -0.51 24.97
CA PRO B 390 -2.77 -0.74 26.07
C PRO B 390 -1.31 -0.60 25.65
N GLU B 391 -1.00 0.50 24.97
CA GLU B 391 0.40 0.82 24.65
C GLU B 391 1.05 1.69 25.71
N GLY B 392 0.27 2.57 26.35
CA GLY B 392 0.81 3.36 27.45
C GLY B 392 1.12 2.56 28.69
N GLN B 393 0.54 1.36 28.81
CA GLN B 393 0.87 0.47 29.91
C GLN B 393 2.05 -0.43 29.60
N ILE B 394 2.20 -0.84 28.33
CA ILE B 394 3.39 -1.57 27.93
C ILE B 394 4.62 -0.67 28.00
N ALA B 395 4.46 0.60 27.61
CA ALA B 395 5.57 1.54 27.70
C ALA B 395 5.98 1.81 29.14
N THR B 396 5.09 1.59 30.10
CA THR B 396 5.42 1.75 31.51
C THR B 396 5.95 0.47 32.13
N GLY B 397 5.47 -0.69 31.70
CA GLY B 397 6.05 -1.94 32.15
C GLY B 397 7.47 -2.12 31.67
N ALA B 398 7.74 -1.78 30.41
CA ALA B 398 9.08 -1.87 29.86
C ALA B 398 10.03 -0.84 30.47
N LEU B 399 9.51 0.12 31.23
CA LEU B 399 10.34 1.07 31.96
C LEU B 399 10.53 0.66 33.41
N ILE B 400 9.49 0.13 34.05
CA ILE B 400 9.63 -0.42 35.39
C ILE B 400 10.60 -1.59 35.38
N THR B 401 10.61 -2.39 34.32
CA THR B 401 11.56 -3.50 34.22
C THR B 401 12.99 -2.98 34.18
N TYR B 402 13.24 -1.99 33.32
CA TYR B 402 14.58 -1.40 33.24
C TYR B 402 14.99 -0.78 34.55
N VAL B 403 14.06 -0.10 35.23
CA VAL B 403 14.39 0.56 36.50
C VAL B 403 14.72 -0.47 37.57
N LEU B 404 13.96 -1.56 37.63
CA LEU B 404 14.23 -2.59 38.63
C LEU B 404 15.54 -3.31 38.33
N ILE B 405 15.85 -3.52 37.05
CA ILE B 405 17.13 -4.14 36.70
C ILE B 405 18.29 -3.23 37.09
N GLU B 406 18.14 -1.92 36.87
CA GLU B 406 19.18 -0.98 37.26
C GLU B 406 19.34 -0.95 38.78
N ARG B 407 18.23 -1.06 39.52
CA ARG B 407 18.31 -1.12 40.97
C ARG B 407 19.03 -2.38 41.42
N ALA B 408 18.76 -3.51 40.77
CA ALA B 408 19.45 -4.75 41.10
C ALA B 408 20.94 -4.63 40.85
N VAL B 409 21.32 -4.07 39.70
CA VAL B 409 22.73 -3.89 39.39
C VAL B 409 23.39 -2.94 40.38
N THR B 410 22.68 -1.88 40.77
CA THR B 410 23.23 -0.91 41.72
C THR B 410 23.47 -1.55 43.08
N SER B 411 22.41 -2.05 43.71
CA SER B 411 22.52 -2.57 45.07
C SER B 411 23.20 -3.93 45.13
N GLY B 412 23.30 -4.64 44.01
CA GLY B 412 23.92 -5.94 44.02
C GLY B 412 23.06 -7.04 44.61
N ARG B 413 21.74 -6.87 44.59
CA ARG B 413 20.81 -7.87 45.11
C ARG B 413 20.08 -8.54 43.96
N LEU B 414 19.34 -9.59 44.29
CA LEU B 414 18.53 -10.31 43.32
C LEU B 414 17.04 -10.11 43.50
N THR B 415 16.59 -9.68 44.69
CA THR B 415 15.17 -9.51 44.93
C THR B 415 14.54 -8.38 44.09
N PRO B 416 15.27 -7.37 43.63
CA PRO B 416 14.70 -6.49 42.59
C PRO B 416 14.95 -6.95 41.17
N ALA B 417 15.43 -8.18 40.98
CA ALA B 417 15.58 -8.76 39.66
C ALA B 417 14.59 -9.89 39.38
N ALA B 418 13.95 -10.43 40.41
CA ALA B 418 12.81 -11.31 40.21
C ALA B 418 11.54 -10.51 39.98
N LEU B 419 11.41 -9.35 40.63
CA LEU B 419 10.30 -8.46 40.35
C LEU B 419 10.39 -7.91 38.93
N ALA B 420 11.60 -7.73 38.41
CA ALA B 420 11.74 -7.33 37.01
C ALA B 420 11.20 -8.40 36.07
N ILE B 421 11.45 -9.67 36.39
CA ILE B 421 10.93 -10.75 35.57
C ILE B 421 9.42 -10.83 35.69
N THR B 422 8.89 -10.62 36.90
CA THR B 422 7.44 -10.58 37.08
C THR B 422 6.81 -9.46 36.26
N THR B 423 7.43 -8.28 36.27
CA THR B 423 6.90 -7.16 35.50
C THR B 423 6.98 -7.44 34.01
N ALA B 424 8.08 -8.05 33.54
CA ALA B 424 8.19 -8.38 32.13
C ALA B 424 7.13 -9.41 31.72
N ALA B 425 6.86 -10.39 32.58
CA ALA B 425 5.83 -11.37 32.27
C ALA B 425 4.45 -10.72 32.22
N PHE B 426 4.12 -9.89 33.21
CA PHE B 426 2.81 -9.24 33.23
C PHE B 426 2.68 -8.19 32.15
N THR B 427 3.79 -7.71 31.58
CA THR B 427 3.72 -6.78 30.46
C THR B 427 3.57 -7.52 29.13
N LEU B 428 4.23 -8.67 29.00
CA LEU B 428 4.04 -9.51 27.82
C LEU B 428 2.66 -10.13 27.80
N GLY B 429 2.02 -10.30 28.96
CA GLY B 429 0.67 -10.81 28.99
C GLY B 429 -0.40 -9.81 28.59
N ILE B 430 -0.02 -8.56 28.36
CA ILE B 430 -0.99 -7.54 27.96
C ILE B 430 -1.29 -7.65 26.47
N GLN B 431 -0.25 -7.64 25.64
CA GLN B 431 -0.37 -7.70 24.20
C GLN B 431 0.86 -8.39 23.65
N PRO B 432 0.78 -8.97 22.45
CA PRO B 432 1.97 -9.62 21.87
C PRO B 432 3.11 -8.65 21.62
N THR B 433 2.83 -7.35 21.50
CA THR B 433 3.86 -6.34 21.30
C THR B 433 4.58 -5.98 22.60
N GLY B 434 4.38 -6.73 23.67
CA GLY B 434 5.04 -6.47 24.93
C GLY B 434 6.41 -7.13 25.03
N LEU B 435 7.00 -7.44 23.88
CA LEU B 435 8.33 -8.02 23.85
C LEU B 435 9.43 -7.02 24.18
N ILE B 436 9.09 -5.72 24.26
CA ILE B 436 10.07 -4.75 24.74
C ILE B 436 10.41 -5.02 26.20
N ALA B 437 9.45 -5.55 26.95
CA ALA B 437 9.71 -5.85 28.36
C ALA B 437 10.71 -6.97 28.53
N VAL B 438 10.78 -7.90 27.58
CA VAL B 438 11.81 -8.94 27.65
C VAL B 438 13.09 -8.53 26.93
N ALA B 439 13.01 -7.60 25.98
CA ALA B 439 14.23 -6.99 25.46
C ALA B 439 14.96 -6.24 26.56
N ALA B 440 14.21 -5.60 27.46
CA ALA B 440 14.81 -4.96 28.63
C ALA B 440 15.47 -5.98 29.56
N LEU B 441 15.05 -7.25 29.51
CA LEU B 441 15.70 -8.28 30.29
C LEU B 441 16.96 -8.78 29.62
N LEU B 442 16.88 -9.05 28.31
CA LEU B 442 18.05 -9.46 27.55
C LEU B 442 19.16 -8.42 27.62
N ALA B 443 18.81 -7.13 27.54
CA ALA B 443 19.82 -6.09 27.62
C ALA B 443 20.52 -6.08 28.98
N GLY B 444 19.81 -6.42 30.05
CA GLY B 444 20.39 -6.44 31.37
C GLY B 444 20.51 -7.84 31.95
N GLY B 445 20.86 -8.81 31.12
CA GLY B 445 21.00 -10.18 31.58
C GLY B 445 22.41 -10.52 32.03
N ARG B 446 23.41 -9.86 31.41
CA ARG B 446 24.79 -10.14 31.76
C ARG B 446 25.15 -9.64 33.15
N PRO B 447 24.86 -8.40 33.54
CA PRO B 447 25.17 -7.99 34.93
C PRO B 447 24.29 -8.64 35.97
N ILE B 448 23.18 -9.26 35.58
CA ILE B 448 22.38 -10.03 36.53
C ILE B 448 22.96 -11.42 36.72
N LEU B 449 23.38 -12.05 35.63
CA LEU B 449 24.11 -13.30 35.73
C LEU B 449 25.40 -13.12 36.53
N ARG B 450 26.02 -11.94 36.44
CA ARG B 450 27.21 -11.65 37.23
C ARG B 450 26.93 -11.65 38.72
N ILE B 451 25.68 -11.39 39.13
CA ILE B 451 25.33 -11.47 40.55
C ILE B 451 24.84 -12.87 40.92
N VAL B 452 24.18 -13.56 40.00
CA VAL B 452 23.77 -14.94 40.25
C VAL B 452 25.00 -15.82 40.48
N MET B 453 26.04 -15.62 39.67
CA MET B 453 27.28 -16.40 39.82
C MET B 453 28.22 -15.82 40.86
N ARG B 454 27.78 -14.83 41.64
CA ARG B 454 28.58 -14.23 42.69
C ARG B 454 28.00 -14.41 44.08
N ARG B 455 26.67 -14.43 44.20
CA ARG B 455 26.04 -14.68 45.50
C ARG B 455 26.05 -16.16 45.85
N ARG B 456 26.10 -17.05 44.86
CA ARG B 456 25.98 -18.48 45.09
C ARG B 456 27.14 -19.07 45.88
N ARG B 457 28.15 -18.28 46.24
CA ARG B 457 29.22 -18.80 47.08
C ARG B 457 28.76 -18.96 48.53
N LEU B 458 27.67 -18.29 48.90
CA LEU B 458 27.19 -18.30 50.27
C LEU B 458 25.91 -19.13 50.42
N VAL B 459 25.06 -19.17 49.40
CA VAL B 459 23.73 -19.75 49.54
C VAL B 459 23.50 -20.95 48.61
N GLY B 460 24.22 -21.08 47.51
CA GLY B 460 23.95 -22.14 46.55
C GLY B 460 23.22 -21.61 45.34
N THR B 461 22.93 -22.54 44.42
CA THR B 461 22.33 -22.19 43.14
C THR B 461 20.83 -22.34 43.11
N TRP B 462 20.27 -23.35 43.78
CA TRP B 462 18.82 -23.53 43.75
C TRP B 462 18.06 -22.42 44.47
N PRO B 463 18.45 -21.99 45.70
CA PRO B 463 17.70 -20.90 46.34
C PRO B 463 17.80 -19.58 45.60
N LEU B 464 18.54 -19.54 44.50
CA LEU B 464 18.60 -18.37 43.63
C LEU B 464 17.90 -18.59 42.30
N ILE B 465 17.87 -19.81 41.78
CA ILE B 465 17.25 -20.08 40.50
C ILE B 465 15.76 -20.39 40.62
N ALA B 466 15.35 -21.03 41.72
CA ALA B 466 13.93 -21.42 41.86
C ALA B 466 12.99 -20.23 41.89
N PRO B 467 13.20 -19.20 42.73
CA PRO B 467 12.28 -18.05 42.68
C PRO B 467 12.30 -17.31 41.36
N LEU B 468 13.44 -17.30 40.65
CA LEU B 468 13.49 -16.67 39.34
C LEU B 468 12.64 -17.40 38.31
N LEU B 469 12.32 -18.67 38.56
CA LEU B 469 11.40 -19.41 37.71
C LEU B 469 9.96 -19.27 38.19
N ALA B 470 9.75 -19.30 39.51
CA ALA B 470 8.40 -19.15 40.05
C ALA B 470 7.81 -17.78 39.72
N ALA B 471 8.64 -16.74 39.75
CA ALA B 471 8.15 -15.40 39.41
C ALA B 471 7.96 -15.26 37.90
N GLY B 472 8.82 -15.92 37.11
CA GLY B 472 8.69 -15.83 35.67
C GLY B 472 7.47 -16.53 35.12
N THR B 473 7.19 -17.74 35.61
CA THR B 473 6.08 -18.54 35.09
C THR B 473 4.81 -18.41 35.92
N VAL B 474 4.66 -17.32 36.68
CA VAL B 474 3.41 -17.09 37.42
C VAL B 474 2.37 -16.40 36.56
N ILE B 475 2.73 -15.96 35.35
CA ILE B 475 1.78 -15.30 34.48
C ILE B 475 0.76 -16.28 33.90
N LEU B 476 1.06 -17.58 33.94
CA LEU B 476 0.11 -18.57 33.42
C LEU B 476 -1.13 -18.65 34.31
N ALA B 477 -0.95 -18.57 35.62
CA ALA B 477 -2.07 -18.63 36.55
C ALA B 477 -3.01 -17.43 36.41
N VAL B 478 -2.57 -16.36 35.77
CA VAL B 478 -3.43 -15.21 35.51
C VAL B 478 -3.94 -15.19 34.07
N VAL B 479 -3.16 -15.71 33.11
CA VAL B 479 -3.59 -15.76 31.72
C VAL B 479 -4.67 -16.82 31.53
N PHE B 480 -4.50 -18.00 32.11
CA PHE B 480 -5.42 -19.11 31.93
C PHE B 480 -6.41 -19.25 33.09
N ALA B 481 -6.84 -18.13 33.67
CA ALA B 481 -7.81 -18.19 34.76
C ALA B 481 -9.15 -18.72 34.28
N ASP B 482 -9.76 -18.04 33.31
CA ASP B 482 -11.05 -18.46 32.77
C ASP B 482 -10.90 -19.39 31.57
N GLN B 483 -9.98 -19.09 30.66
CA GLN B 483 -9.85 -19.84 29.42
C GLN B 483 -9.09 -21.13 29.67
N THR B 484 -8.75 -21.84 28.59
CA THR B 484 -8.07 -23.11 28.66
C THR B 484 -7.19 -23.23 27.41
N ILE B 485 -6.24 -24.18 27.44
CA ILE B 485 -5.30 -24.29 26.34
C ILE B 485 -5.99 -24.73 25.05
N ALA B 486 -7.05 -25.52 25.16
CA ALA B 486 -7.78 -25.96 23.97
C ALA B 486 -8.51 -24.78 23.32
N THR B 487 -9.26 -24.01 24.12
CA THR B 487 -9.95 -22.85 23.57
C THR B 487 -8.97 -21.78 23.11
N VAL B 488 -7.80 -21.69 23.75
CA VAL B 488 -6.78 -20.74 23.29
C VAL B 488 -6.25 -21.16 21.93
N LEU B 489 -5.98 -22.45 21.74
CA LEU B 489 -5.52 -22.92 20.45
C LEU B 489 -6.58 -22.72 19.37
N GLU B 490 -7.85 -22.93 19.73
CA GLU B 490 -8.93 -22.72 18.77
C GLU B 490 -9.05 -21.25 18.38
N ALA B 491 -8.99 -20.34 19.33
CA ALA B 491 -9.04 -18.93 19.03
C ALA B 491 -7.89 -18.54 18.18
N THR B 492 -6.69 -19.01 18.49
CA THR B 492 -5.53 -18.64 17.68
C THR B 492 -5.67 -19.18 16.26
N ARG B 493 -6.18 -20.40 16.12
CA ARG B 493 -6.44 -20.94 14.79
C ARG B 493 -7.39 -20.05 14.01
N ILE B 494 -8.48 -19.61 14.65
CA ILE B 494 -9.44 -18.74 13.98
C ILE B 494 -8.78 -17.42 13.58
N ARG B 495 -8.08 -16.79 14.52
CA ARG B 495 -7.49 -15.48 14.26
C ARG B 495 -6.44 -15.54 13.16
N THR B 496 -5.70 -16.65 13.07
CA THR B 496 -4.68 -16.76 12.03
C THR B 496 -5.26 -17.21 10.70
N ALA B 497 -6.38 -17.92 10.71
CA ALA B 497 -6.98 -18.37 9.46
C ALA B 497 -7.84 -17.29 8.83
N ILE B 498 -8.33 -16.35 9.63
CA ILE B 498 -9.20 -15.29 9.12
C ILE B 498 -8.55 -13.91 9.13
N GLY B 499 -8.15 -13.40 10.28
CA GLY B 499 -7.71 -12.03 10.40
C GLY B 499 -6.39 -11.75 9.71
N PRO B 500 -5.90 -10.52 9.84
CA PRO B 500 -4.59 -10.19 9.26
C PRO B 500 -3.49 -11.06 9.83
N SER B 501 -2.84 -11.81 8.95
CA SER B 501 -1.77 -12.72 9.36
C SER B 501 -0.43 -12.00 9.43
N GLN B 502 -0.02 -11.35 8.33
CA GLN B 502 1.13 -10.44 8.32
C GLN B 502 2.42 -11.14 8.78
N GLU B 503 2.86 -12.09 7.96
CA GLU B 503 4.10 -12.83 8.20
C GLU B 503 5.26 -11.87 8.45
N TRP B 504 6.32 -12.37 9.11
CA TRP B 504 7.37 -11.48 9.62
C TRP B 504 8.10 -10.75 8.50
N TRP B 505 8.17 -11.33 7.31
CA TRP B 505 8.88 -10.69 6.20
C TRP B 505 8.06 -9.59 5.53
N THR B 506 6.91 -9.22 6.10
CA THR B 506 6.12 -8.09 5.64
C THR B 506 6.12 -6.95 6.65
N GLU B 507 7.27 -6.74 7.29
CA GLU B 507 7.35 -5.71 8.33
C GLU B 507 7.55 -4.32 7.75
N ASN B 508 7.93 -4.20 6.48
CA ASN B 508 8.04 -2.89 5.85
C ASN B 508 6.69 -2.19 5.72
N LEU B 509 5.58 -2.90 5.97
CA LEU B 509 4.27 -2.27 5.90
C LEU B 509 4.10 -1.25 7.02
N ARG B 510 4.65 -1.52 8.21
CA ARG B 510 4.51 -0.61 9.33
C ARG B 510 5.10 0.77 9.01
N TYR B 511 6.16 0.81 8.19
CA TYR B 511 6.75 2.07 7.78
C TYR B 511 6.22 2.57 6.46
N TYR B 512 5.65 1.70 5.63
CA TYR B 512 4.99 2.16 4.42
C TYR B 512 3.71 2.91 4.74
N TYR B 513 2.97 2.47 5.77
CA TYR B 513 1.79 3.21 6.20
C TYR B 513 2.13 4.54 6.84
N LEU B 514 3.38 4.76 7.22
CA LEU B 514 3.78 5.99 7.90
C LEU B 514 4.09 7.13 6.94
N ILE B 515 4.61 6.83 5.74
CA ILE B 515 4.97 7.87 4.79
C ILE B 515 3.81 8.32 3.93
N LEU B 516 2.68 7.63 3.97
CA LEU B 516 1.53 8.06 3.20
C LEU B 516 0.83 9.22 3.90
N PRO B 517 0.43 10.25 3.17
CA PRO B 517 -0.24 11.41 3.78
C PRO B 517 -1.74 11.17 4.02
N THR B 518 -2.03 10.39 5.06
CA THR B 518 -3.41 10.05 5.42
C THR B 518 -3.61 10.32 6.91
N THR B 519 -4.76 9.90 7.41
CA THR B 519 -5.04 10.05 8.84
C THR B 519 -4.23 9.07 9.67
N ASP B 520 -3.90 7.91 9.11
CA ASP B 520 -3.08 6.93 9.82
C ASP B 520 -1.72 7.53 10.17
N GLY B 521 -0.94 7.88 9.15
CA GLY B 521 0.29 8.62 9.38
C GLY B 521 0.10 10.11 9.14
N ALA B 522 -0.08 10.85 10.22
CA ALA B 522 -0.32 12.28 10.17
C ALA B 522 0.89 13.03 10.70
N ILE B 523 0.76 14.35 10.83
CA ILE B 523 1.84 15.18 11.36
C ILE B 523 2.24 14.71 12.74
N SER B 524 1.26 14.35 13.57
CA SER B 524 1.53 13.99 14.96
C SER B 524 1.88 12.52 15.15
N ARG B 525 1.55 11.66 14.20
CA ARG B 525 1.81 10.23 14.32
C ARG B 525 3.19 9.83 13.81
N ARG B 526 4.05 10.79 13.48
CA ARG B 526 5.40 10.50 13.04
C ARG B 526 6.46 10.85 14.06
N VAL B 527 6.15 11.76 15.00
CA VAL B 527 7.13 12.23 15.96
C VAL B 527 7.66 11.07 16.80
N ALA B 528 6.76 10.22 17.29
CA ALA B 528 7.14 9.15 18.20
C ALA B 528 8.25 8.28 17.64
N PHE B 529 8.29 8.10 16.32
CA PHE B 529 9.32 7.27 15.71
C PHE B 529 10.51 8.08 15.20
N VAL B 530 10.27 9.27 14.64
CA VAL B 530 11.38 10.01 14.06
C VAL B 530 12.27 10.60 15.14
N PHE B 531 11.68 11.08 16.24
CA PHE B 531 12.48 11.62 17.33
C PHE B 531 13.13 10.53 18.17
N THR B 532 12.82 9.27 17.88
CA THR B 532 13.57 8.16 18.46
C THR B 532 14.71 7.72 17.56
N ALA B 533 14.45 7.60 16.25
CA ALA B 533 15.52 7.20 15.32
C ALA B 533 16.59 8.27 15.21
N MET B 534 16.18 9.54 15.07
CA MET B 534 17.12 10.64 14.90
C MET B 534 17.94 10.88 16.16
N CYS B 535 17.41 10.52 17.32
CA CYS B 535 18.18 10.64 18.57
C CYS B 535 18.95 9.37 18.91
N LEU B 536 18.61 8.24 18.29
CA LEU B 536 19.30 6.99 18.59
C LEU B 536 20.49 6.73 17.68
N PHE B 537 20.35 6.97 16.37
CA PHE B 537 21.41 6.54 15.45
C PHE B 537 22.68 7.37 15.61
N PRO B 538 22.66 8.70 15.57
CA PRO B 538 23.92 9.44 15.80
C PRO B 538 24.49 9.24 17.18
N SER B 539 23.65 9.05 18.19
CA SER B 539 24.16 8.74 19.52
C SER B 539 24.89 7.40 19.53
N LEU B 540 24.39 6.43 18.76
CA LEU B 540 25.09 5.15 18.64
C LEU B 540 26.44 5.33 17.94
N PHE B 541 26.44 6.05 16.81
CA PHE B 541 27.69 6.27 16.09
C PHE B 541 28.68 7.12 16.89
N MET B 542 28.21 7.90 17.87
CA MET B 542 29.11 8.66 18.72
C MET B 542 29.59 7.87 19.92
N MET B 543 28.76 6.98 20.47
CA MET B 543 29.21 6.08 21.50
C MET B 543 30.17 5.03 20.97
N LEU B 544 30.13 4.75 19.67
CA LEU B 544 31.11 3.85 19.08
C LEU B 544 32.48 4.50 19.00
N ARG B 545 32.56 5.73 18.50
CA ARG B 545 33.83 6.45 18.41
C ARG B 545 34.42 6.68 19.79
N ARG B 546 33.72 7.46 20.62
CA ARG B 546 34.23 7.83 21.93
C ARG B 546 33.90 6.76 22.96
N LYS B 547 34.87 6.48 23.82
CA LYS B 547 34.70 5.52 24.91
C LYS B 547 34.79 6.18 26.28
N HIS B 548 35.06 7.48 26.33
CA HIS B 548 35.07 8.23 27.58
C HIS B 548 34.48 9.61 27.28
N ILE B 549 33.24 9.82 27.69
CA ILE B 549 32.56 11.10 27.51
C ILE B 549 32.49 11.89 28.81
N ALA B 550 33.17 11.43 29.85
CA ALA B 550 33.50 12.21 31.04
C ALA B 550 32.30 12.52 31.93
N GLY B 551 31.08 12.28 31.43
CA GLY B 551 29.92 12.51 32.27
C GLY B 551 28.80 11.50 32.09
N VAL B 552 29.00 10.51 31.23
CA VAL B 552 27.96 9.55 30.87
C VAL B 552 28.45 8.17 31.23
N ALA B 553 27.66 7.45 32.03
CA ALA B 553 27.98 6.06 32.35
C ALA B 553 27.79 5.19 31.12
N ARG B 554 28.67 4.25 30.85
CA ARG B 554 28.54 3.47 29.66
C ARG B 554 27.64 2.30 29.77
N GLY B 555 27.56 1.72 30.94
CA GLY B 555 26.66 0.60 31.13
C GLY B 555 25.21 0.93 30.86
N PRO B 556 24.64 1.86 31.64
CA PRO B 556 23.23 2.23 31.40
C PRO B 556 22.99 2.82 30.03
N ALA B 557 23.92 3.63 29.52
CA ALA B 557 23.73 4.23 28.21
C ALA B 557 23.76 3.20 27.10
N TRP B 558 24.47 2.09 27.28
CA TRP B 558 24.47 1.02 26.29
C TRP B 558 23.26 0.11 26.44
N ARG B 559 22.82 -0.14 27.67
CA ARG B 559 21.60 -0.92 27.87
C ARG B 559 20.40 -0.20 27.29
N LEU B 560 20.35 1.14 27.45
CA LEU B 560 19.22 1.91 26.95
C LEU B 560 19.13 1.88 25.43
N MET B 561 20.27 1.77 24.75
CA MET B 561 20.25 1.67 23.29
C MET B 561 20.02 0.25 22.81
N GLY B 562 20.55 -0.73 23.54
CA GLY B 562 20.26 -2.12 23.20
C GLY B 562 18.78 -2.44 23.33
N ILE B 563 18.12 -1.86 24.32
CA ILE B 563 16.68 -2.06 24.47
C ILE B 563 15.94 -1.55 23.24
N ILE B 564 16.28 -0.33 22.79
CA ILE B 564 15.57 0.26 21.65
C ILE B 564 15.86 -0.51 20.37
N PHE B 565 17.11 -0.93 20.17
CA PHE B 565 17.44 -1.69 18.97
C PHE B 565 16.74 -3.05 18.97
N ALA B 566 16.80 -3.78 20.08
CA ALA B 566 16.11 -5.06 20.15
C ALA B 566 14.61 -4.90 19.98
N THR B 567 14.04 -3.79 20.47
CA THR B 567 12.61 -3.58 20.30
C THR B 567 12.25 -3.30 18.85
N MET B 568 12.99 -2.40 18.21
CA MET B 568 12.73 -2.11 16.80
C MET B 568 12.97 -3.33 15.91
N PHE B 569 13.86 -4.24 16.34
CA PHE B 569 14.09 -5.44 15.55
C PHE B 569 12.98 -6.46 15.76
N PHE B 570 12.72 -6.85 17.01
CA PHE B 570 11.70 -7.83 17.32
C PHE B 570 10.29 -7.26 17.31
N LEU B 571 10.10 -6.05 16.80
CA LEU B 571 8.75 -5.62 16.45
C LEU B 571 8.22 -6.37 15.24
N MET B 572 9.10 -7.05 14.49
CA MET B 572 8.66 -8.09 13.58
C MET B 572 8.19 -9.27 14.41
N PHE B 573 7.73 -10.33 13.76
CA PHE B 573 7.15 -11.50 14.41
C PHE B 573 5.89 -11.16 15.22
N THR B 574 5.39 -9.93 15.10
CA THR B 574 4.11 -9.60 15.70
C THR B 574 2.99 -9.87 14.70
N PRO B 575 1.84 -10.35 15.18
CA PRO B 575 0.80 -10.81 14.25
C PRO B 575 0.26 -9.71 13.34
N THR B 576 0.30 -8.46 13.77
CA THR B 576 -0.25 -7.35 13.00
C THR B 576 0.77 -6.24 12.87
N LYS B 577 0.72 -5.53 11.75
CA LYS B 577 1.63 -4.42 11.47
C LYS B 577 0.81 -3.14 11.38
N TRP B 578 0.59 -2.52 12.53
CA TRP B 578 -0.09 -1.24 12.61
C TRP B 578 0.90 -0.14 12.99
N ILE B 579 0.40 1.10 13.00
CA ILE B 579 1.21 2.22 13.45
C ILE B 579 1.03 2.49 14.94
N HIS B 580 -0.08 2.04 15.54
CA HIS B 580 -0.30 2.21 16.96
C HIS B 580 0.82 1.57 17.80
N HIS B 581 1.59 0.65 17.22
CA HIS B 581 2.68 0.01 17.93
C HIS B 581 3.91 0.91 18.07
N PHE B 582 3.82 2.16 17.63
CA PHE B 582 4.88 3.13 17.85
C PHE B 582 4.74 3.87 19.18
N GLY B 583 3.67 3.61 19.92
CA GLY B 583 3.50 4.20 21.23
C GLY B 583 4.37 3.59 22.31
N LEU B 584 4.95 2.42 22.05
CA LEU B 584 5.86 1.80 23.02
C LEU B 584 7.07 2.69 23.28
N PHE B 585 7.53 3.42 22.26
CA PHE B 585 8.73 4.24 22.38
C PHE B 585 8.50 5.52 23.16
N ALA B 586 7.29 5.77 23.65
CA ALA B 586 7.04 7.01 24.39
C ALA B 586 7.93 7.13 25.60
N ALA B 587 8.20 6.02 26.28
CA ALA B 587 8.99 6.04 27.50
C ALA B 587 10.49 5.96 27.23
N VAL B 588 10.91 5.16 26.24
CA VAL B 588 12.32 4.98 25.96
C VAL B 588 12.85 5.93 24.89
N GLY B 589 12.03 6.87 24.42
CA GLY B 589 12.51 7.90 23.54
C GLY B 589 12.84 9.16 24.31
N GLY B 590 12.17 9.36 25.44
CA GLY B 590 12.54 10.47 26.31
C GLY B 590 13.97 10.37 26.80
N ALA B 591 14.35 9.18 27.29
CA ALA B 591 15.71 8.98 27.76
C ALA B 591 16.71 9.03 26.61
N MET B 592 16.33 8.50 25.44
CA MET B 592 17.23 8.54 24.30
C MET B 592 17.48 9.98 23.85
N ALA B 593 16.43 10.81 23.85
CA ALA B 593 16.60 12.21 23.47
C ALA B 593 17.39 12.97 24.53
N ALA B 594 17.18 12.64 25.82
CA ALA B 594 17.95 13.28 26.87
C ALA B 594 19.41 12.87 26.84
N LEU B 595 19.72 11.70 26.30
CA LEU B 595 21.11 11.30 26.12
C LEU B 595 21.72 11.94 24.88
N ALA B 596 20.95 12.04 23.79
CA ALA B 596 21.44 12.67 22.59
C ALA B 596 21.67 14.17 22.78
N THR B 597 20.81 14.86 23.52
CA THR B 597 21.00 16.28 23.81
C THR B 597 22.30 16.53 24.56
N VAL B 598 22.79 15.54 25.31
CA VAL B 598 24.07 15.66 25.99
C VAL B 598 25.21 15.26 25.07
N LEU B 599 24.99 14.24 24.24
CA LEU B 599 26.03 13.78 23.32
C LEU B 599 26.33 14.79 22.22
N VAL B 600 25.39 15.68 21.90
CA VAL B 600 25.59 16.66 20.84
C VAL B 600 25.76 18.07 21.40
N SER B 601 26.12 18.18 22.67
CA SER B 601 26.33 19.48 23.28
C SER B 601 27.62 20.11 22.75
N PRO B 602 27.75 21.44 22.82
CA PRO B 602 28.98 22.09 22.34
C PRO B 602 30.22 21.73 23.16
N THR B 603 30.04 20.97 24.23
CA THR B 603 31.15 20.48 25.03
C THR B 603 31.45 19.01 24.78
N VAL B 604 30.58 18.30 24.07
CA VAL B 604 30.82 16.92 23.71
C VAL B 604 31.07 16.75 22.21
N LEU B 605 30.38 17.50 21.36
CA LEU B 605 30.73 17.62 19.94
C LEU B 605 31.48 18.95 19.81
N ARG B 606 32.81 18.86 19.71
CA ARG B 606 33.64 20.05 19.77
C ARG B 606 33.82 20.74 18.44
N SER B 607 33.52 20.06 17.33
CA SER B 607 33.70 20.61 15.99
C SER B 607 32.39 21.22 15.49
N ALA B 608 32.48 22.43 14.93
CA ALA B 608 31.28 23.11 14.46
C ALA B 608 30.65 22.38 13.29
N ARG B 609 31.45 21.67 12.49
CA ARG B 609 30.92 20.96 11.33
C ARG B 609 29.94 19.87 11.75
N ASN B 610 30.29 19.10 12.80
CA ASN B 610 29.41 18.03 13.24
C ASN B 610 28.11 18.56 13.82
N ARG B 611 28.19 19.65 14.60
CA ARG B 611 26.98 20.22 15.19
C ARG B 611 26.10 20.84 14.11
N MET B 612 26.69 21.46 13.10
CA MET B 612 25.89 22.00 12.00
C MET B 612 25.25 20.88 11.19
N ALA B 613 25.97 19.78 10.99
CA ALA B 613 25.37 18.63 10.31
C ALA B 613 24.20 18.06 11.09
N PHE B 614 24.33 18.01 12.43
CA PHE B 614 23.22 17.51 13.23
C PHE B 614 22.03 18.46 13.21
N LEU B 615 22.29 19.77 13.20
CA LEU B 615 21.19 20.73 13.06
C LEU B 615 20.49 20.56 11.71
N SER B 616 21.26 20.34 10.64
CA SER B 616 20.67 20.05 9.34
C SER B 616 19.81 18.80 9.40
N LEU B 617 20.29 17.75 10.08
CA LEU B 617 19.51 16.53 10.20
C LEU B 617 18.20 16.76 10.95
N VAL B 618 18.26 17.56 12.02
CA VAL B 618 17.05 17.87 12.78
C VAL B 618 16.05 18.63 11.91
N LEU B 619 16.53 19.61 11.15
CA LEU B 619 15.64 20.37 10.28
C LEU B 619 15.04 19.49 9.20
N PHE B 620 15.82 18.54 8.68
CA PHE B 620 15.30 17.62 7.67
C PHE B 620 14.23 16.70 8.28
N VAL B 621 14.44 16.27 9.52
CA VAL B 621 13.44 15.44 10.19
C VAL B 621 12.14 16.21 10.39
N LEU B 622 12.26 17.49 10.76
CA LEU B 622 11.06 18.33 10.88
C LEU B 622 10.36 18.49 9.53
N ALA B 623 11.16 18.65 8.46
CA ALA B 623 10.58 18.77 7.13
C ALA B 623 9.83 17.50 6.74
N PHE B 624 10.36 16.35 7.13
CA PHE B 624 9.64 15.10 6.88
C PHE B 624 8.37 15.01 7.71
N CYS B 625 8.43 15.48 8.95
CA CYS B 625 7.26 15.44 9.83
C CYS B 625 6.11 16.28 9.27
N PHE B 626 6.41 17.50 8.83
CA PHE B 626 5.38 18.44 8.42
C PHE B 626 4.89 18.24 7.00
N ALA B 627 5.10 17.05 6.42
CA ALA B 627 4.71 16.77 5.04
C ALA B 627 3.47 15.88 4.96
N SER B 628 2.52 16.06 5.86
CA SER B 628 1.30 15.27 5.86
C SER B 628 0.17 16.08 6.47
N THR B 629 -1.04 15.52 6.39
CA THR B 629 -2.21 16.20 6.92
C THR B 629 -2.16 16.27 8.45
N ASN B 630 -3.09 17.02 9.01
CA ASN B 630 -3.23 17.18 10.46
C ASN B 630 -4.51 16.54 10.97
N GLY B 631 -4.87 15.39 10.40
CA GLY B 631 -6.15 14.78 10.73
C GLY B 631 -6.06 13.90 11.97
N TRP B 632 -7.10 13.97 12.79
CA TRP B 632 -7.30 13.05 13.90
C TRP B 632 -8.38 12.05 13.51
N TRP B 633 -8.70 11.13 14.42
CA TRP B 633 -9.31 9.90 13.95
C TRP B 633 -10.82 9.99 13.69
N TYR B 634 -11.64 10.16 14.72
CA TYR B 634 -13.07 10.10 14.47
C TYR B 634 -13.81 11.40 14.76
N VAL B 635 -13.73 11.87 16.01
CA VAL B 635 -14.35 13.13 16.39
C VAL B 635 -13.35 14.14 16.92
N SER B 636 -12.12 13.74 17.18
CA SER B 636 -11.07 14.72 17.41
C SER B 636 -10.72 15.47 16.14
N ASN B 637 -11.18 14.98 14.98
CA ASN B 637 -10.98 15.64 13.70
C ASN B 637 -11.98 16.76 13.46
N PHE B 638 -12.88 17.02 14.41
CA PHE B 638 -13.87 18.08 14.29
C PHE B 638 -13.21 19.40 14.60
N GLY B 639 -12.97 20.22 13.57
CA GLY B 639 -12.48 21.57 13.77
C GLY B 639 -10.97 21.73 13.72
N ALA B 640 -10.22 20.67 13.44
CA ALA B 640 -8.78 20.80 13.35
C ALA B 640 -8.40 21.77 12.23
N PRO B 641 -7.28 22.49 12.38
CA PRO B 641 -6.93 23.51 11.37
C PRO B 641 -6.75 22.95 9.97
N PHE B 642 -5.84 21.98 9.80
CA PHE B 642 -5.52 21.42 8.49
C PHE B 642 -5.92 19.95 8.40
N ASN B 643 -7.10 19.62 8.89
CA ASN B 643 -7.54 18.24 9.05
C ASN B 643 -7.65 17.46 7.74
N ASN B 644 -7.59 18.15 6.61
CA ASN B 644 -7.81 17.49 5.33
C ASN B 644 -6.69 17.71 4.30
N SER B 645 -5.79 18.66 4.54
CA SER B 645 -4.78 18.99 3.55
C SER B 645 -3.43 19.22 4.24
N VAL B 646 -2.38 19.15 3.44
CA VAL B 646 -1.03 19.44 3.95
C VAL B 646 -0.94 20.91 4.32
N PRO B 647 -0.36 21.25 5.48
CA PRO B 647 -0.30 22.66 5.88
C PRO B 647 0.47 23.51 4.87
N LYS B 648 -0.09 24.67 4.55
CA LYS B 648 0.50 25.61 3.62
C LYS B 648 0.45 27.01 4.22
N VAL B 649 1.56 27.74 4.09
CA VAL B 649 1.62 29.12 4.54
C VAL B 649 1.24 30.08 3.41
N GLY B 650 0.64 29.56 2.35
CA GLY B 650 0.29 30.33 1.17
C GLY B 650 1.14 29.93 -0.01
N GLY B 651 0.56 29.11 -0.90
CA GLY B 651 1.29 28.63 -2.06
C GLY B 651 2.32 27.58 -1.72
N VAL B 652 3.25 27.90 -0.83
CA VAL B 652 4.38 27.04 -0.49
C VAL B 652 4.06 26.30 0.80
N GLN B 653 4.39 25.02 0.85
CA GLN B 653 4.14 24.19 2.03
C GLN B 653 5.06 24.62 3.17
N ILE B 654 4.93 23.94 4.30
CA ILE B 654 5.78 24.20 5.45
C ILE B 654 6.94 23.22 5.44
N SER B 655 6.71 22.04 4.85
CA SER B 655 7.80 21.08 4.68
C SER B 655 8.85 21.62 3.71
N ALA B 656 8.43 22.39 2.70
CA ALA B 656 9.38 22.99 1.78
C ALA B 656 10.25 24.03 2.48
N ILE B 657 9.69 24.76 3.44
CA ILE B 657 10.46 25.76 4.17
C ILE B 657 11.53 25.07 5.02
N PHE B 658 11.15 24.02 5.74
CA PHE B 658 12.12 23.29 6.55
C PHE B 658 13.16 22.58 5.68
N PHE B 659 12.77 22.14 4.49
CA PHE B 659 13.75 21.53 3.59
C PHE B 659 14.73 22.58 3.05
N ALA B 660 14.24 23.77 2.72
CA ALA B 660 15.12 24.85 2.28
C ALA B 660 16.00 25.36 3.40
N LEU B 661 15.60 25.16 4.66
CA LEU B 661 16.49 25.50 5.77
C LEU B 661 17.52 24.40 6.01
N SER B 662 17.10 23.14 5.87
CA SER B 662 18.04 22.03 6.04
C SER B 662 19.10 22.04 4.94
N ALA B 663 18.73 22.41 3.71
CA ALA B 663 19.71 22.51 2.64
C ALA B 663 20.75 23.58 2.94
N ILE B 664 20.31 24.72 3.49
CA ILE B 664 21.24 25.79 3.83
C ILE B 664 22.14 25.36 4.98
N ALA B 665 21.58 24.63 5.96
CA ALA B 665 22.42 24.12 7.05
C ALA B 665 23.45 23.12 6.55
N ALA B 666 23.06 22.28 5.59
CA ALA B 666 24.01 21.32 5.02
C ALA B 666 25.07 22.02 4.19
N LEU B 667 24.71 23.10 3.49
CA LEU B 667 25.72 23.87 2.77
C LEU B 667 26.69 24.54 3.73
N TRP B 668 26.19 25.04 4.85
CA TRP B 668 27.06 25.62 5.87
C TRP B 668 28.01 24.56 6.44
N ALA B 669 27.49 23.36 6.69
CA ALA B 669 28.33 22.27 7.17
C ALA B 669 29.39 21.88 6.14
N PHE B 670 29.02 21.87 4.86
CA PHE B 670 29.99 21.54 3.82
C PHE B 670 31.06 22.62 3.70
N TRP B 671 30.68 23.88 3.86
CA TRP B 671 31.67 24.95 3.80
C TRP B 671 32.59 24.92 5.02
N LEU B 672 32.08 24.51 6.18
CA LEU B 672 32.96 24.29 7.32
C LEU B 672 33.81 23.04 7.14
N HIS B 673 33.36 22.11 6.30
CA HIS B 673 34.15 20.91 6.00
C HIS B 673 35.34 21.24 5.12
N LEU B 674 35.10 21.93 4.00
CA LEU B 674 36.17 22.23 3.06
C LEU B 674 37.28 23.04 3.71
N THR B 675 36.93 24.16 4.34
CA THR B 675 37.94 25.08 4.85
C THR B 675 38.54 24.67 6.18
N ARG B 676 38.07 23.57 6.78
CA ARG B 676 38.59 23.05 8.04
C ARG B 676 38.51 24.11 9.14
N ARG B 677 37.28 24.51 9.46
CA ARG B 677 37.01 25.47 10.51
C ARG B 677 36.20 24.78 11.60
N THR B 678 36.59 24.98 12.86
CA THR B 678 35.94 24.34 13.99
C THR B 678 35.57 25.29 15.12
N GLU B 679 36.04 26.54 15.08
CA GLU B 679 35.88 27.48 16.18
C GLU B 679 34.75 28.48 15.96
N SER B 680 33.89 28.25 14.96
CA SER B 680 32.82 29.19 14.66
C SER B 680 31.93 29.42 15.87
N ARG B 681 31.49 30.67 16.04
CA ARG B 681 30.72 31.08 17.21
C ARG B 681 29.22 31.15 16.94
N VAL B 682 28.81 31.46 15.72
CA VAL B 682 27.38 31.50 15.41
C VAL B 682 26.76 30.11 15.52
N VAL B 683 27.51 29.09 15.13
CA VAL B 683 27.02 27.72 15.27
C VAL B 683 26.99 27.32 16.74
N ASP B 684 27.74 28.01 17.60
CA ASP B 684 27.64 27.75 19.03
C ASP B 684 26.32 28.26 19.59
N ARG B 685 25.77 29.32 19.01
CA ARG B 685 24.44 29.78 19.42
C ARG B 685 23.35 28.95 18.77
N LEU B 686 23.48 28.64 17.49
CA LEU B 686 22.43 27.94 16.76
C LEU B 686 22.26 26.51 17.25
N THR B 687 23.36 25.81 17.53
CA THR B 687 23.34 24.37 17.80
C THR B 687 23.44 24.06 19.29
N ALA B 688 22.84 24.89 20.13
CA ALA B 688 22.75 24.63 21.56
C ALA B 688 21.36 24.05 21.86
N ALA B 689 21.31 22.76 22.21
CA ALA B 689 20.07 22.05 22.48
C ALA B 689 19.07 22.20 21.35
N PRO B 690 19.31 21.56 20.19
CA PRO B 690 18.38 21.71 19.07
C PRO B 690 17.23 20.70 19.10
N ILE B 691 17.36 19.67 19.91
CA ILE B 691 16.32 18.64 20.04
C ILE B 691 15.19 19.14 20.94
N PRO B 692 15.45 19.79 22.09
CA PRO B 692 14.32 20.34 22.87
C PRO B 692 13.42 21.26 22.07
N VAL B 693 13.99 22.14 21.24
CA VAL B 693 13.18 23.06 20.46
C VAL B 693 12.41 22.32 19.38
N ALA B 694 13.05 21.35 18.73
CA ALA B 694 12.37 20.57 17.70
C ALA B 694 11.23 19.75 18.26
N ALA B 695 11.31 19.36 19.54
CA ALA B 695 10.21 18.62 20.14
C ALA B 695 9.13 19.55 20.67
N GLY B 696 9.53 20.69 21.25
CA GLY B 696 8.55 21.66 21.71
C GLY B 696 7.73 22.25 20.59
N PHE B 697 8.32 22.38 19.40
CA PHE B 697 7.56 22.85 18.24
C PHE B 697 6.39 21.90 17.95
N MET B 698 6.66 20.60 17.87
CA MET B 698 5.60 19.64 17.58
C MET B 698 4.60 19.57 18.72
N VAL B 699 5.07 19.65 19.98
CA VAL B 699 4.16 19.60 21.11
C VAL B 699 3.20 20.79 21.09
N VAL B 700 3.74 21.99 20.81
CA VAL B 700 2.89 23.17 20.74
C VAL B 700 1.95 23.10 19.55
N VAL B 701 2.41 22.53 18.43
CA VAL B 701 1.54 22.36 17.28
C VAL B 701 0.35 21.47 17.63
N MET B 702 0.61 20.36 18.32
CA MET B 702 -0.47 19.45 18.71
C MET B 702 -1.42 20.13 19.69
N MET B 703 -0.88 20.80 20.70
CA MET B 703 -1.72 21.46 21.70
C MET B 703 -2.60 22.53 21.07
N ALA B 704 -2.03 23.35 20.19
CA ALA B 704 -2.80 24.40 19.53
C ALA B 704 -3.69 23.86 18.42
N SER B 705 -3.46 22.64 17.95
CA SER B 705 -4.37 22.04 16.98
C SER B 705 -5.58 21.43 17.66
N MET B 706 -5.42 20.95 18.90
CA MET B 706 -6.57 20.43 19.63
C MET B 706 -7.24 21.46 20.53
N ALA B 707 -6.62 22.62 20.73
CA ALA B 707 -7.25 23.70 21.47
C ALA B 707 -8.02 24.67 20.58
N ILE B 708 -7.83 24.59 19.27
CA ILE B 708 -8.57 25.44 18.35
C ILE B 708 -9.92 24.82 17.96
N GLY B 709 -9.99 23.49 17.92
CA GLY B 709 -11.27 22.85 17.64
C GLY B 709 -12.31 23.12 18.71
N VAL B 710 -11.90 23.08 19.97
CA VAL B 710 -12.82 23.32 21.08
C VAL B 710 -13.39 24.73 21.00
N VAL B 711 -12.65 25.68 20.46
CA VAL B 711 -13.11 27.05 20.34
C VAL B 711 -13.95 27.27 19.10
N ARG B 712 -13.54 26.68 17.97
CA ARG B 712 -14.30 26.84 16.73
C ARG B 712 -15.62 26.09 16.79
N GLN B 713 -15.68 25.01 17.53
CA GLN B 713 -16.91 24.22 17.72
C GLN B 713 -17.46 24.56 19.08
N TYR B 714 -17.94 25.77 19.30
CA TYR B 714 -18.51 26.03 20.64
C TYR B 714 -19.72 26.95 20.48
N PRO B 715 -20.97 26.44 20.63
CA PRO B 715 -21.25 25.15 21.20
C PRO B 715 -21.22 24.06 20.14
N THR B 716 -21.93 22.99 20.42
CA THR B 716 -21.90 21.72 19.65
C THR B 716 -20.79 20.89 20.20
N TYR B 717 -20.62 19.76 19.58
CA TYR B 717 -19.76 18.74 20.15
C TYR B 717 -18.30 19.00 19.83
N SER B 718 -17.45 18.93 20.85
CA SER B 718 -16.01 18.92 20.68
C SER B 718 -15.41 17.97 21.71
N ASN B 719 -14.24 17.43 21.39
CA ASN B 719 -13.64 16.39 22.22
C ASN B 719 -13.34 16.84 23.64
N GLY B 720 -13.24 18.15 23.87
CA GLY B 720 -12.91 18.65 25.19
C GLY B 720 -14.09 19.27 25.91
N TRP B 721 -15.18 19.49 25.18
CA TRP B 721 -16.41 19.97 25.79
C TRP B 721 -17.28 18.83 26.28
N ALA B 722 -17.26 17.68 25.59
CA ALA B 722 -18.00 16.52 26.06
C ALA B 722 -17.47 16.02 27.38
N ASN B 723 -16.15 16.00 27.55
CA ASN B 723 -15.57 15.55 28.81
C ASN B 723 -15.95 16.48 29.95
N ILE B 724 -15.96 17.79 29.70
CA ILE B 724 -16.38 18.75 30.73
C ILE B 724 -17.85 18.55 31.07
N ARG B 725 -18.68 18.32 30.06
CA ARG B 725 -20.11 18.08 30.32
C ARG B 725 -20.35 16.76 31.01
N ALA B 726 -19.43 15.80 30.90
CA ALA B 726 -19.62 14.49 31.55
C ALA B 726 -19.78 14.61 33.05
N PHE B 727 -19.20 15.66 33.66
CA PHE B 727 -19.40 15.87 35.09
C PHE B 727 -20.82 16.31 35.41
N ALA B 728 -21.51 16.94 34.47
CA ALA B 728 -22.87 17.40 34.66
C ALA B 728 -23.92 16.37 34.26
N GLY B 729 -23.49 15.16 33.86
CA GLY B 729 -24.42 14.14 33.45
C GLY B 729 -24.78 14.18 31.98
N GLY B 730 -23.86 14.61 31.12
CA GLY B 730 -24.11 14.72 29.70
C GLY B 730 -23.48 13.58 28.92
N CYS B 731 -24.09 13.26 27.78
CA CYS B 731 -23.60 12.19 26.93
C CYS B 731 -22.49 12.73 26.02
N GLY B 732 -22.10 11.95 25.03
CA GLY B 732 -21.15 12.43 24.05
C GLY B 732 -21.87 12.99 22.84
N LEU B 733 -21.76 12.33 21.70
CA LEU B 733 -22.54 12.73 20.53
C LEU B 733 -24.02 12.45 20.68
N ALA B 734 -24.44 11.72 21.72
CA ALA B 734 -25.85 11.42 21.88
C ALA B 734 -26.67 12.65 22.26
N ASP B 735 -26.01 13.76 22.61
CA ASP B 735 -26.69 15.01 22.95
C ASP B 735 -26.68 16.01 21.81
N ASP B 736 -25.58 16.13 21.09
CA ASP B 736 -25.43 17.11 20.03
C ASP B 736 -25.82 16.56 18.65
N VAL B 737 -26.55 15.44 18.62
CA VAL B 737 -27.01 14.85 17.36
C VAL B 737 -28.53 14.76 17.44
N LEU B 738 -29.22 15.56 16.63
CA LEU B 738 -30.67 15.56 16.58
C LEU B 738 -31.15 14.53 15.57
N VAL B 739 -32.22 13.82 15.91
CA VAL B 739 -32.78 12.80 15.05
C VAL B 739 -34.24 13.13 14.80
N GLU B 740 -34.73 12.70 13.63
CA GLU B 740 -36.11 12.95 13.21
C GLU B 740 -36.91 11.66 13.35
N PRO B 741 -37.73 11.51 14.38
CA PRO B 741 -38.46 10.25 14.60
C PRO B 741 -39.40 9.93 13.45
N ASP B 742 -40.30 10.85 13.14
CA ASP B 742 -41.21 10.73 12.02
C ASP B 742 -40.70 11.63 10.90
N SER B 743 -40.09 11.03 9.88
CA SER B 743 -39.40 11.80 8.85
C SER B 743 -40.34 12.49 7.89
N ASN B 744 -41.66 12.34 8.03
CA ASN B 744 -42.62 13.00 7.18
C ASN B 744 -43.48 14.00 7.93
N ALA B 745 -42.91 14.63 8.97
CA ALA B 745 -43.61 15.67 9.70
C ALA B 745 -43.11 17.04 9.25
N GLY B 746 -44.02 18.01 9.26
CA GLY B 746 -43.72 19.32 8.72
C GLY B 746 -44.41 19.53 7.39
N PHE B 747 -43.63 19.58 6.30
CA PHE B 747 -44.16 19.65 4.95
C PHE B 747 -45.14 20.81 4.80
N LEU B 748 -44.60 22.02 4.89
CA LEU B 748 -45.35 23.28 4.87
C LEU B 748 -46.44 23.29 3.82
N THR B 749 -47.57 23.93 4.12
CA THR B 749 -48.75 23.90 3.26
C THR B 749 -48.78 25.12 2.35
N PRO B 750 -48.90 24.95 1.05
CA PRO B 750 -49.00 26.11 0.16
C PRO B 750 -50.36 26.77 0.29
N LEU B 751 -50.36 28.10 0.19
CA LEU B 751 -51.60 28.86 0.26
C LEU B 751 -52.37 28.92 -1.07
N PRO B 752 -51.71 29.14 -2.24
CA PRO B 752 -52.50 29.43 -3.45
C PRO B 752 -53.01 28.20 -4.16
N GLY B 753 -53.67 28.39 -5.30
CA GLY B 753 -54.20 27.28 -6.08
C GLY B 753 -53.83 27.35 -7.54
N ALA B 754 -54.62 26.70 -8.40
CA ALA B 754 -54.42 26.66 -9.85
C ALA B 754 -53.07 26.04 -10.18
N TYR B 755 -52.90 24.77 -9.80
CA TYR B 755 -51.68 24.01 -10.04
C TYR B 755 -52.08 22.65 -10.60
N GLY B 756 -52.04 22.53 -11.92
CA GLY B 756 -52.53 21.35 -12.61
C GLY B 756 -51.48 20.31 -12.98
N PRO B 757 -50.41 20.72 -13.68
CA PRO B 757 -49.46 19.70 -14.18
C PRO B 757 -48.74 18.94 -13.08
N LEU B 758 -48.09 19.62 -12.15
CA LEU B 758 -47.46 18.97 -11.02
C LEU B 758 -48.21 19.42 -9.77
N GLY B 759 -47.73 19.02 -8.60
CA GLY B 759 -48.28 19.47 -7.36
C GLY B 759 -48.01 20.93 -7.12
N PRO B 760 -48.22 21.40 -5.89
CA PRO B 760 -47.97 22.81 -5.59
C PRO B 760 -46.48 23.14 -5.49
N LEU B 761 -45.61 22.19 -5.86
CA LEU B 761 -44.20 22.48 -6.02
C LEU B 761 -43.79 22.61 -7.48
N GLY B 762 -44.67 22.23 -8.40
CA GLY B 762 -44.43 22.55 -9.79
C GLY B 762 -44.69 24.00 -10.13
N GLY B 763 -45.47 24.70 -9.30
CA GLY B 763 -45.66 26.13 -9.47
C GLY B 763 -46.56 26.44 -10.65
N GLU B 764 -46.27 27.56 -11.30
CA GLU B 764 -47.10 28.03 -12.41
C GLU B 764 -46.54 27.63 -13.77
N ASP B 765 -45.22 27.49 -13.87
CA ASP B 765 -44.55 27.14 -15.12
C ASP B 765 -43.46 26.10 -14.86
N PRO B 766 -43.85 24.83 -14.70
CA PRO B 766 -42.85 23.76 -14.66
C PRO B 766 -42.51 23.30 -16.08
N GLN B 767 -41.28 23.56 -16.51
CA GLN B 767 -40.79 23.16 -17.82
C GLN B 767 -39.57 22.28 -17.64
N GLY B 768 -39.70 21.00 -17.96
CA GLY B 768 -38.61 20.06 -17.84
C GLY B 768 -38.59 19.27 -16.57
N PHE B 769 -39.53 19.51 -15.66
CA PHE B 769 -39.61 18.80 -14.38
C PHE B 769 -40.75 17.80 -14.47
N SER B 770 -40.40 16.50 -14.52
CA SER B 770 -41.38 15.45 -14.63
C SER B 770 -41.49 14.67 -13.32
N PRO B 771 -42.69 14.19 -12.96
CA PRO B 771 -42.84 13.48 -11.69
C PRO B 771 -42.12 12.15 -11.63
N ASP B 772 -41.70 11.60 -12.77
CA ASP B 772 -41.10 10.27 -12.81
C ASP B 772 -39.68 10.29 -13.35
N GLY B 773 -39.02 11.45 -13.35
CA GLY B 773 -37.65 11.49 -13.80
C GLY B 773 -36.67 11.28 -12.66
N VAL B 774 -36.26 10.02 -12.46
CA VAL B 774 -35.31 9.60 -11.44
C VAL B 774 -34.62 8.36 -11.99
N PRO B 775 -33.30 8.26 -11.91
CA PRO B 775 -32.61 7.11 -12.50
C PRO B 775 -32.88 5.80 -11.79
N ASP B 776 -32.26 4.72 -12.28
CA ASP B 776 -32.50 3.37 -11.78
C ASP B 776 -32.09 3.19 -10.33
N ARG B 777 -33.08 2.92 -9.46
CA ARG B 777 -32.89 2.49 -8.07
C ARG B 777 -31.76 3.24 -7.35
N ILE B 778 -31.92 4.55 -7.21
CA ILE B 778 -31.05 5.30 -6.31
C ILE B 778 -31.59 5.17 -4.89
N ILE B 779 -30.70 5.26 -3.92
CA ILE B 779 -31.02 4.98 -2.53
C ILE B 779 -30.63 6.16 -1.67
N ALA B 780 -30.84 6.03 -0.36
CA ALA B 780 -30.63 7.11 0.58
C ALA B 780 -29.22 7.06 1.16
N GLU B 781 -28.46 8.13 0.93
CA GLU B 781 -27.16 8.32 1.59
C GLU B 781 -26.21 7.14 1.29
N ALA B 782 -26.28 6.63 0.07
CA ALA B 782 -25.42 5.53 -0.35
C ALA B 782 -25.47 5.43 -1.86
N ILE B 783 -24.45 4.77 -2.42
CA ILE B 783 -24.35 4.56 -3.87
C ILE B 783 -24.71 3.10 -4.13
N ARG B 784 -25.82 2.88 -4.83
CA ARG B 784 -26.25 1.53 -5.16
C ARG B 784 -25.34 0.96 -6.25
N LEU B 785 -24.72 -0.19 -5.95
CA LEU B 785 -23.86 -0.88 -6.90
C LEU B 785 -24.61 -2.06 -7.52
N ASN B 786 -23.87 -2.86 -8.30
CA ASN B 786 -24.47 -4.03 -8.92
C ASN B 786 -24.29 -5.27 -8.05
N ASN B 787 -23.05 -5.59 -7.67
CA ASN B 787 -22.80 -6.70 -6.78
C ASN B 787 -23.02 -6.28 -5.32
N PRO B 788 -23.41 -7.20 -4.46
CA PRO B 788 -23.77 -6.84 -3.09
C PRO B 788 -22.55 -6.39 -2.29
N GLN B 789 -22.83 -5.90 -1.08
CA GLN B 789 -21.84 -5.41 -0.15
C GLN B 789 -22.21 -5.89 1.24
N PRO B 790 -21.26 -5.88 2.19
CA PRO B 790 -21.55 -6.43 3.52
C PRO B 790 -22.71 -5.79 4.26
N GLY B 791 -22.66 -4.48 4.47
CA GLY B 791 -23.63 -3.85 5.35
C GLY B 791 -24.63 -2.94 4.67
N THR B 792 -25.19 -3.36 3.55
CA THR B 792 -26.15 -2.55 2.83
C THR B 792 -27.46 -2.45 3.60
N ASP B 793 -28.37 -1.64 3.07
CA ASP B 793 -29.70 -1.45 3.65
C ASP B 793 -30.69 -2.36 2.95
N TYR B 794 -31.98 -2.18 3.28
CA TYR B 794 -33.03 -2.89 2.57
C TYR B 794 -33.30 -2.27 1.21
N ASP B 795 -32.94 -0.99 1.02
CA ASP B 795 -33.20 -0.31 -0.24
C ASP B 795 -32.35 -0.85 -1.38
N TRP B 796 -31.28 -1.59 -1.08
CA TRP B 796 -30.44 -2.16 -2.13
C TRP B 796 -31.18 -3.18 -2.98
N ASN B 797 -32.22 -3.81 -2.45
CA ASN B 797 -32.97 -4.86 -3.14
C ASN B 797 -34.45 -4.57 -2.99
N ARG B 798 -35.01 -3.83 -3.95
CA ARG B 798 -36.41 -3.45 -3.94
C ARG B 798 -36.86 -3.25 -5.38
N PRO B 799 -38.16 -3.35 -5.66
CA PRO B 799 -38.64 -3.08 -7.02
C PRO B 799 -38.28 -1.67 -7.46
N ILE B 800 -37.93 -1.54 -8.74
CA ILE B 800 -37.47 -0.26 -9.27
C ILE B 800 -38.57 0.79 -9.20
N LYS B 801 -39.76 0.43 -9.67
CA LYS B 801 -40.89 1.35 -9.71
C LYS B 801 -42.06 0.74 -8.95
N LEU B 802 -42.28 1.21 -7.72
CA LEU B 802 -43.44 0.79 -6.95
C LEU B 802 -44.71 1.30 -7.61
N ASP B 803 -45.78 0.51 -7.48
CA ASP B 803 -47.06 0.85 -8.07
C ASP B 803 -47.77 1.88 -7.20
N GLU B 804 -49.06 2.14 -7.50
CA GLU B 804 -49.88 3.10 -6.78
C GLU B 804 -49.21 4.47 -6.74
N PRO B 805 -49.20 5.21 -7.84
CA PRO B 805 -48.70 6.59 -7.81
C PRO B 805 -49.34 7.38 -6.68
N GLY B 806 -48.52 7.94 -5.78
CA GLY B 806 -49.05 8.44 -4.53
C GLY B 806 -49.90 9.68 -4.57
N ILE B 807 -49.29 10.85 -4.81
CA ILE B 807 -50.03 12.09 -4.79
C ILE B 807 -49.68 12.94 -6.01
N ASN B 808 -48.60 12.59 -6.68
CA ASN B 808 -48.09 13.39 -7.80
C ASN B 808 -47.95 12.56 -9.08
N GLY B 809 -48.68 11.45 -9.17
CA GLY B 809 -48.51 10.56 -10.30
C GLY B 809 -47.16 9.89 -10.39
N SER B 810 -46.35 9.96 -9.33
CA SER B 810 -44.99 9.46 -9.35
C SER B 810 -44.94 8.04 -8.78
N THR B 811 -44.08 7.22 -9.38
CA THR B 811 -43.86 5.85 -8.93
C THR B 811 -42.44 5.62 -8.45
N VAL B 812 -41.81 6.65 -7.86
CA VAL B 812 -40.41 6.59 -7.45
C VAL B 812 -40.33 6.18 -5.99
N PRO B 813 -39.45 5.24 -5.62
CA PRO B 813 -39.29 4.88 -4.21
C PRO B 813 -38.60 6.00 -3.44
N LEU B 814 -39.31 6.51 -2.40
CA LEU B 814 -38.83 7.63 -1.59
C LEU B 814 -38.02 7.11 -0.39
N PRO B 815 -37.03 7.89 0.05
CA PRO B 815 -36.20 7.45 1.17
C PRO B 815 -36.74 7.90 2.52
N TYR B 816 -36.05 7.52 3.60
CA TYR B 816 -36.32 7.98 4.96
C TYR B 816 -37.72 7.65 5.45
N GLY B 817 -38.45 6.81 4.73
CA GLY B 817 -39.81 6.48 5.14
C GLY B 817 -40.82 7.56 4.82
N LEU B 818 -40.61 8.33 3.76
CA LEU B 818 -41.58 9.31 3.32
C LEU B 818 -42.64 8.60 2.48
N ASP B 819 -43.85 8.51 2.99
CA ASP B 819 -44.92 7.79 2.29
C ASP B 819 -45.22 8.49 0.97
N PRO B 820 -45.10 7.80 -0.17
CA PRO B 820 -45.29 8.49 -1.47
C PRO B 820 -46.69 9.00 -1.68
N LYS B 821 -47.68 8.60 -0.88
CA LYS B 821 -49.02 9.13 -1.02
C LYS B 821 -49.18 10.47 -0.31
N ARG B 822 -48.09 11.06 0.16
CA ARG B 822 -48.11 12.40 0.75
C ARG B 822 -46.94 13.27 0.34
N VAL B 823 -46.03 12.78 -0.51
CA VAL B 823 -44.83 13.51 -0.87
C VAL B 823 -44.72 13.60 -2.38
N PRO B 824 -44.93 14.77 -2.98
CA PRO B 824 -44.87 14.96 -4.45
C PRO B 824 -43.48 15.21 -5.02
N VAL B 825 -42.71 14.14 -5.21
CA VAL B 825 -41.38 14.25 -5.82
C VAL B 825 -41.54 14.75 -7.25
N ALA B 826 -40.56 15.52 -7.72
CA ALA B 826 -40.55 16.05 -9.09
C ALA B 826 -39.11 16.30 -9.50
N GLY B 827 -38.56 15.42 -10.35
CA GLY B 827 -37.19 15.51 -10.79
C GLY B 827 -37.06 15.74 -12.28
N THR B 828 -35.81 15.83 -12.73
CA THR B 828 -35.48 16.05 -14.14
C THR B 828 -34.49 15.00 -14.59
N TYR B 829 -34.98 13.88 -15.11
CA TYR B 829 -34.12 12.86 -15.69
C TYR B 829 -34.79 12.31 -16.94
N SER B 830 -34.27 12.70 -18.10
CA SER B 830 -34.77 12.24 -19.38
C SER B 830 -33.66 11.53 -20.13
N THR B 831 -33.97 10.35 -20.66
CA THR B 831 -32.97 9.56 -21.37
C THR B 831 -32.76 10.05 -22.80
N GLU B 832 -33.80 10.65 -23.39
CA GLU B 832 -33.72 11.05 -24.80
C GLU B 832 -33.72 12.56 -24.98
N ALA B 833 -34.70 13.25 -24.40
CA ALA B 833 -34.91 14.67 -24.66
C ALA B 833 -34.33 15.48 -23.50
N GLN B 834 -33.10 15.93 -23.65
CA GLN B 834 -32.44 16.76 -22.64
C GLN B 834 -32.70 18.22 -22.96
N GLN B 835 -33.79 18.76 -22.43
CA GLN B 835 -34.10 20.17 -22.53
C GLN B 835 -33.78 20.84 -21.20
N GLU B 836 -33.63 22.16 -21.24
CA GLU B 836 -33.24 22.89 -20.04
C GLU B 836 -34.45 23.21 -19.18
N SER B 837 -34.29 23.05 -17.87
CA SER B 837 -35.41 23.03 -16.95
C SER B 837 -35.18 24.00 -15.80
N ARG B 838 -36.30 24.44 -15.22
CA ARG B 838 -36.29 25.29 -14.03
C ARG B 838 -37.64 25.13 -13.33
N LEU B 839 -37.65 25.44 -12.04
CA LEU B 839 -38.83 25.22 -11.22
C LEU B 839 -38.94 26.33 -10.20
N SER B 840 -40.18 26.59 -9.77
CA SER B 840 -40.46 27.58 -8.75
C SER B 840 -41.73 27.17 -8.02
N SER B 841 -41.62 26.92 -6.72
CA SER B 841 -42.73 26.40 -5.94
C SER B 841 -43.79 27.48 -5.73
N ALA B 842 -44.82 27.13 -4.96
CA ALA B 842 -46.00 27.96 -4.79
C ALA B 842 -46.00 28.71 -3.46
N TRP B 843 -44.85 29.21 -3.02
CA TRP B 843 -44.75 30.01 -1.80
C TRP B 843 -45.22 29.24 -0.57
N TYR B 844 -44.50 28.17 -0.23
CA TYR B 844 -44.79 27.42 0.98
C TYR B 844 -44.75 28.34 2.20
N GLU B 845 -45.74 28.19 3.08
CA GLU B 845 -45.85 29.06 4.24
C GLU B 845 -44.75 28.77 5.25
N LEU B 846 -44.76 29.52 6.35
CA LEU B 846 -43.72 29.40 7.37
C LEU B 846 -44.36 29.72 8.72
N PRO B 847 -43.90 29.07 9.80
CA PRO B 847 -44.57 29.22 11.10
C PRO B 847 -44.43 30.61 11.68
N ALA B 848 -44.93 30.75 12.91
CA ALA B 848 -45.17 32.05 13.52
C ALA B 848 -43.88 32.67 14.04
N ARG B 849 -44.01 33.74 14.82
CA ARG B 849 -42.88 34.60 15.18
C ARG B 849 -42.45 34.47 16.64
N ASP B 850 -43.17 33.70 17.47
CA ASP B 850 -42.93 33.64 18.90
C ASP B 850 -41.54 33.10 19.26
N GLU B 851 -40.84 32.51 18.29
CA GLU B 851 -39.45 32.07 18.42
C GLU B 851 -39.31 30.90 19.38
N THR B 852 -40.40 30.55 20.07
CA THR B 852 -40.37 29.35 20.92
C THR B 852 -40.26 28.09 20.08
N GLU B 853 -40.77 28.14 18.84
CA GLU B 853 -40.53 27.06 17.89
C GLU B 853 -39.32 27.32 17.01
N ARG B 854 -38.93 28.58 16.81
CA ARG B 854 -37.73 28.87 16.05
C ARG B 854 -36.46 28.46 16.78
N ALA B 855 -36.51 28.36 18.10
CA ALA B 855 -35.36 27.87 18.85
C ALA B 855 -35.23 26.36 18.76
N ALA B 856 -36.33 25.65 18.57
CA ALA B 856 -36.33 24.19 18.48
C ALA B 856 -36.42 23.68 17.05
N HIS B 857 -36.62 24.55 16.08
CA HIS B 857 -36.68 24.17 14.67
C HIS B 857 -35.58 24.90 13.90
N PRO B 858 -34.31 24.58 14.14
CA PRO B 858 -33.24 25.36 13.49
C PRO B 858 -32.91 24.87 12.09
N LEU B 859 -33.91 24.58 11.27
CA LEU B 859 -33.67 24.04 9.93
C LEU B 859 -34.91 24.21 9.06
N VAL B 860 -34.67 24.31 7.76
CA VAL B 860 -35.66 24.03 6.73
C VAL B 860 -34.99 23.08 5.76
N VAL B 861 -35.51 21.87 5.65
CA VAL B 861 -34.85 20.79 4.94
C VAL B 861 -35.59 20.51 3.64
N ILE B 862 -34.82 20.23 2.59
CA ILE B 862 -35.38 19.77 1.31
C ILE B 862 -34.69 18.46 0.95
N THR B 863 -35.47 17.41 0.79
CA THR B 863 -34.93 16.10 0.40
C THR B 863 -34.71 16.11 -1.11
N ALA B 864 -33.45 16.01 -1.54
CA ALA B 864 -33.13 16.16 -2.95
C ALA B 864 -32.07 15.14 -3.35
N ALA B 865 -32.04 14.84 -4.65
CA ALA B 865 -31.03 13.97 -5.24
C ALA B 865 -30.40 14.69 -6.42
N GLY B 866 -29.59 13.97 -7.17
CA GLY B 866 -28.98 14.51 -8.38
C GLY B 866 -27.54 14.94 -8.14
N THR B 867 -27.21 16.17 -8.55
CA THR B 867 -25.84 16.68 -8.45
C THR B 867 -25.85 18.09 -7.86
N ILE B 868 -26.53 18.26 -6.72
CA ILE B 868 -26.74 19.54 -6.05
C ILE B 868 -25.39 20.18 -5.71
N THR B 869 -25.38 21.52 -5.57
CA THR B 869 -24.15 22.22 -5.25
C THR B 869 -23.79 22.09 -3.79
N GLY B 870 -24.63 22.63 -2.91
CA GLY B 870 -24.38 22.58 -1.47
C GLY B 870 -23.06 23.19 -1.03
N GLU B 871 -22.76 23.04 0.26
CA GLU B 871 -21.47 23.43 0.81
C GLU B 871 -21.21 22.62 2.06
N SER B 872 -20.20 21.76 2.00
CA SER B 872 -19.88 20.85 3.09
C SER B 872 -18.63 21.32 3.83
N VAL B 873 -18.20 20.50 4.79
CA VAL B 873 -16.98 20.79 5.54
C VAL B 873 -15.81 19.96 5.03
N ALA B 874 -16.05 18.69 4.70
CA ALA B 874 -14.98 17.83 4.21
C ALA B 874 -14.60 18.15 2.77
N ASN B 875 -15.46 18.82 2.01
CA ASN B 875 -15.18 19.16 0.63
C ASN B 875 -15.22 20.65 0.35
N GLY B 876 -15.99 21.42 1.10
CA GLY B 876 -16.12 22.85 0.81
C GLY B 876 -17.26 23.12 -0.15
N LEU B 877 -17.15 24.26 -0.83
CA LEU B 877 -18.17 24.65 -1.80
C LEU B 877 -18.11 23.74 -3.02
N THR B 878 -19.09 22.84 -3.14
CA THR B 878 -19.19 21.94 -4.26
C THR B 878 -20.12 22.53 -5.31
N THR B 879 -19.81 22.31 -6.58
CA THR B 879 -20.57 22.87 -7.69
C THR B 879 -21.54 21.84 -8.25
N GLY B 880 -22.50 22.34 -9.03
CA GLY B 880 -23.57 21.52 -9.57
C GLY B 880 -24.74 22.34 -10.05
N GLN B 881 -25.95 21.99 -9.61
CA GLN B 881 -27.18 22.68 -10.01
C GLN B 881 -27.77 23.43 -8.82
N THR B 882 -28.23 24.65 -9.09
CA THR B 882 -28.86 25.48 -8.07
C THR B 882 -30.22 24.92 -7.69
N VAL B 883 -30.45 24.75 -6.38
CA VAL B 883 -31.70 24.18 -5.89
C VAL B 883 -32.23 25.00 -4.72
N ASP B 884 -31.56 26.12 -4.41
CA ASP B 884 -31.82 26.85 -3.18
C ASP B 884 -33.27 27.37 -3.13
N LEU B 885 -33.64 27.89 -1.97
CA LEU B 885 -34.98 28.40 -1.74
C LEU B 885 -34.92 29.90 -1.47
N GLU B 886 -35.92 30.62 -1.99
CA GLU B 886 -36.05 32.05 -1.79
C GLU B 886 -37.22 32.32 -0.86
N TYR B 887 -37.03 33.25 0.06
CA TYR B 887 -38.04 33.64 1.02
C TYR B 887 -38.75 34.91 0.55
N ALA B 888 -39.77 35.32 1.30
CA ALA B 888 -40.56 36.49 0.94
C ALA B 888 -41.12 37.12 2.19
N THR B 889 -41.72 38.30 2.01
CA THR B 889 -42.32 39.05 3.10
C THR B 889 -43.58 39.75 2.61
N ARG B 890 -44.43 40.13 3.55
CA ARG B 890 -45.71 40.79 3.24
C ARG B 890 -45.50 42.29 3.42
N GLY B 891 -44.80 42.90 2.47
CA GLY B 891 -44.57 44.33 2.48
C GLY B 891 -45.72 45.13 1.92
N PRO B 892 -46.05 44.91 0.63
CA PRO B 892 -47.18 45.62 0.02
C PRO B 892 -48.52 45.10 0.50
N ASP B 893 -49.60 45.60 -0.09
CA ASP B 893 -50.95 45.24 0.33
C ASP B 893 -51.22 43.79 -0.02
N GLY B 894 -51.06 42.91 0.97
CA GLY B 894 -51.32 41.49 0.80
C GLY B 894 -50.63 40.85 -0.40
N THR B 895 -49.31 41.01 -0.49
CA THR B 895 -48.57 40.49 -1.62
C THR B 895 -47.15 40.16 -1.18
N LEU B 896 -46.68 38.98 -1.58
CA LEU B 896 -45.34 38.53 -1.25
C LEU B 896 -44.36 39.02 -2.30
N VAL B 897 -43.21 39.55 -1.85
CA VAL B 897 -42.16 40.02 -2.74
C VAL B 897 -40.98 39.05 -2.65
N PRO B 898 -40.51 38.51 -3.77
CA PRO B 898 -39.35 37.60 -3.71
C PRO B 898 -38.03 38.34 -3.59
N ALA B 899 -37.40 38.26 -2.43
CA ALA B 899 -36.14 38.95 -2.18
C ALA B 899 -35.27 38.12 -1.25
N GLY B 900 -34.24 37.49 -1.80
CA GLY B 900 -33.28 36.77 -1.01
C GLY B 900 -33.14 35.32 -1.45
N ARG B 901 -31.99 34.73 -1.09
CA ARG B 901 -31.71 33.33 -1.38
C ARG B 901 -30.94 32.74 -0.20
N VAL B 902 -30.97 31.41 -0.10
CA VAL B 902 -30.31 30.69 0.99
C VAL B 902 -29.64 29.46 0.39
N THR B 903 -28.31 29.47 0.31
CA THR B 903 -27.60 28.33 -0.22
C THR B 903 -27.65 27.16 0.75
N PRO B 904 -27.90 25.94 0.28
CA PRO B 904 -28.01 24.79 1.18
C PRO B 904 -26.67 24.17 1.53
N TYR B 905 -26.68 23.39 2.60
CA TYR B 905 -25.57 22.53 2.97
C TYR B 905 -25.81 21.13 2.44
N ASP B 906 -24.75 20.47 2.00
CA ASP B 906 -24.84 19.16 1.36
C ASP B 906 -23.71 18.29 1.88
N VAL B 907 -24.05 17.21 2.57
CA VAL B 907 -23.08 16.39 3.30
C VAL B 907 -22.74 15.11 2.55
N GLY B 908 -23.73 14.26 2.30
CA GLY B 908 -23.49 12.92 1.81
C GLY B 908 -23.00 12.88 0.38
N PRO B 909 -22.74 11.67 -0.09
CA PRO B 909 -22.34 11.50 -1.48
C PRO B 909 -23.46 11.92 -2.42
N THR B 910 -23.08 12.40 -3.59
CA THR B 910 -24.09 13.08 -4.40
C THR B 910 -24.37 12.45 -5.76
N PRO B 911 -24.56 11.13 -5.84
CA PRO B 911 -25.47 10.59 -6.84
C PRO B 911 -26.84 10.23 -6.30
N SER B 912 -27.08 10.39 -4.99
CA SER B 912 -28.17 9.72 -4.30
C SER B 912 -29.02 10.71 -3.53
N TRP B 913 -30.03 10.18 -2.83
CA TRP B 913 -30.93 10.99 -2.01
C TRP B 913 -30.18 11.55 -0.82
N ARG B 914 -30.40 12.81 -0.51
CA ARG B 914 -29.80 13.47 0.64
C ARG B 914 -30.78 14.51 1.16
N ASN B 915 -30.43 15.06 2.32
CA ASN B 915 -31.12 16.22 2.86
C ASN B 915 -30.29 17.47 2.59
N LEU B 916 -30.96 18.56 2.22
CA LEU B 916 -30.31 19.84 2.02
C LEU B 916 -30.81 20.78 3.09
N ARG B 917 -29.88 21.33 3.87
CA ARG B 917 -30.16 22.07 5.08
C ARG B 917 -30.16 23.56 4.75
N TYR B 918 -31.20 24.26 5.19
CA TYR B 918 -31.26 25.71 5.09
C TYR B 918 -31.49 26.23 6.50
N PRO B 919 -30.44 26.62 7.23
CA PRO B 919 -30.65 27.09 8.60
C PRO B 919 -31.55 28.31 8.63
N ARG B 920 -32.43 28.36 9.62
CA ARG B 920 -33.38 29.46 9.75
C ARG B 920 -32.73 30.73 10.28
N SER B 921 -31.40 30.75 10.40
CA SER B 921 -30.70 31.98 10.73
C SER B 921 -30.45 32.83 9.48
N GLU B 922 -30.12 32.18 8.36
CA GLU B 922 -29.90 32.89 7.11
C GLU B 922 -31.16 33.53 6.57
N ILE B 923 -32.33 33.17 7.06
CA ILE B 923 -33.57 33.85 6.69
C ILE B 923 -33.86 34.89 7.75
N PRO B 924 -34.38 36.06 7.38
CA PRO B 924 -34.63 37.11 8.38
C PRO B 924 -35.84 36.83 9.25
N ASP B 925 -36.18 37.79 10.11
CA ASP B 925 -37.33 37.67 10.99
C ASP B 925 -38.62 38.10 10.31
N ASP B 926 -38.58 38.47 9.04
CA ASP B 926 -39.76 38.86 8.28
C ASP B 926 -40.09 37.88 7.16
N ALA B 927 -39.42 36.75 7.10
CA ALA B 927 -39.67 35.75 6.07
C ALA B 927 -40.86 34.89 6.51
N VAL B 928 -42.01 35.12 5.87
CA VAL B 928 -43.23 34.39 6.21
C VAL B 928 -43.60 33.39 5.11
N ALA B 929 -42.81 33.31 4.05
CA ALA B 929 -43.08 32.38 2.96
C ALA B 929 -41.77 31.97 2.31
N VAL B 930 -41.70 30.73 1.85
CA VAL B 930 -40.49 30.16 1.27
C VAL B 930 -40.90 29.33 0.06
N ARG B 931 -40.11 29.40 -1.01
CA ARG B 931 -40.38 28.59 -2.18
C ARG B 931 -39.07 28.21 -2.86
N VAL B 932 -39.05 27.00 -3.42
CA VAL B 932 -37.84 26.47 -4.04
C VAL B 932 -37.64 27.11 -5.42
N VAL B 933 -36.38 27.31 -5.80
CA VAL B 933 -36.05 27.67 -7.17
C VAL B 933 -34.91 26.78 -7.66
N ALA B 934 -35.26 25.72 -8.37
CA ALA B 934 -34.29 24.77 -8.89
C ALA B 934 -34.08 24.99 -10.38
N GLU B 935 -32.82 24.97 -10.80
CA GLU B 935 -32.46 25.19 -12.20
C GLU B 935 -31.38 24.19 -12.58
N ASP B 936 -31.65 23.40 -13.62
CA ASP B 936 -30.67 22.43 -14.10
C ASP B 936 -29.59 23.12 -14.94
N LEU B 937 -29.99 23.71 -16.06
CA LEU B 937 -29.09 24.48 -16.92
C LEU B 937 -27.85 23.67 -17.33
N SER B 938 -28.07 22.40 -17.68
CA SER B 938 -27.02 21.53 -18.15
C SER B 938 -27.59 20.53 -19.15
N LEU B 939 -26.92 20.41 -20.30
CA LEU B 939 -27.39 19.53 -21.37
C LEU B 939 -27.02 18.07 -21.13
N SER B 940 -25.82 17.81 -20.64
CA SER B 940 -25.33 16.45 -20.51
C SER B 940 -26.20 15.62 -19.58
N GLN B 941 -26.31 14.33 -19.89
CA GLN B 941 -27.04 13.40 -19.04
C GLN B 941 -26.07 12.69 -18.11
N GLY B 942 -26.53 12.37 -16.91
CA GLY B 942 -25.67 11.87 -15.87
C GLY B 942 -25.74 12.78 -14.66
N ASP B 943 -25.86 14.08 -14.92
CA ASP B 943 -26.15 15.07 -13.89
C ASP B 943 -27.60 15.52 -14.03
N TRP B 944 -28.28 15.62 -12.90
CA TRP B 944 -29.72 15.85 -12.89
C TRP B 944 -30.10 16.45 -11.54
N ILE B 945 -31.39 16.48 -11.24
CA ILE B 945 -31.87 17.06 -9.99
C ILE B 945 -33.17 16.37 -9.59
N ALA B 946 -33.55 16.50 -8.34
CA ALA B 946 -34.83 16.00 -7.84
C ALA B 946 -35.19 16.84 -6.62
N VAL B 947 -36.49 17.03 -6.39
CA VAL B 947 -36.95 18.00 -5.40
C VAL B 947 -38.16 17.43 -4.68
N THR B 948 -38.14 17.56 -3.35
CA THR B 948 -39.23 17.28 -2.43
C THR B 948 -39.66 18.60 -1.79
N PRO B 949 -40.97 18.82 -1.57
CA PRO B 949 -41.39 20.07 -0.97
C PRO B 949 -40.70 20.29 0.36
N PRO B 950 -40.46 21.55 0.73
CA PRO B 950 -39.70 21.83 1.95
C PRO B 950 -40.47 21.44 3.20
N ARG B 951 -39.72 21.12 4.25
CA ARG B 951 -40.29 20.74 5.53
C ARG B 951 -39.43 21.27 6.65
N VAL B 952 -40.08 21.68 7.73
CA VAL B 952 -39.37 22.07 8.95
C VAL B 952 -39.42 20.90 9.93
N PRO B 953 -38.35 20.11 10.03
CA PRO B 953 -38.42 18.86 10.78
C PRO B 953 -38.64 19.09 12.27
N GLU B 954 -39.29 18.11 12.90
CA GLU B 954 -39.51 18.12 14.35
C GLU B 954 -38.44 17.24 14.97
N LEU B 955 -37.31 17.85 15.30
CA LEU B 955 -36.12 17.12 15.70
C LEU B 955 -36.21 16.66 17.16
N GLN B 956 -35.25 15.82 17.54
CA GLN B 956 -35.18 15.21 18.87
C GLN B 956 -33.80 14.61 19.04
N SER B 957 -33.27 14.70 20.26
CA SER B 957 -31.92 14.22 20.51
C SER B 957 -31.87 12.69 20.47
N VAL B 958 -30.72 12.17 20.05
CA VAL B 958 -30.55 10.72 19.97
C VAL B 958 -30.66 10.10 21.36
N GLN B 959 -30.09 10.76 22.37
CA GLN B 959 -30.23 10.27 23.74
C GLN B 959 -31.69 10.24 24.18
N GLU B 960 -32.52 11.10 23.61
CA GLU B 960 -33.94 11.14 23.94
C GLU B 960 -34.77 10.17 23.12
N TYR B 961 -34.43 9.98 21.84
CA TYR B 961 -35.16 9.03 21.01
C TYR B 961 -34.66 7.61 21.25
N VAL B 962 -33.38 7.36 20.97
CA VAL B 962 -32.75 6.09 21.31
C VAL B 962 -32.49 6.10 22.81
N GLY B 963 -33.29 5.34 23.56
CA GLY B 963 -33.17 5.35 25.00
C GLY B 963 -31.84 4.82 25.51
N SER B 964 -31.66 4.84 26.83
CA SER B 964 -30.45 4.31 27.45
C SER B 964 -30.57 2.84 27.84
N ASP B 965 -31.57 2.13 27.30
CA ASP B 965 -31.77 0.73 27.61
C ASP B 965 -32.09 -0.13 26.40
N GLN B 966 -32.21 0.46 25.21
CA GLN B 966 -32.50 -0.33 24.03
C GLN B 966 -31.21 -0.85 23.40
N PRO B 967 -31.19 -2.11 22.96
CA PRO B 967 -29.97 -2.66 22.36
C PRO B 967 -29.65 -1.96 21.04
N VAL B 968 -28.37 -1.61 20.87
CA VAL B 968 -27.91 -0.87 19.70
C VAL B 968 -26.65 -1.55 19.19
N LEU B 969 -26.51 -1.61 17.86
CA LEU B 969 -25.31 -2.14 17.22
C LEU B 969 -24.41 -0.97 16.88
N MET B 970 -23.42 -0.72 17.72
CA MET B 970 -22.45 0.34 17.50
C MET B 970 -21.24 -0.23 16.79
N ASP B 971 -20.82 0.43 15.71
CA ASP B 971 -19.61 -0.02 15.04
C ASP B 971 -18.40 0.15 15.96
N TRP B 972 -17.27 -0.45 15.57
CA TRP B 972 -16.11 -0.45 16.44
C TRP B 972 -15.41 0.90 16.49
N ALA B 973 -15.87 1.89 15.73
CA ALA B 973 -15.35 3.24 15.83
C ALA B 973 -16.17 4.10 16.78
N VAL B 974 -17.49 3.95 16.75
CA VAL B 974 -18.37 4.74 17.60
C VAL B 974 -18.62 4.07 18.95
N GLY B 975 -17.68 4.22 19.88
CA GLY B 975 -17.89 3.68 21.21
C GLY B 975 -17.70 4.69 22.32
N LEU B 976 -16.81 5.66 22.12
CA LEU B 976 -16.56 6.68 23.11
C LEU B 976 -17.42 7.92 22.92
N ALA B 977 -17.96 8.13 21.72
CA ALA B 977 -18.89 9.23 21.50
C ALA B 977 -20.28 8.91 22.04
N PHE B 978 -20.63 7.63 22.13
CA PHE B 978 -21.92 7.18 22.63
C PHE B 978 -21.69 6.30 23.86
N PRO B 979 -21.52 6.90 25.03
CA PRO B 979 -21.24 6.10 26.23
C PRO B 979 -22.50 5.62 26.95
N CYS B 980 -23.62 6.31 26.75
CA CYS B 980 -24.83 5.98 27.49
C CYS B 980 -25.74 5.01 26.75
N GLN B 981 -25.49 4.77 25.46
CA GLN B 981 -26.26 3.76 24.75
C GLN B 981 -25.85 2.37 25.21
N GLN B 982 -26.76 1.41 25.05
CA GLN B 982 -26.48 0.06 25.49
C GLN B 982 -26.14 -0.81 24.29
N PRO B 983 -25.04 -1.56 24.34
CA PRO B 983 -24.69 -2.41 23.18
C PRO B 983 -25.57 -3.63 23.07
N MET B 984 -25.29 -4.48 22.09
CA MET B 984 -26.05 -5.70 21.85
C MET B 984 -25.37 -6.82 22.61
N LEU B 985 -25.84 -7.09 23.82
CA LEU B 985 -25.22 -8.10 24.68
C LEU B 985 -25.49 -9.50 24.16
N HIS B 986 -24.57 -10.41 24.47
CA HIS B 986 -24.68 -11.81 24.09
C HIS B 986 -24.30 -12.67 25.28
N ALA B 987 -24.97 -13.81 25.43
CA ALA B 987 -24.73 -14.71 26.55
C ALA B 987 -25.11 -16.12 26.15
N ASN B 988 -24.24 -17.08 26.46
CA ASN B 988 -24.44 -18.49 26.14
C ASN B 988 -24.49 -18.74 24.64
N GLY B 989 -23.73 -17.97 23.88
CA GLY B 989 -23.70 -18.10 22.44
C GLY B 989 -24.84 -17.45 21.70
N VAL B 990 -25.90 -17.05 22.39
CA VAL B 990 -27.07 -16.44 21.77
C VAL B 990 -26.99 -14.93 21.95
N THR B 991 -27.05 -14.19 20.85
CA THR B 991 -26.93 -12.75 20.84
C THR B 991 -28.31 -12.10 20.87
N GLU B 992 -28.38 -10.90 21.41
CA GLU B 992 -29.62 -10.14 21.39
C GLU B 992 -29.89 -9.60 20.00
N VAL B 993 -31.12 -9.13 19.78
CA VAL B 993 -31.53 -8.51 18.52
C VAL B 993 -31.49 -7.00 18.72
N PRO B 994 -30.71 -6.26 17.92
CA PRO B 994 -30.63 -4.81 18.09
C PRO B 994 -31.88 -4.13 17.56
N LYS B 995 -31.97 -2.83 17.84
CA LYS B 995 -33.01 -1.98 17.30
C LYS B 995 -32.47 -0.90 16.37
N PHE B 996 -31.35 -0.28 16.71
CA PHE B 996 -30.72 0.72 15.86
C PHE B 996 -29.28 0.30 15.60
N ARG B 997 -28.67 0.94 14.60
CA ARG B 997 -27.26 0.73 14.29
C ARG B 997 -26.59 2.08 14.12
N ILE B 998 -25.46 2.26 14.78
CA ILE B 998 -24.69 3.51 14.73
C ILE B 998 -23.36 3.21 14.06
N SER B 999 -22.96 4.06 13.14
CA SER B 999 -21.79 3.84 12.30
C SER B 999 -21.11 5.17 12.02
N PRO B 1000 -19.81 5.16 11.70
CA PRO B 1000 -19.11 6.40 11.38
C PRO B 1000 -19.48 6.97 10.02
N ASP B 1001 -18.74 7.97 9.57
CA ASP B 1001 -19.04 8.66 8.31
C ASP B 1001 -18.94 7.74 7.11
N TYR B 1002 -19.28 8.26 5.92
CA TYR B 1002 -19.46 7.41 4.76
C TYR B 1002 -18.15 6.73 4.36
N TYR B 1003 -17.10 7.50 4.15
CA TYR B 1003 -15.84 6.92 3.67
C TYR B 1003 -15.12 6.11 4.74
N ALA B 1004 -15.62 6.09 5.97
CA ALA B 1004 -15.15 5.16 7.00
C ALA B 1004 -16.06 3.96 7.13
N LYS B 1005 -17.38 4.18 7.26
CA LYS B 1005 -18.33 3.08 7.31
C LYS B 1005 -18.22 2.18 6.10
N LEU B 1006 -17.76 2.70 4.97
CA LEU B 1006 -17.73 1.92 3.75
C LEU B 1006 -16.56 0.96 3.74
N GLN B 1007 -15.37 1.43 4.10
CA GLN B 1007 -14.16 0.65 3.89
C GLN B 1007 -13.47 0.20 5.17
N SER B 1008 -13.97 0.56 6.34
CA SER B 1008 -13.39 0.09 7.60
C SER B 1008 -14.35 -0.73 8.45
N THR B 1009 -15.53 -0.20 8.75
CA THR B 1009 -16.47 -0.88 9.65
C THR B 1009 -17.50 -1.71 8.89
N ASP B 1010 -17.19 -2.10 7.66
CA ASP B 1010 -17.99 -3.07 6.93
C ASP B 1010 -17.18 -4.26 6.44
N THR B 1011 -15.90 -4.08 6.14
CA THR B 1011 -15.03 -5.21 5.84
C THR B 1011 -14.51 -5.87 7.10
N TRP B 1012 -14.38 -5.12 8.19
CA TRP B 1012 -13.91 -5.70 9.44
C TRP B 1012 -14.95 -6.60 10.07
N GLN B 1013 -16.11 -6.05 10.41
CA GLN B 1013 -17.19 -6.81 11.03
C GLN B 1013 -18.15 -7.26 9.92
N ASP B 1014 -17.64 -8.07 9.01
CA ASP B 1014 -18.43 -8.64 7.93
C ASP B 1014 -18.92 -10.03 8.33
N GLY B 1015 -20.02 -10.45 7.70
CA GLY B 1015 -20.61 -11.72 8.04
C GLY B 1015 -19.77 -12.92 7.66
N ILE B 1016 -18.94 -12.80 6.64
CA ILE B 1016 -18.17 -13.95 6.17
C ILE B 1016 -16.94 -14.20 7.03
N ASN B 1017 -16.56 -13.23 7.87
CA ASN B 1017 -15.39 -13.40 8.72
C ASN B 1017 -15.70 -13.08 10.17
N GLY B 1018 -16.83 -13.56 10.68
CA GLY B 1018 -17.12 -13.53 12.10
C GLY B 1018 -17.84 -12.30 12.60
N GLY B 1019 -17.97 -11.25 11.80
CA GLY B 1019 -18.55 -10.01 12.26
C GLY B 1019 -20.00 -10.14 12.67
N LEU B 1020 -20.52 -9.05 13.24
CA LEU B 1020 -21.91 -8.98 13.66
C LEU B 1020 -22.86 -8.64 12.53
N LEU B 1021 -22.35 -8.40 11.32
CA LEU B 1021 -23.18 -8.13 10.16
C LEU B 1021 -23.50 -9.38 9.37
N GLY B 1022 -23.45 -10.55 10.01
CA GLY B 1022 -23.90 -11.78 9.39
C GLY B 1022 -25.21 -12.21 10.02
N ILE B 1023 -25.55 -11.56 11.11
CA ILE B 1023 -26.81 -11.79 11.81
C ILE B 1023 -27.88 -10.78 11.39
N THR B 1024 -27.53 -9.50 11.40
CA THR B 1024 -28.45 -8.42 11.05
C THR B 1024 -28.67 -8.30 9.55
N ASP B 1025 -28.10 -9.20 8.75
CA ASP B 1025 -28.46 -9.33 7.35
C ASP B 1025 -29.41 -10.48 7.10
N LEU B 1026 -29.31 -11.55 7.89
CA LEU B 1026 -30.25 -12.65 7.79
C LEU B 1026 -31.55 -12.37 8.53
N LEU B 1027 -31.50 -11.57 9.59
CA LEU B 1027 -32.66 -11.41 10.47
C LEU B 1027 -33.36 -10.07 10.34
N LEU B 1028 -32.66 -9.00 10.01
CA LEU B 1028 -33.20 -7.66 10.13
C LEU B 1028 -33.08 -6.90 8.82
N ARG B 1029 -33.88 -5.83 8.70
CA ARG B 1029 -33.85 -4.93 7.55
C ARG B 1029 -33.47 -3.54 8.05
N ALA B 1030 -32.42 -2.97 7.48
CA ALA B 1030 -31.90 -1.69 7.93
C ALA B 1030 -32.46 -0.57 7.06
N SER B 1031 -33.03 0.45 7.70
CA SER B 1031 -33.50 1.65 7.02
C SER B 1031 -32.83 2.85 7.65
N VAL B 1032 -32.16 3.66 6.85
CA VAL B 1032 -31.39 4.78 7.37
C VAL B 1032 -32.34 5.89 7.83
N MET B 1033 -32.03 6.49 8.97
CA MET B 1033 -32.79 7.62 9.48
C MET B 1033 -32.14 8.93 9.06
N SER B 1034 -32.82 10.03 9.37
CA SER B 1034 -32.34 11.37 9.03
C SER B 1034 -31.88 12.05 10.29
N THR B 1035 -30.56 12.21 10.44
CA THR B 1035 -29.96 12.83 11.61
C THR B 1035 -29.18 14.07 11.19
N TYR B 1036 -28.99 14.97 12.15
CA TYR B 1036 -28.23 16.19 11.93
C TYR B 1036 -27.33 16.44 13.13
N LEU B 1037 -26.20 17.09 12.87
CA LEU B 1037 -25.29 17.48 13.94
C LEU B 1037 -25.63 18.90 14.35
N SER B 1038 -26.00 19.08 15.61
CA SER B 1038 -26.57 20.34 16.07
C SER B 1038 -25.57 21.49 15.91
N GLN B 1039 -26.03 22.56 15.26
CA GLN B 1039 -25.30 23.81 15.10
C GLN B 1039 -24.02 23.65 14.29
N ASP B 1040 -23.78 22.49 13.71
CA ASP B 1040 -22.60 22.25 12.89
C ASP B 1040 -23.01 21.53 11.61
N TRP B 1041 -24.05 22.04 10.96
CA TRP B 1041 -24.54 21.45 9.73
C TRP B 1041 -23.46 21.47 8.65
N GLY B 1042 -23.59 20.57 7.69
CA GLY B 1042 -22.53 20.36 6.72
C GLY B 1042 -21.42 19.47 7.20
N GLN B 1043 -21.54 18.89 8.39
CA GLN B 1043 -20.55 17.99 8.95
C GLN B 1043 -21.11 16.57 8.97
N ASP B 1044 -20.27 15.61 8.57
CA ASP B 1044 -20.67 14.20 8.51
C ASP B 1044 -20.28 13.54 9.83
N TRP B 1045 -21.25 13.44 10.74
CA TRP B 1045 -20.99 12.79 12.02
C TRP B 1045 -21.05 11.27 11.90
N GLY B 1046 -21.86 10.76 10.97
CA GLY B 1046 -22.00 9.33 10.79
C GLY B 1046 -23.33 8.99 10.15
N SER B 1047 -24.06 8.06 10.75
CA SER B 1047 -25.39 7.68 10.27
C SER B 1047 -26.03 6.79 11.32
N LEU B 1048 -27.36 6.89 11.43
CA LEU B 1048 -28.13 6.11 12.38
C LEU B 1048 -29.21 5.36 11.61
N ARG B 1049 -29.18 4.03 11.71
CA ARG B 1049 -30.13 3.18 11.01
C ARG B 1049 -31.10 2.55 11.99
N LYS B 1050 -32.18 2.00 11.44
CA LYS B 1050 -33.25 1.39 12.22
C LYS B 1050 -33.48 -0.01 11.70
N PHE B 1051 -33.54 -0.98 12.61
CA PHE B 1051 -33.68 -2.39 12.27
C PHE B 1051 -35.13 -2.81 12.45
N ASP B 1052 -35.77 -3.20 11.35
CA ASP B 1052 -37.12 -3.74 11.39
C ASP B 1052 -37.07 -5.23 11.07
N THR B 1053 -37.84 -6.02 11.82
CA THR B 1053 -37.81 -7.46 11.65
C THR B 1053 -38.46 -7.87 10.33
N VAL B 1054 -37.92 -8.93 9.73
CA VAL B 1054 -38.49 -9.47 8.51
C VAL B 1054 -39.82 -10.15 8.81
N VAL B 1055 -39.86 -10.95 9.87
CA VAL B 1055 -41.07 -11.62 10.32
C VAL B 1055 -41.12 -11.55 11.84
N GLU B 1056 -42.33 -11.45 12.38
CA GLU B 1056 -42.51 -11.28 13.82
C GLU B 1056 -42.12 -12.57 14.54
N ALA B 1057 -41.16 -12.48 15.45
CA ALA B 1057 -40.67 -13.64 16.19
C ALA B 1057 -40.40 -13.26 17.63
N THR B 1058 -40.27 -14.27 18.47
CA THR B 1058 -40.04 -14.12 19.90
C THR B 1058 -38.76 -14.82 20.32
N PRO B 1059 -38.08 -14.34 21.36
CA PRO B 1059 -36.85 -15.01 21.82
C PRO B 1059 -37.13 -16.40 22.36
N ALA B 1060 -36.07 -17.19 22.46
CA ALA B 1060 -36.17 -18.60 22.81
C ALA B 1060 -36.05 -18.79 24.33
N GLU B 1061 -36.09 -20.06 24.75
CA GLU B 1061 -35.90 -20.42 26.14
C GLU B 1061 -34.57 -21.10 26.41
N LEU B 1062 -34.00 -21.80 25.42
CA LEU B 1062 -32.59 -22.18 25.43
C LEU B 1062 -32.23 -23.04 26.64
N ASP B 1063 -32.76 -24.28 26.64
CA ASP B 1063 -32.52 -25.23 27.72
C ASP B 1063 -31.04 -25.30 28.08
N PHE B 1064 -30.77 -25.49 29.36
CA PHE B 1064 -29.41 -25.37 29.90
C PHE B 1064 -28.93 -26.68 30.51
N GLY B 1065 -27.62 -26.77 30.69
CA GLY B 1065 -26.99 -27.88 31.36
C GLY B 1065 -25.55 -27.54 31.64
N SER B 1066 -24.83 -28.48 32.25
CA SER B 1066 -23.43 -28.24 32.59
C SER B 1066 -22.65 -29.55 32.52
N GLN B 1067 -21.39 -29.45 32.13
CA GLN B 1067 -20.52 -30.62 32.03
C GLN B 1067 -19.08 -30.21 32.26
N THR B 1068 -18.30 -31.11 32.85
CA THR B 1068 -16.91 -30.84 33.20
C THR B 1068 -15.97 -31.53 32.21
N HIS B 1069 -15.15 -30.73 31.53
CA HIS B 1069 -14.17 -31.24 30.59
C HIS B 1069 -12.82 -31.41 31.30
N SER B 1070 -11.77 -31.66 30.52
CA SER B 1070 -10.49 -32.07 31.07
C SER B 1070 -9.33 -31.23 30.55
N GLY B 1071 -9.59 -29.99 30.18
CA GLY B 1071 -8.51 -29.07 29.84
C GLY B 1071 -7.92 -29.24 28.45
N LEU B 1072 -7.96 -30.47 27.93
CA LEU B 1072 -7.50 -30.76 26.58
C LEU B 1072 -8.64 -31.14 25.65
N TYR B 1073 -9.86 -31.23 26.16
CA TYR B 1073 -11.00 -31.60 25.34
C TYR B 1073 -11.32 -30.49 24.34
N SER B 1074 -11.70 -30.90 23.14
CA SER B 1074 -12.15 -29.99 22.10
C SER B 1074 -13.17 -30.71 21.24
N PRO B 1075 -14.43 -30.25 21.20
CA PRO B 1075 -15.48 -31.02 20.51
C PRO B 1075 -15.39 -30.93 18.99
N GLY B 1076 -14.31 -30.38 18.47
CA GLY B 1076 -14.13 -30.25 17.04
C GLY B 1076 -13.92 -28.81 16.62
N PRO B 1077 -13.40 -28.61 15.42
CA PRO B 1077 -13.14 -27.25 14.94
C PRO B 1077 -14.44 -26.54 14.59
N LEU B 1078 -14.39 -25.21 14.64
CA LEU B 1078 -15.52 -24.38 14.26
C LEU B 1078 -15.66 -24.35 12.74
N ARG B 1079 -16.80 -23.82 12.29
CA ARG B 1079 -17.06 -23.65 10.87
C ARG B 1079 -16.61 -22.25 10.47
N ILE B 1080 -15.47 -22.19 9.79
CA ILE B 1080 -14.84 -20.92 9.44
C ILE B 1080 -15.05 -20.57 7.97
N ARG B 1081 -14.59 -21.41 7.06
CA ARG B 1081 -14.68 -21.13 5.64
C ARG B 1081 -15.03 -22.43 4.92
N PRO B 1082 -15.67 -22.36 3.74
CA PRO B 1082 -15.99 -23.55 2.96
C PRO B 1082 -14.75 -24.18 2.33
N ALA C 2 48.73 -1.07 52.02
CA ALA C 2 48.33 -0.20 50.92
C ALA C 2 47.76 1.12 51.43
N ALA C 3 48.46 1.73 52.39
CA ALA C 3 48.05 3.00 52.96
C ALA C 3 48.55 4.20 52.16
N THR C 4 49.07 3.96 50.95
CA THR C 4 49.52 5.05 50.09
C THR C 4 48.32 5.77 49.50
N GLN C 5 48.19 7.06 49.82
CA GLN C 5 47.04 7.84 49.38
C GLN C 5 46.92 7.84 47.86
N GLU C 6 48.04 7.97 47.16
CA GLU C 6 48.01 8.01 45.70
C GLU C 6 47.65 6.67 45.08
N GLU C 7 47.54 5.61 45.88
CA GLU C 7 47.01 4.33 45.44
C GLU C 7 45.54 4.15 45.79
N ILE C 8 45.14 4.57 47.00
CA ILE C 8 43.74 4.51 47.39
C ILE C 8 42.90 5.39 46.46
N ILE C 9 43.39 6.59 46.14
CA ILE C 9 42.63 7.46 45.25
C ILE C 9 42.63 6.91 43.83
N ALA C 10 43.75 6.33 43.40
CA ALA C 10 43.82 5.77 42.06
C ALA C 10 42.90 4.55 41.92
N GLY C 11 42.63 3.85 43.02
CA GLY C 11 41.73 2.72 42.98
C GLY C 11 40.28 3.12 43.14
N LEU C 12 40.05 4.24 43.84
CA LEU C 12 38.69 4.75 44.00
C LEU C 12 38.19 5.43 42.73
N ALA C 13 39.09 6.11 42.01
CA ALA C 13 38.70 6.76 40.77
C ALA C 13 38.30 5.75 39.72
N GLU C 14 38.90 4.56 39.73
CA GLU C 14 38.54 3.55 38.74
C GLU C 14 37.15 2.98 39.00
N ILE C 15 36.70 2.99 40.24
CA ILE C 15 35.33 2.59 40.54
C ILE C 15 34.36 3.72 40.25
N ILE C 16 34.74 4.96 40.56
CA ILE C 16 33.87 6.10 40.32
C ILE C 16 33.64 6.30 38.83
N GLU C 17 34.67 6.05 38.00
CA GLU C 17 34.53 6.24 36.56
C GLU C 17 33.64 5.18 35.93
N GLU C 18 33.59 3.98 36.51
CA GLU C 18 32.73 2.94 35.96
C GLU C 18 31.30 3.08 36.47
N VAL C 19 31.13 3.40 37.76
CA VAL C 19 29.79 3.53 38.33
C VAL C 19 29.08 4.75 37.77
N THR C 20 29.73 5.91 37.83
CA THR C 20 29.11 7.18 37.47
C THR C 20 29.53 7.69 36.10
N GLY C 21 30.81 7.64 35.79
CA GLY C 21 31.34 8.21 34.56
C GLY C 21 32.27 9.39 34.78
N ILE C 22 32.38 9.87 36.01
CA ILE C 22 33.27 11.00 36.31
C ILE C 22 34.70 10.61 35.99
N GLU C 23 35.41 11.51 35.31
CA GLU C 23 36.78 11.25 34.91
C GLU C 23 37.66 10.99 36.12
N PRO C 24 38.75 10.23 35.97
CA PRO C 24 39.64 9.97 37.11
C PRO C 24 40.55 11.13 37.46
N SER C 25 40.58 12.19 36.66
CA SER C 25 41.38 13.37 36.96
C SER C 25 40.64 14.37 37.83
N GLU C 26 39.33 14.24 37.96
CA GLU C 26 38.53 15.14 38.78
C GLU C 26 38.49 14.72 40.26
N VAL C 27 38.82 13.48 40.56
CA VAL C 27 38.76 12.96 41.93
C VAL C 27 40.00 13.39 42.70
N THR C 28 39.91 14.51 43.40
CA THR C 28 40.97 15.02 44.24
C THR C 28 40.65 14.75 45.71
N PRO C 29 41.65 14.75 46.60
CA PRO C 29 41.40 14.42 48.00
C PRO C 29 40.73 15.53 48.78
N GLU C 30 40.20 16.54 48.07
CA GLU C 30 39.51 17.65 48.71
C GLU C 30 38.07 17.79 48.28
N LYS C 31 37.67 17.23 47.14
CA LYS C 31 36.30 17.36 46.66
C LYS C 31 35.31 16.68 47.60
N SER C 32 34.05 17.04 47.46
CA SER C 32 32.95 16.41 48.20
C SER C 32 32.13 15.55 47.25
N PHE C 33 31.55 14.48 47.80
CA PHE C 33 30.88 13.49 46.97
C PHE C 33 29.53 13.95 46.44
N VAL C 34 28.96 15.03 46.98
CA VAL C 34 27.64 15.48 46.56
C VAL C 34 27.64 16.92 46.05
N ASP C 35 28.60 17.76 46.42
CA ASP C 35 28.66 19.12 45.94
C ASP C 35 29.52 19.25 44.67
N ASP C 36 30.78 18.85 44.75
CA ASP C 36 31.68 19.00 43.61
C ASP C 36 31.47 17.89 42.60
N LEU C 37 31.43 16.64 43.05
CA LEU C 37 31.00 15.52 42.22
C LEU C 37 29.51 15.30 42.46
N ASP C 38 28.76 15.09 41.40
CA ASP C 38 27.31 14.91 41.50
C ASP C 38 27.04 13.42 41.70
N ILE C 39 27.50 12.89 42.84
CA ILE C 39 27.34 11.49 43.19
C ILE C 39 26.36 11.41 44.35
N ASP C 40 25.14 10.96 44.08
CA ASP C 40 24.13 10.81 45.09
C ASP C 40 24.43 9.60 45.98
N SER C 41 23.53 9.31 46.91
CA SER C 41 23.71 8.17 47.80
C SER C 41 23.45 6.85 47.11
N LEU C 42 22.54 6.82 46.14
CA LEU C 42 22.29 5.61 45.36
C LEU C 42 23.46 5.23 44.47
N SER C 43 24.43 6.14 44.29
CA SER C 43 25.69 5.80 43.66
C SER C 43 26.77 5.49 44.67
N MET C 44 26.72 6.08 45.86
CA MET C 44 27.64 5.68 46.92
C MET C 44 27.41 4.24 47.34
N VAL C 45 26.16 3.79 47.35
CA VAL C 45 25.90 2.39 47.67
C VAL C 45 26.40 1.47 46.57
N GLU C 46 26.32 1.92 45.31
CA GLU C 46 26.87 1.11 44.22
C GLU C 46 28.39 1.04 44.29
N ILE C 47 29.03 2.14 44.67
CA ILE C 47 30.49 2.14 44.83
C ILE C 47 30.89 1.22 45.97
N ALA C 48 30.16 1.28 47.09
CA ALA C 48 30.44 0.41 48.22
C ALA C 48 30.15 -1.05 47.91
N VAL C 49 29.25 -1.32 46.95
CA VAL C 49 29.03 -2.69 46.53
C VAL C 49 30.16 -3.17 45.62
N GLN C 50 30.59 -2.32 44.69
CA GLN C 50 31.63 -2.73 43.76
C GLN C 50 32.99 -2.86 44.43
N THR C 51 33.25 -2.07 45.47
CA THR C 51 34.53 -2.17 46.15
C THR C 51 34.66 -3.45 46.96
N GLU C 52 33.56 -4.13 47.24
CA GLU C 52 33.59 -5.41 47.94
C GLU C 52 33.62 -6.59 46.99
N ASP C 53 33.57 -6.35 45.69
CA ASP C 53 33.68 -7.39 44.68
C ASP C 53 35.08 -7.46 44.08
N LYS C 54 35.66 -6.32 43.72
CA LYS C 54 37.03 -6.30 43.23
C LYS C 54 38.01 -6.62 44.34
N TYR C 55 38.04 -5.79 45.38
CA TYR C 55 38.83 -6.03 46.57
C TYR C 55 37.93 -6.58 47.67
N GLY C 56 38.56 -7.15 48.69
CA GLY C 56 37.78 -7.59 49.84
C GLY C 56 37.75 -6.57 50.95
N VAL C 57 36.71 -5.74 50.95
CA VAL C 57 36.47 -4.73 51.98
C VAL C 57 34.97 -4.58 52.18
N LYS C 58 34.50 -4.77 53.40
CA LYS C 58 33.09 -4.62 53.73
C LYS C 58 32.91 -3.28 54.44
N ILE C 59 32.42 -2.28 53.71
CA ILE C 59 32.17 -0.96 54.28
C ILE C 59 30.82 -1.01 54.99
N PRO C 60 30.77 -0.84 56.31
CA PRO C 60 29.49 -0.94 57.02
C PRO C 60 28.52 0.15 56.59
N ASP C 61 27.23 -0.18 56.68
CA ASP C 61 26.20 0.76 56.25
C ASP C 61 26.13 1.99 57.14
N GLU C 62 26.41 1.84 58.44
CA GLU C 62 26.35 2.97 59.35
C GLU C 62 27.52 3.93 59.17
N ASP C 63 28.63 3.46 58.63
CA ASP C 63 29.81 4.31 58.43
C ASP C 63 29.95 4.80 56.99
N LEU C 64 29.24 4.19 56.05
CA LEU C 64 29.28 4.68 54.66
C LEU C 64 28.64 6.06 54.54
N ALA C 65 27.64 6.35 55.37
CA ALA C 65 27.01 7.66 55.33
C ALA C 65 27.91 8.76 55.89
N GLY C 66 28.95 8.39 56.63
CA GLY C 66 29.86 9.38 57.18
C GLY C 66 31.09 9.63 56.34
N LEU C 67 30.98 9.41 55.03
CA LEU C 67 32.08 9.60 54.09
C LEU C 67 31.68 10.73 53.14
N ARG C 68 31.99 11.96 53.53
CA ARG C 68 31.64 13.12 52.71
C ARG C 68 32.64 13.33 51.58
N THR C 69 33.90 13.52 51.92
CA THR C 69 34.95 13.86 50.97
C THR C 69 35.77 12.65 50.59
N VAL C 70 36.57 12.80 49.53
CA VAL C 70 37.50 11.76 49.14
C VAL C 70 38.59 11.60 50.20
N GLY C 71 39.02 12.71 50.79
CA GLY C 71 39.96 12.63 51.90
C GLY C 71 39.41 11.83 53.06
N ASP C 72 38.11 11.95 53.31
CA ASP C 72 37.48 11.13 54.35
C ASP C 72 37.57 9.65 53.99
N VAL C 73 37.40 9.32 52.71
CA VAL C 73 37.48 7.93 52.28
C VAL C 73 38.89 7.39 52.47
N VAL C 74 39.90 8.16 52.06
CA VAL C 74 41.27 7.68 52.19
C VAL C 74 41.67 7.57 53.65
N ALA C 75 41.17 8.49 54.50
CA ALA C 75 41.46 8.40 55.92
C ALA C 75 40.80 7.20 56.55
N TYR C 76 39.54 6.90 56.16
CA TYR C 76 38.86 5.74 56.70
C TYR C 76 39.54 4.45 56.26
N ILE C 77 40.02 4.40 55.02
CA ILE C 77 40.70 3.18 54.56
C ILE C 77 42.05 3.02 55.26
N GLN C 78 42.78 4.12 55.43
CA GLN C 78 44.04 4.05 56.19
C GLN C 78 43.80 3.59 57.62
N LYS C 79 42.71 4.06 58.24
CA LYS C 79 42.40 3.64 59.60
C LYS C 79 42.03 2.17 59.64
N LEU C 80 41.17 1.72 58.71
CA LEU C 80 40.82 0.31 58.63
C LEU C 80 42.06 -0.56 58.42
N GLU C 81 43.07 -0.03 57.72
CA GLU C 81 44.25 -0.82 57.40
C GLU C 81 45.29 -0.84 58.52
N GLU C 82 45.44 0.25 59.27
CA GLU C 82 46.51 0.30 60.25
C GLU C 82 46.23 -0.57 61.47
N GLU C 83 44.96 -0.69 61.87
CA GLU C 83 44.61 -1.46 63.05
C GLU C 83 44.24 -2.90 62.74
N ASN C 84 44.29 -3.31 61.47
CA ASN C 84 44.03 -4.69 61.07
C ASN C 84 45.16 -5.16 60.15
N PRO C 85 46.34 -5.44 60.72
CA PRO C 85 47.44 -5.94 59.88
C PRO C 85 47.21 -7.35 59.36
N GLU C 86 46.24 -8.09 59.91
CA GLU C 86 45.89 -9.42 59.41
C GLU C 86 44.94 -9.26 58.23
N ALA C 87 45.37 -8.47 57.25
CA ALA C 87 44.57 -8.18 56.06
C ALA C 87 44.82 -9.28 55.03
N ALA C 88 44.10 -10.39 55.22
CA ALA C 88 44.18 -11.50 54.27
C ALA C 88 43.56 -11.17 52.92
N ALA C 89 42.87 -10.03 52.81
CA ALA C 89 42.30 -9.56 51.55
C ALA C 89 43.35 -9.02 50.59
N ALA C 90 44.63 -9.14 50.94
CA ALA C 90 45.72 -8.68 50.10
C ALA C 90 46.10 -9.69 49.02
N LEU C 91 45.27 -10.71 48.80
CA LEU C 91 45.59 -11.75 47.84
C LEU C 91 45.30 -11.25 46.41
N ARG C 92 46.34 -11.25 45.57
CA ARG C 92 46.27 -10.97 44.14
C ARG C 92 45.36 -9.80 43.78
N GLU C 93 45.28 -8.80 44.66
CA GLU C 93 44.41 -7.65 44.42
C GLU C 93 45.01 -6.31 44.82
N LYS C 94 46.29 -6.27 45.22
CA LYS C 94 46.92 -5.02 45.61
C LYS C 94 46.98 -4.02 44.44
#